data_9NYY
#
_entry.id   9NYY
#
_cell.length_a   1.00
_cell.length_b   1.00
_cell.length_c   1.00
_cell.angle_alpha   90.00
_cell.angle_beta   90.00
_cell.angle_gamma   90.00
#
_symmetry.space_group_name_H-M   'P 1'
#
loop_
_entity.id
_entity.type
_entity.pdbx_description
1 polymer 'Protein SLFN14'
2 polymer "RNA (5'-R(P*AP*UP*GP*GP*G)-3')"
3 polymer "RNA (5'-R(P*CP*CP*CP*AP*CP*UP*C)-3')"
4 non-polymer 'ZINC ION'
5 non-polymer 'MAGNESIUM ION'
#
loop_
_entity_poly.entity_id
_entity_poly.type
_entity_poly.pdbx_seq_one_letter_code
_entity_poly.pdbx_strand_id
1 'polypeptide(L)'
;MESLKTDTEMPYPEVIVDVGRVIFGEENRKKMTNSCLKRSENSRIIRAICALLNSGGGVIKAEIDDKTYSYQCHGLGQDL
ETSFQKLLPSGSQKYLDYMQQGHNLLIFVKSWSPDVFSLPLRICSLRSNLYRRDVTSAINLSASSALELLREKGFRAQRG
RPRVKKLHPQQVLNRCIQEEEDMRILASEFFKKDKLMYKEKLNFTESTHVEFKRFTTKKVIPRIKEMLPHYVSAFANTQG
GYVLIGVDDKSKEVVGCKWEKVNPDLLKKEIENCIEKLPTFHFCCEKPKVNFTTKILNVYQKDVLDGYVCVIQVEPFCCV
VFAEAPDSWIMKDNSVTRLTAEQWVVMMLDTQSAPPSLVTDYNSCLISSASSARKSPGYPIKVHKFKEALQRHLFPVTQE
EVQFKPESLCKKLFSDHKELEGLMKTLIHPCSQGIVIFSRSWAGDVGFRKEQNVLCDALLIAVNSPVVLYTILIDPNWPG
GLEYARNTAHQLKQKLQTVGGYTGKVCIIPRLIHLSSTQSRPGEIPLRYPRSYRLADEEEMEDLLQALVVVSLSSRSLLS
DQMGCEFFNLLIMEQSQLLSESLQKTRELFIYCFPGVRKTALAIKIMEKIKDLFHCKPKEILYVCESDSLKDFVTQQTTC
QAVTRKTFMQGEFLKIKHIVMDETENFCSKYGNWYMKAKNITHPKAKGTGSENLHHGILWLFLDPFQIHHADVNGLPPPS
AQFPRKTITSGIHCALEIAKVMKEEMKRIKENPPSNMSPDTLALFSETAYEEATCAQALPGVCETKTNLTTEQIANYVAR
KCHSLFQCGYLPKDIAILCRRGEDRGRYRLALLKAMELIETHRPSEVVFSPATGVWGSHIVLDSIQQFSGLERTVVFGLS
PECDQSEEFHKLCFASRAIKHLYLLYEKRAAYTRTRPLEQKLISEEDLAANDILDYKDDDDKV
;
A,B
2 'polyribonucleotide' AUGGG C
3 'polyribonucleotide' CCCACUC D
#
loop_
_chem_comp.id
_chem_comp.type
_chem_comp.name
_chem_comp.formula
A RNA linking ADENOSINE-5'-MONOPHOSPHATE 'C10 H14 N5 O7 P'
C RNA linking CYTIDINE-5'-MONOPHOSPHATE 'C9 H14 N3 O8 P'
G RNA linking GUANOSINE-5'-MONOPHOSPHATE 'C10 H14 N5 O8 P'
MG non-polymer 'MAGNESIUM ION' 'Mg 2'
U RNA linking URIDINE-5'-MONOPHOSPHATE 'C9 H13 N2 O9 P'
ZN non-polymer 'ZINC ION' 'Zn 2'
#
# COMPACT_ATOMS: atom_id res chain seq x y z
N SER A 3 28.39 -18.95 20.12
CA SER A 3 28.17 -17.60 19.61
C SER A 3 28.14 -16.58 20.74
N LEU A 4 27.36 -16.86 21.78
CA LEU A 4 27.30 -16.00 22.93
C LEU A 4 28.60 -16.10 23.74
N LYS A 5 28.84 -15.09 24.56
CA LYS A 5 30.03 -15.06 25.41
C LYS A 5 29.80 -15.97 26.61
N THR A 6 30.73 -15.93 27.58
CA THR A 6 30.58 -16.76 28.78
C THR A 6 29.65 -16.09 29.79
N ASP A 7 30.06 -14.93 30.32
CA ASP A 7 29.25 -14.10 31.20
C ASP A 7 28.59 -14.92 32.30
N THR A 8 29.42 -15.51 33.16
CA THR A 8 28.90 -16.37 34.22
C THR A 8 28.15 -15.56 35.28
N GLU A 9 28.45 -14.27 35.43
CA GLU A 9 27.79 -13.47 36.44
C GLU A 9 26.30 -13.31 36.16
N MET A 10 25.95 -12.92 34.93
CA MET A 10 24.56 -12.84 34.48
C MET A 10 24.48 -13.52 33.12
N PRO A 11 24.14 -14.81 33.08
CA PRO A 11 24.07 -15.55 31.81
C PRO A 11 22.76 -15.30 31.06
N TYR A 12 22.53 -14.05 30.68
CA TYR A 12 21.31 -13.70 29.97
C TYR A 12 21.36 -14.26 28.55
N PRO A 13 20.22 -14.75 28.02
CA PRO A 13 20.16 -15.25 26.65
C PRO A 13 20.02 -14.15 25.60
N GLU A 14 20.92 -13.17 25.67
CA GLU A 14 20.86 -12.00 24.81
C GLU A 14 22.27 -11.49 24.57
N VAL A 15 22.37 -10.52 23.65
CA VAL A 15 23.62 -9.81 23.43
C VAL A 15 23.76 -8.75 24.52
N ILE A 16 24.86 -8.82 25.27
CA ILE A 16 25.08 -7.96 26.43
C ILE A 16 26.24 -7.03 26.13
N VAL A 17 26.02 -5.73 26.31
CA VAL A 17 27.02 -4.70 26.03
C VAL A 17 27.39 -4.06 27.37
N ASP A 18 28.64 -4.25 27.78
CA ASP A 18 29.15 -3.64 29.01
C ASP A 18 29.75 -2.29 28.67
N VAL A 19 29.31 -1.25 29.38
CA VAL A 19 29.76 0.11 29.08
C VAL A 19 30.84 0.60 30.04
N GLY A 20 30.97 0.03 31.24
CA GLY A 20 31.97 0.41 32.19
C GLY A 20 31.35 0.97 33.46
N ARG A 21 31.93 2.07 33.95
CA ARG A 21 31.45 2.74 35.16
C ARG A 21 30.70 4.01 34.77
N VAL A 22 29.48 4.16 35.27
CA VAL A 22 28.62 5.29 34.95
C VAL A 22 28.04 5.85 36.23
N ILE A 23 28.08 7.17 36.38
CA ILE A 23 27.46 7.83 37.52
C ILE A 23 25.96 7.95 37.26
N PHE A 24 25.17 7.66 38.28
CA PHE A 24 23.72 7.68 38.16
C PHE A 24 23.11 8.50 39.29
N GLY A 25 21.86 8.92 39.08
CA GLY A 25 21.17 9.76 40.02
C GLY A 25 20.97 11.16 39.49
N GLU A 26 19.76 11.71 39.64
CA GLU A 26 19.48 13.04 39.12
C GLU A 26 20.38 14.08 39.81
N GLU A 27 20.40 14.06 41.14
CA GLU A 27 21.24 15.00 41.88
C GLU A 27 22.72 14.75 41.62
N ASN A 28 23.10 13.48 41.50
CA ASN A 28 24.49 13.15 41.20
C ASN A 28 24.88 13.62 39.80
N ARG A 29 23.99 13.45 38.82
CA ARG A 29 24.30 13.84 37.46
C ARG A 29 24.36 15.35 37.31
N LYS A 30 23.50 16.07 38.02
CA LYS A 30 23.54 17.53 37.94
C LYS A 30 24.83 18.12 38.51
N LYS A 31 25.62 17.34 39.24
CA LYS A 31 26.84 17.82 39.88
C LYS A 31 28.04 17.05 39.35
N MET A 32 28.79 17.68 38.42
CA MET A 32 30.14 17.23 38.10
C MET A 32 30.99 18.42 37.70
N THR A 33 32.30 18.23 37.82
CA THR A 33 33.28 18.92 37.01
C THR A 33 33.71 17.95 35.91
N ASN A 34 34.45 18.47 34.92
CA ASN A 34 34.89 17.67 33.79
C ASN A 34 33.71 17.07 33.04
N SER A 35 32.94 17.97 32.42
CA SER A 35 31.74 17.58 31.69
C SER A 35 32.05 16.72 30.47
N CYS A 36 33.32 16.64 30.05
CA CYS A 36 33.69 15.70 28.99
C CYS A 36 33.36 14.27 29.39
N LEU A 37 33.65 13.91 30.64
CA LEU A 37 33.30 12.57 31.13
C LEU A 37 31.80 12.36 31.11
N LYS A 38 31.03 13.37 31.51
CA LYS A 38 29.57 13.26 31.48
C LYS A 38 29.06 13.03 30.07
N ARG A 39 29.58 13.79 29.11
CA ARG A 39 29.15 13.63 27.72
C ARG A 39 29.55 12.26 27.18
N SER A 40 30.75 11.80 27.52
CA SER A 40 31.19 10.47 27.07
C SER A 40 30.32 9.38 27.66
N GLU A 41 29.94 9.51 28.94
CA GLU A 41 29.12 8.48 29.57
C GLU A 41 27.71 8.47 29.01
N ASN A 42 27.18 9.64 28.64
CA ASN A 42 25.89 9.67 27.96
C ASN A 42 25.99 9.04 26.57
N SER A 43 27.04 9.40 25.83
CA SER A 43 27.17 8.94 24.46
C SER A 43 27.35 7.43 24.40
N ARG A 44 28.16 6.86 25.30
CA ARG A 44 28.40 5.42 25.25
C ARG A 44 27.09 4.64 25.38
N ILE A 45 26.27 5.01 26.36
CA ILE A 45 25.00 4.33 26.56
C ILE A 45 24.08 4.56 25.37
N ILE A 46 24.12 5.76 24.78
CA ILE A 46 23.20 6.03 23.67
C ILE A 46 23.57 5.21 22.44
N ARG A 47 24.87 5.12 22.11
CA ARG A 47 25.28 4.26 21.00
C ARG A 47 24.99 2.80 21.30
N ALA A 48 25.14 2.37 22.56
CA ALA A 48 24.78 1.00 22.90
C ALA A 48 23.29 0.74 22.64
N ILE A 49 22.43 1.70 23.02
CA ILE A 49 21.01 1.55 22.78
C ILE A 49 20.71 1.51 21.29
N CYS A 50 21.38 2.37 20.52
CA CYS A 50 21.16 2.40 19.07
C CYS A 50 21.56 1.08 18.43
N ALA A 51 22.73 0.55 18.81
CA ALA A 51 23.19 -0.73 18.28
C ALA A 51 22.23 -1.85 18.64
N LEU A 52 21.75 -1.87 19.90
CA LEU A 52 20.85 -2.93 20.31
C LEU A 52 19.50 -2.82 19.62
N LEU A 53 19.01 -1.60 19.40
CA LEU A 53 17.78 -1.43 18.64
C LEU A 53 17.95 -1.93 17.21
N ASN A 54 19.11 -1.66 16.60
CA ASN A 54 19.35 -2.04 15.23
C ASN A 54 19.82 -3.49 15.07
N SER A 55 20.05 -4.21 16.17
CA SER A 55 20.63 -5.56 16.09
C SER A 55 19.79 -6.62 16.80
N GLY A 56 18.53 -6.32 17.11
CA GLY A 56 17.63 -7.33 17.65
C GLY A 56 17.40 -7.30 19.15
N GLY A 57 17.91 -6.31 19.85
CA GLY A 57 17.68 -6.15 21.27
C GLY A 57 18.83 -6.70 22.10
N GLY A 58 18.76 -6.43 23.40
CA GLY A 58 19.79 -6.92 24.29
C GLY A 58 19.72 -6.23 25.65
N VAL A 59 20.83 -6.33 26.38
CA VAL A 59 20.96 -5.75 27.71
C VAL A 59 22.25 -4.94 27.75
N ILE A 60 22.19 -3.79 28.43
CA ILE A 60 23.34 -2.93 28.67
C ILE A 60 23.71 -3.04 30.15
N LYS A 61 25.00 -3.27 30.41
CA LYS A 61 25.54 -3.46 31.74
C LYS A 61 26.37 -2.25 32.14
N ALA A 62 26.00 -1.60 33.23
CA ALA A 62 26.78 -0.49 33.76
C ALA A 62 27.09 -0.74 35.22
N GLU A 63 28.22 -0.20 35.68
CA GLU A 63 28.63 -0.29 37.08
C GLU A 63 28.37 1.04 37.77
N ILE A 64 27.81 0.98 38.97
CA ILE A 64 27.39 2.17 39.69
C ILE A 64 28.53 2.64 40.58
N ASP A 65 28.88 3.93 40.48
CA ASP A 65 29.96 4.47 41.31
C ASP A 65 29.53 4.63 42.76
N ASP A 66 28.33 5.15 42.99
CA ASP A 66 27.85 5.39 44.35
C ASP A 66 27.47 4.07 45.00
N LYS A 67 28.08 3.78 46.14
CA LYS A 67 27.80 2.52 46.84
C LYS A 67 26.45 2.54 47.55
N THR A 68 25.97 3.72 47.94
CA THR A 68 24.68 3.85 48.60
C THR A 68 23.56 4.19 47.62
N TYR A 69 23.83 4.10 46.32
CA TYR A 69 22.85 4.46 45.30
C TYR A 69 21.65 3.54 45.34
N SER A 70 20.49 4.10 44.99
CA SER A 70 19.26 3.36 44.89
C SER A 70 18.42 3.97 43.78
N TYR A 71 17.97 3.12 42.85
CA TYR A 71 17.22 3.63 41.69
C TYR A 71 15.92 4.29 42.12
N GLN A 72 15.21 3.69 43.06
CA GLN A 72 13.90 4.21 43.48
C GLN A 72 14.01 5.53 44.24
N CYS A 73 15.21 5.91 44.67
CA CYS A 73 15.40 7.16 45.41
C CYS A 73 16.21 8.20 44.66
N HIS A 74 16.98 7.80 43.66
CA HIS A 74 17.88 8.71 42.96
C HIS A 74 17.53 8.92 41.49
N GLY A 75 16.57 8.17 40.95
CA GLY A 75 16.26 8.34 39.54
C GLY A 75 17.37 7.81 38.65
N LEU A 76 17.52 8.46 37.50
CA LEU A 76 18.49 8.01 36.50
C LEU A 76 19.44 9.11 36.05
N GLY A 77 18.98 10.33 35.95
CA GLY A 77 19.77 11.42 35.42
C GLY A 77 18.85 12.42 34.75
N GLN A 78 19.45 13.35 34.03
CA GLN A 78 18.59 14.25 33.27
C GLN A 78 18.98 14.36 31.80
N ASP A 79 20.28 14.34 31.49
CA ASP A 79 20.70 14.37 30.10
C ASP A 79 20.44 13.03 29.41
N LEU A 80 20.46 11.93 30.17
CA LEU A 80 20.15 10.63 29.57
C LEU A 80 18.71 10.57 29.09
N GLU A 81 17.77 11.10 29.87
CA GLU A 81 16.38 11.13 29.40
C GLU A 81 16.21 12.01 28.18
N THR A 82 16.92 13.14 28.13
CA THR A 82 16.87 13.98 26.95
C THR A 82 17.40 13.25 25.72
N SER A 83 18.50 12.51 25.89
CA SER A 83 19.02 11.72 24.78
C SER A 83 18.05 10.63 24.36
N PHE A 84 17.39 10.00 25.32
CA PHE A 84 16.39 8.98 25.01
C PHE A 84 15.23 9.58 24.22
N GLN A 85 14.79 10.78 24.61
CA GLN A 85 13.73 11.47 23.87
C GLN A 85 14.18 11.79 22.45
N LYS A 86 15.42 12.23 22.28
CA LYS A 86 15.92 12.55 20.96
C LYS A 86 16.23 11.31 20.12
N LEU A 87 16.27 10.13 20.72
CA LEU A 87 16.48 8.90 19.96
C LEU A 87 15.17 8.19 19.61
N LEU A 88 14.17 8.27 20.48
CA LEU A 88 12.90 7.59 20.28
C LEU A 88 11.78 8.61 20.40
N PRO A 89 11.56 9.41 19.36
CA PRO A 89 10.54 10.48 19.46
C PRO A 89 9.14 9.98 19.74
N SER A 90 8.76 8.83 19.20
CA SER A 90 7.41 8.28 19.42
C SER A 90 7.37 7.36 20.62
N GLY A 91 7.86 7.83 21.76
CA GLY A 91 7.84 7.05 22.98
C GLY A 91 9.07 6.20 23.17
N SER A 92 9.84 6.48 24.23
CA SER A 92 11.01 5.68 24.58
C SER A 92 10.69 4.57 25.57
N GLN A 93 9.45 4.50 26.06
CA GLN A 93 9.10 3.48 27.04
C GLN A 93 8.94 2.10 26.41
N LYS A 94 8.45 2.05 25.16
CA LYS A 94 8.21 0.79 24.49
C LYS A 94 9.49 0.04 24.14
N TYR A 95 10.66 0.67 24.27
CA TYR A 95 11.91 0.04 23.88
C TYR A 95 12.97 0.02 24.96
N LEU A 96 12.77 0.70 26.08
CA LEU A 96 13.79 0.80 27.13
C LEU A 96 13.20 0.44 28.47
N ASP A 97 13.96 -0.31 29.27
CA ASP A 97 13.62 -0.59 30.65
C ASP A 97 14.88 -0.56 31.49
N TYR A 98 14.74 -0.27 32.78
CA TYR A 98 15.87 -0.10 33.68
C TYR A 98 15.69 -0.96 34.92
N MET A 99 16.78 -1.54 35.39
CA MET A 99 16.74 -2.40 36.57
C MET A 99 18.08 -2.32 37.28
N GLN A 100 18.08 -2.65 38.58
CA GLN A 100 19.26 -2.52 39.41
C GLN A 100 19.51 -3.83 40.15
N GLN A 101 20.54 -4.56 39.73
CA GLN A 101 21.00 -5.76 40.42
C GLN A 101 22.21 -5.40 41.27
N GLY A 102 21.95 -5.02 42.51
CA GLY A 102 23.03 -4.70 43.43
C GLY A 102 23.85 -3.51 42.97
N HIS A 103 25.07 -3.79 42.51
CA HIS A 103 25.97 -2.76 42.02
C HIS A 103 25.93 -2.62 40.50
N ASN A 104 24.94 -3.21 39.86
CA ASN A 104 24.85 -3.22 38.39
C ASN A 104 23.56 -2.54 37.95
N LEU A 105 23.67 -1.64 36.98
CA LEU A 105 22.52 -1.00 36.34
C LEU A 105 22.35 -1.64 34.97
N LEU A 106 21.23 -2.33 34.77
CA LEU A 106 20.93 -3.01 33.52
C LEU A 106 19.86 -2.25 32.77
N ILE A 107 20.12 -1.99 31.50
CA ILE A 107 19.14 -1.35 30.61
C ILE A 107 18.73 -2.38 29.56
N PHE A 108 17.48 -2.81 29.62
CA PHE A 108 16.94 -3.75 28.65
C PHE A 108 16.43 -3.00 27.44
N VAL A 109 16.90 -3.38 26.24
CA VAL A 109 16.57 -2.70 25.00
C VAL A 109 15.84 -3.69 24.09
N LYS A 110 14.63 -3.31 23.67
CA LYS A 110 13.85 -4.07 22.72
C LYS A 110 14.32 -3.81 21.30
N SER A 111 13.99 -4.74 20.40
CA SER A 111 14.36 -4.60 19.00
C SER A 111 13.44 -3.60 18.31
N TRP A 112 14.02 -2.74 17.49
CA TRP A 112 13.26 -1.72 16.78
C TRP A 112 12.57 -2.35 15.58
N SER A 113 11.24 -2.34 15.60
CA SER A 113 10.43 -2.85 14.50
C SER A 113 9.14 -2.03 14.42
N PRO A 114 8.96 -1.23 13.36
CA PRO A 114 7.73 -0.45 13.25
C PRO A 114 6.51 -1.34 13.14
N ASP A 115 5.41 -0.89 13.74
CA ASP A 115 4.16 -1.63 13.70
C ASP A 115 3.40 -1.28 12.43
N VAL A 116 2.14 -1.73 12.34
CA VAL A 116 1.33 -1.47 11.15
C VAL A 116 0.82 -0.04 11.08
N PHE A 117 0.98 0.74 12.16
CA PHE A 117 0.57 2.14 12.19
C PHE A 117 1.79 3.00 12.53
N SER A 118 2.59 3.30 11.52
CA SER A 118 3.80 4.10 11.64
C SER A 118 4.40 4.27 10.26
N LEU A 119 5.34 5.21 10.15
CA LEU A 119 6.12 5.34 8.94
C LEU A 119 7.04 4.12 8.79
N PRO A 120 7.30 3.69 7.55
CA PRO A 120 8.26 2.59 7.35
C PRO A 120 9.70 3.03 7.59
N LEU A 121 10.06 3.21 8.86
CA LEU A 121 11.39 3.63 9.27
C LEU A 121 12.11 2.39 9.76
N ARG A 122 12.99 1.84 8.92
CA ARG A 122 13.53 0.51 9.16
C ARG A 122 14.52 0.49 10.33
N ILE A 123 15.43 1.45 10.37
CA ILE A 123 16.48 1.46 11.39
C ILE A 123 16.46 2.79 12.13
N CYS A 124 16.99 2.77 13.35
CA CYS A 124 17.03 3.94 14.21
C CYS A 124 18.35 4.68 14.05
N SER A 125 18.29 6.01 14.12
CA SER A 125 19.47 6.85 14.02
C SER A 125 19.39 7.97 15.05
N LEU A 126 20.55 8.44 15.47
CA LEU A 126 20.63 9.68 16.24
C LEU A 126 20.46 10.89 15.33
N ARG A 127 21.35 11.03 14.35
CA ARG A 127 21.32 12.12 13.39
C ARG A 127 21.51 11.55 11.99
N SER A 128 20.72 12.08 11.05
CA SER A 128 20.86 11.64 9.65
C SER A 128 22.18 12.10 9.07
N ASN A 129 22.70 13.24 9.52
CA ASN A 129 23.98 13.82 9.11
C ASN A 129 23.99 14.30 7.66
N LEU A 130 22.85 14.29 6.98
CA LEU A 130 22.70 14.91 5.67
C LEU A 130 21.84 16.15 5.84
N TYR A 131 22.38 17.30 5.44
CA TYR A 131 21.83 18.60 5.81
C TYR A 131 20.96 19.17 4.71
N ARG A 132 19.94 19.92 5.12
CA ARG A 132 19.02 20.60 4.23
C ARG A 132 19.00 22.08 4.62
N ARG A 133 18.44 22.91 3.74
CA ARG A 133 18.36 24.35 3.97
C ARG A 133 16.90 24.78 4.00
N ASP A 134 16.51 25.47 5.06
CA ASP A 134 15.11 25.88 5.23
C ASP A 134 14.88 27.28 4.66
N VAL A 135 15.50 28.29 5.28
CA VAL A 135 15.52 29.64 4.70
C VAL A 135 16.94 30.16 4.70
N THR A 136 17.56 30.22 5.88
CA THR A 136 18.96 30.64 6.00
C THR A 136 19.73 29.83 7.02
N SER A 137 19.13 28.81 7.63
CA SER A 137 19.80 27.95 8.58
C SER A 137 19.92 26.55 8.02
N ALA A 138 21.06 25.91 8.25
CA ALA A 138 21.29 24.54 7.80
C ALA A 138 20.75 23.60 8.87
N ILE A 139 19.70 22.87 8.52
CA ILE A 139 19.04 21.95 9.44
C ILE A 139 19.52 20.54 9.16
N ASN A 140 20.00 19.87 10.21
CA ASN A 140 20.34 18.46 10.12
C ASN A 140 19.06 17.65 10.11
N LEU A 141 18.79 16.96 9.00
CA LEU A 141 17.52 16.27 8.83
C LEU A 141 17.37 15.14 9.84
N SER A 142 16.12 14.82 10.15
CA SER A 142 15.81 13.70 11.03
C SER A 142 15.77 12.41 10.20
N ALA A 143 15.47 11.30 10.88
CA ALA A 143 15.36 10.03 10.18
C ALA A 143 14.22 10.05 9.17
N SER A 144 13.05 10.55 9.58
CA SER A 144 11.90 10.58 8.70
C SER A 144 12.11 11.53 7.53
N SER A 145 12.63 12.73 7.80
CA SER A 145 12.86 13.70 6.73
C SER A 145 13.91 13.19 5.74
N ALA A 146 14.98 12.58 6.26
CA ALA A 146 15.99 12.00 5.37
C ALA A 146 15.40 10.86 4.55
N LEU A 147 14.53 10.06 5.14
CA LEU A 147 13.88 8.98 4.39
C LEU A 147 13.01 9.54 3.28
N GLU A 148 12.25 10.61 3.56
CA GLU A 148 11.44 11.23 2.52
C GLU A 148 12.31 11.79 1.41
N LEU A 149 13.46 12.36 1.77
CA LEU A 149 14.39 12.85 0.76
C LEU A 149 14.94 11.71 -0.09
N LEU A 150 15.25 10.57 0.53
CA LEU A 150 15.72 9.42 -0.21
C LEU A 150 14.66 8.91 -1.18
N ARG A 151 13.40 8.87 -0.73
CA ARG A 151 12.32 8.47 -1.63
C ARG A 151 12.09 9.49 -2.73
N GLU A 152 12.31 10.78 -2.45
CA GLU A 152 12.19 11.80 -3.47
C GLU A 152 13.24 11.63 -4.55
N LYS A 153 14.51 11.48 -4.15
CA LYS A 153 15.57 11.29 -5.12
C LYS A 153 15.52 9.91 -5.78
N GLY A 154 14.81 8.96 -5.17
CA GLY A 154 14.63 7.67 -5.81
C GLY A 154 13.76 7.76 -7.05
N PHE A 155 12.72 8.57 -7.00
CA PHE A 155 11.85 8.82 -8.16
C PHE A 155 12.44 9.91 -9.05
N ARG A 156 13.68 9.66 -9.48
CA ARG A 156 14.39 10.59 -10.36
C ARG A 156 15.53 9.86 -11.07
N GLU A 180 12.89 37.22 -2.99
CA GLU A 180 13.31 35.87 -2.61
C GLU A 180 14.46 35.39 -3.48
N GLU A 181 14.20 35.24 -4.78
CA GLU A 181 15.24 34.81 -5.71
C GLU A 181 16.25 35.90 -6.02
N ASP A 182 15.98 37.15 -5.63
CA ASP A 182 16.92 38.24 -5.89
C ASP A 182 18.19 38.12 -5.07
N MET A 183 18.19 37.27 -4.04
CA MET A 183 19.41 37.05 -3.27
C MET A 183 20.38 36.14 -4.01
N ARG A 184 19.86 35.15 -4.76
CA ARG A 184 20.72 34.31 -5.58
C ARG A 184 21.40 35.14 -6.66
N ILE A 185 20.66 36.06 -7.28
CA ILE A 185 21.28 37.09 -8.10
C ILE A 185 22.06 38.03 -7.19
N LEU A 186 23.12 38.63 -7.75
CA LEU A 186 23.99 39.57 -7.05
C LEU A 186 24.86 38.85 -6.03
N ALA A 187 24.62 37.56 -5.84
CA ALA A 187 25.58 36.68 -5.17
C ALA A 187 26.57 36.10 -6.16
N SER A 188 26.07 35.64 -7.30
CA SER A 188 26.95 35.32 -8.42
C SER A 188 27.68 36.54 -8.95
N GLU A 189 27.13 37.74 -8.72
CA GLU A 189 27.84 38.96 -9.08
C GLU A 189 29.04 39.18 -8.17
N PHE A 190 28.88 38.94 -6.86
CA PHE A 190 30.03 38.96 -5.96
C PHE A 190 31.01 37.85 -6.32
N PHE A 191 30.50 36.72 -6.82
CA PHE A 191 31.37 35.65 -7.31
C PHE A 191 32.16 36.12 -8.53
N LYS A 192 31.55 36.94 -9.38
CA LYS A 192 32.17 37.31 -10.65
C LYS A 192 33.34 38.25 -10.46
N LYS A 193 33.18 39.28 -9.64
CA LYS A 193 34.22 40.30 -9.50
C LYS A 193 35.42 39.75 -8.75
N ASP A 194 36.58 40.35 -9.01
CA ASP A 194 37.85 39.89 -8.45
C ASP A 194 38.41 40.85 -7.42
N LYS A 195 38.61 42.12 -7.79
CA LYS A 195 39.23 43.07 -6.89
C LYS A 195 38.21 43.61 -5.90
N LEU A 196 38.64 43.76 -4.65
CA LEU A 196 37.80 44.28 -3.58
C LEU A 196 38.58 45.31 -2.77
N MET A 197 37.90 46.36 -2.36
CA MET A 197 38.43 47.33 -1.41
C MET A 197 38.04 46.90 0.00
N TYR A 198 38.19 47.77 0.98
CA TYR A 198 37.85 47.46 2.36
C TYR A 198 36.41 47.90 2.65
N LYS A 199 35.70 47.07 3.42
CA LYS A 199 34.37 47.40 3.95
C LYS A 199 33.35 47.66 2.84
N GLU A 200 33.06 46.61 2.07
CA GLU A 200 31.94 46.63 1.14
C GLU A 200 30.67 46.19 1.86
N LYS A 201 29.69 47.09 1.94
CA LYS A 201 28.39 46.78 2.51
C LYS A 201 27.61 45.93 1.51
N LEU A 202 27.65 44.61 1.69
CA LEU A 202 26.88 43.70 0.86
C LEU A 202 25.39 44.04 0.94
N ASN A 203 24.80 44.35 -0.20
CA ASN A 203 23.39 44.75 -0.21
C ASN A 203 22.46 43.56 0.01
N PHE A 204 22.96 42.34 -0.17
CA PHE A 204 22.12 41.15 -0.05
C PHE A 204 22.44 40.41 1.23
N THR A 205 21.39 40.07 1.98
CA THR A 205 21.52 39.26 3.18
C THR A 205 21.44 37.79 2.80
N GLU A 206 21.63 36.91 3.79
CA GLU A 206 21.63 35.48 3.52
C GLU A 206 20.25 34.99 3.12
N SER A 207 20.23 33.93 2.31
CA SER A 207 18.99 33.31 1.86
C SER A 207 19.26 31.82 1.68
N THR A 208 18.36 31.14 0.95
CA THR A 208 18.56 29.73 0.67
C THR A 208 19.86 29.50 -0.11
N HIS A 209 20.24 30.44 -0.96
CA HIS A 209 21.43 30.29 -1.80
C HIS A 209 22.61 31.14 -1.33
N VAL A 210 22.47 31.85 -0.21
CA VAL A 210 23.53 32.70 0.31
C VAL A 210 23.70 32.45 1.80
N GLU A 211 24.95 32.31 2.23
CA GLU A 211 25.29 32.14 3.65
C GLU A 211 26.74 32.54 3.84
N PHE A 212 27.04 33.26 4.92
CA PHE A 212 28.38 33.73 5.16
C PHE A 212 28.82 33.52 6.61
N LYS A 213 30.13 33.45 6.78
CA LYS A 213 30.81 33.39 8.06
C LYS A 213 31.94 34.39 8.06
N ARG A 214 32.63 34.52 9.19
CA ARG A 214 33.89 35.23 9.23
C ARG A 214 34.96 34.35 9.87
N PHE A 215 36.21 34.66 9.53
CA PHE A 215 37.34 33.89 10.02
C PHE A 215 37.43 33.96 11.54
N THR A 216 38.25 33.07 12.10
CA THR A 216 38.61 33.10 13.51
C THR A 216 40.12 33.10 13.60
N THR A 217 40.68 34.10 14.28
CA THR A 217 42.13 34.27 14.29
C THR A 217 42.86 33.20 15.10
N LYS A 218 42.16 32.53 16.01
CA LYS A 218 42.81 31.47 16.78
C LYS A 218 43.17 30.28 15.88
N LYS A 219 42.19 29.80 15.11
CA LYS A 219 42.42 28.70 14.17
C LYS A 219 41.53 28.94 12.96
N VAL A 220 42.08 28.74 11.77
CA VAL A 220 41.37 28.98 10.52
C VAL A 220 41.07 27.67 9.79
N ILE A 221 42.12 26.94 9.42
CA ILE A 221 41.92 25.74 8.59
C ILE A 221 41.12 24.66 9.31
N PRO A 222 41.32 24.38 10.61
CA PRO A 222 40.49 23.33 11.23
C PRO A 222 39.06 23.78 11.46
N ARG A 223 38.85 25.07 11.73
CA ARG A 223 37.48 25.58 11.84
C ARG A 223 36.76 25.46 10.51
N ILE A 224 37.46 25.72 9.40
CA ILE A 224 36.86 25.51 8.09
C ILE A 224 36.55 24.03 7.87
N LYS A 225 37.49 23.15 8.27
CA LYS A 225 37.21 21.71 8.26
C LYS A 225 35.90 21.38 8.96
N GLU A 226 35.72 21.88 10.17
CA GLU A 226 34.55 21.50 10.95
C GLU A 226 33.27 22.19 10.48
N MET A 227 33.38 23.36 9.85
CA MET A 227 32.20 24.16 9.53
C MET A 227 31.71 23.97 8.10
N LEU A 228 32.59 23.66 7.15
CA LEU A 228 32.17 23.56 5.76
C LEU A 228 31.14 22.46 5.51
N PRO A 229 31.30 21.22 6.00
CA PRO A 229 30.41 20.13 5.53
C PRO A 229 28.93 20.37 5.71
N HIS A 230 28.50 20.95 6.83
CA HIS A 230 27.06 21.10 7.03
C HIS A 230 26.45 22.24 6.23
N TYR A 231 27.27 23.02 5.53
CA TYR A 231 26.79 23.99 4.56
C TYR A 231 26.93 23.50 3.13
N VAL A 232 28.01 22.78 2.83
CA VAL A 232 28.16 22.18 1.50
C VAL A 232 27.06 21.16 1.26
N SER A 233 26.78 20.32 2.26
CA SER A 233 25.71 19.35 2.12
C SER A 233 24.34 20.02 2.06
N ALA A 234 24.15 21.11 2.81
CA ALA A 234 22.88 21.83 2.77
C ALA A 234 22.64 22.43 1.39
N PHE A 235 23.66 23.02 0.79
CA PHE A 235 23.51 23.58 -0.55
C PHE A 235 23.31 22.48 -1.59
N ALA A 236 24.15 21.43 -1.55
CA ALA A 236 24.06 20.39 -2.56
C ALA A 236 22.71 19.67 -2.51
N ASN A 237 22.15 19.51 -1.32
CA ASN A 237 20.84 18.92 -1.13
C ASN A 237 19.73 19.82 -1.66
N THR A 238 19.73 21.10 -1.30
CA THR A 238 18.61 22.00 -1.60
C THR A 238 19.11 23.10 -2.53
N GLN A 239 18.65 23.08 -3.77
CA GLN A 239 19.09 24.03 -4.79
C GLN A 239 20.61 24.13 -4.82
N GLY A 240 21.14 25.34 -4.92
CA GLY A 240 22.57 25.54 -4.90
C GLY A 240 22.95 26.87 -4.31
N GLY A 241 24.10 26.97 -3.68
CA GLY A 241 24.42 28.19 -2.97
C GLY A 241 25.85 28.65 -3.02
N TYR A 242 26.13 29.77 -2.34
CA TYR A 242 27.46 30.34 -2.23
C TYR A 242 27.83 30.46 -0.76
N VAL A 243 28.87 29.73 -0.36
CA VAL A 243 29.49 29.89 0.95
C VAL A 243 30.52 31.00 0.83
N LEU A 244 30.31 32.09 1.57
CA LEU A 244 31.24 33.21 1.59
C LEU A 244 31.88 33.27 2.97
N ILE A 245 33.20 33.19 3.02
CA ILE A 245 33.92 33.26 4.28
C ILE A 245 34.79 34.50 4.26
N GLY A 246 34.57 35.40 5.21
CA GLY A 246 35.17 36.71 5.25
C GLY A 246 34.15 37.83 5.25
N VAL A 247 32.96 37.56 5.78
CA VAL A 247 31.86 38.53 5.79
C VAL A 247 31.21 38.53 7.16
N ASP A 248 30.95 39.72 7.70
CA ASP A 248 30.32 39.86 9.00
C ASP A 248 28.79 39.75 8.87
N ASP A 249 28.12 39.67 10.02
CA ASP A 249 26.67 39.50 10.07
C ASP A 249 25.91 40.82 10.11
N LYS A 250 26.16 41.65 11.11
CA LYS A 250 25.42 42.90 11.25
C LYS A 250 26.04 44.04 10.45
N SER A 251 27.37 44.13 10.43
CA SER A 251 28.02 45.18 9.65
C SER A 251 27.94 44.92 8.16
N LYS A 252 27.81 43.66 7.75
CA LYS A 252 27.63 43.29 6.35
C LYS A 252 28.80 43.77 5.48
N GLU A 253 30.01 43.71 6.02
CA GLU A 253 31.21 44.09 5.29
C GLU A 253 32.08 42.87 5.04
N VAL A 254 33.22 43.09 4.41
CA VAL A 254 34.21 42.06 4.15
C VAL A 254 35.44 42.36 5.00
N VAL A 255 35.95 41.34 5.70
CA VAL A 255 37.07 41.53 6.61
C VAL A 255 38.23 40.65 6.22
N GLY A 256 38.03 39.33 6.24
CA GLY A 256 39.11 38.40 5.97
C GLY A 256 40.19 38.41 7.03
N CYS A 257 41.19 37.55 6.90
CA CYS A 257 42.34 37.51 7.78
C CYS A 257 43.59 37.91 7.02
N LYS A 258 44.65 38.19 7.77
CA LYS A 258 45.90 38.64 7.18
C LYS A 258 46.47 37.59 6.24
N TRP A 259 47.06 38.05 5.13
CA TRP A 259 47.59 37.14 4.13
C TRP A 259 48.71 36.26 4.68
N GLU A 260 49.51 36.79 5.59
CA GLU A 260 50.61 36.02 6.16
C GLU A 260 50.13 34.85 7.01
N LYS A 261 48.86 34.85 7.43
CA LYS A 261 48.35 33.78 8.26
C LYS A 261 48.13 32.49 7.47
N VAL A 262 47.74 32.58 6.21
CA VAL A 262 47.43 31.39 5.41
C VAL A 262 47.66 31.72 3.94
N ASN A 263 48.24 30.74 3.21
CA ASN A 263 48.48 30.83 1.77
C ASN A 263 47.23 30.39 1.01
N PRO A 264 46.70 31.21 0.11
CA PRO A 264 45.43 30.86 -0.56
C PRO A 264 45.47 29.57 -1.36
N ASP A 265 46.59 29.26 -2.02
CA ASP A 265 46.66 28.04 -2.81
C ASP A 265 46.53 26.81 -1.94
N LEU A 266 47.21 26.80 -0.79
CA LEU A 266 47.08 25.69 0.15
C LEU A 266 45.64 25.56 0.62
N LEU A 267 44.98 26.69 0.89
CA LEU A 267 43.58 26.63 1.33
C LEU A 267 42.68 26.06 0.24
N LYS A 268 42.91 26.44 -1.01
CA LYS A 268 42.07 25.92 -2.10
C LYS A 268 42.27 24.42 -2.28
N LYS A 269 43.53 23.95 -2.22
CA LYS A 269 43.78 22.51 -2.31
C LYS A 269 43.16 21.78 -1.12
N GLU A 270 43.25 22.37 0.06
CA GLU A 270 42.62 21.79 1.24
C GLU A 270 41.12 21.67 1.05
N ILE A 271 40.49 22.71 0.51
CA ILE A 271 39.04 22.69 0.27
C ILE A 271 38.69 21.60 -0.73
N GLU A 272 39.49 21.46 -1.79
CA GLU A 272 39.22 20.43 -2.79
C GLU A 272 39.29 19.04 -2.18
N ASN A 273 40.33 18.76 -1.40
CA ASN A 273 40.45 17.42 -0.82
C ASN A 273 39.40 17.19 0.25
N CYS A 274 38.96 18.24 0.95
CA CYS A 274 37.89 18.09 1.92
C CYS A 274 36.57 17.75 1.25
N ILE A 275 36.25 18.45 0.16
CA ILE A 275 35.00 18.20 -0.55
C ILE A 275 35.02 16.81 -1.18
N GLU A 276 36.18 16.37 -1.66
CA GLU A 276 36.26 15.03 -2.25
C GLU A 276 35.97 13.94 -1.23
N LYS A 277 36.26 14.19 0.05
CA LYS A 277 36.07 13.19 1.10
C LYS A 277 34.67 13.20 1.70
N LEU A 278 33.80 14.12 1.30
CA LEU A 278 32.43 14.11 1.80
C LEU A 278 31.70 12.87 1.31
N PRO A 279 31.11 12.08 2.20
CA PRO A 279 30.40 10.87 1.76
C PRO A 279 29.22 11.22 0.86
N THR A 280 28.94 10.33 -0.09
CA THR A 280 27.88 10.55 -1.05
C THR A 280 27.23 9.23 -1.42
N PHE A 281 25.94 9.30 -1.73
CA PHE A 281 25.19 8.16 -2.26
C PHE A 281 24.60 8.55 -3.61
N HIS A 282 24.33 7.56 -4.44
CA HIS A 282 23.87 7.81 -5.81
C HIS A 282 22.77 6.82 -6.18
N PHE A 283 21.61 7.34 -6.59
CA PHE A 283 20.54 6.54 -7.15
C PHE A 283 20.67 6.37 -8.65
N CYS A 284 21.59 7.08 -9.29
CA CYS A 284 21.76 7.03 -10.74
C CYS A 284 22.80 5.98 -11.10
N CYS A 285 23.24 5.99 -12.36
CA CYS A 285 24.27 5.07 -12.82
C CYS A 285 25.54 5.75 -13.30
N GLU A 286 25.51 7.06 -13.60
CA GLU A 286 26.69 7.74 -14.10
C GLU A 286 27.73 7.99 -13.02
N LYS A 287 27.32 8.00 -11.75
CA LYS A 287 28.22 8.24 -10.63
C LYS A 287 29.08 9.49 -10.78
N PRO A 288 28.47 10.67 -10.93
CA PRO A 288 29.26 11.89 -11.00
C PRO A 288 29.70 12.36 -9.62
N LYS A 289 30.84 13.04 -9.59
CA LYS A 289 31.31 13.62 -8.35
C LYS A 289 30.62 14.97 -8.11
N VAL A 290 30.72 15.47 -6.89
CA VAL A 290 30.09 16.74 -6.54
C VAL A 290 30.86 17.86 -7.25
N ASN A 291 30.14 18.67 -8.01
CA ASN A 291 30.74 19.75 -8.79
C ASN A 291 30.61 21.04 -8.00
N PHE A 292 31.75 21.66 -7.71
CA PHE A 292 31.79 22.91 -6.96
C PHE A 292 32.89 23.79 -7.55
N THR A 293 32.80 25.08 -7.28
CA THR A 293 33.80 26.04 -7.73
C THR A 293 34.28 26.86 -6.55
N THR A 294 35.57 26.73 -6.23
CA THR A 294 36.19 27.46 -5.13
C THR A 294 37.04 28.59 -5.69
N LYS A 295 36.82 29.80 -5.20
CA LYS A 295 37.55 30.97 -5.66
C LYS A 295 38.03 31.78 -4.48
N ILE A 296 39.18 32.41 -4.65
CA ILE A 296 39.77 33.29 -3.65
C ILE A 296 39.81 34.70 -4.21
N LEU A 297 39.52 35.68 -3.37
CA LEU A 297 39.53 37.08 -3.74
C LEU A 297 40.55 37.83 -2.88
N ASN A 298 40.68 39.12 -3.14
CA ASN A 298 41.65 39.96 -2.44
C ASN A 298 40.95 41.22 -1.93
N VAL A 299 40.69 41.26 -0.63
CA VAL A 299 40.15 42.45 0.00
C VAL A 299 41.30 43.39 0.30
N TYR A 300 41.27 44.58 -0.29
CA TYR A 300 42.28 45.61 -0.13
C TYR A 300 41.86 46.58 0.97
N GLN A 301 42.70 47.60 1.18
CA GLN A 301 42.35 48.72 2.05
C GLN A 301 43.21 49.89 1.64
N LYS A 302 42.60 50.90 1.02
CA LYS A 302 43.32 52.05 0.48
C LYS A 302 44.43 51.61 -0.48
N ASP A 303 44.05 50.70 -1.39
CA ASP A 303 44.95 50.16 -2.41
C ASP A 303 46.14 49.41 -1.81
N VAL A 304 45.92 48.76 -0.68
CA VAL A 304 46.93 47.92 -0.03
C VAL A 304 46.30 46.57 0.30
N LEU A 305 47.02 45.49 0.00
CA LEU A 305 46.50 44.16 0.25
C LEU A 305 46.22 43.97 1.74
N ASP A 306 45.02 43.48 2.06
CA ASP A 306 44.60 43.30 3.43
C ASP A 306 44.27 41.85 3.77
N GLY A 307 43.46 41.18 2.96
CA GLY A 307 43.06 39.84 3.32
C GLY A 307 42.37 39.13 2.18
N TYR A 308 41.80 37.98 2.50
CA TYR A 308 41.12 37.14 1.53
C TYR A 308 39.67 36.89 1.95
N VAL A 309 38.79 36.84 0.96
CA VAL A 309 37.43 36.32 1.13
C VAL A 309 37.30 35.12 0.19
N CYS A 310 36.79 34.01 0.72
CA CYS A 310 36.73 32.78 -0.06
C CYS A 310 35.28 32.46 -0.40
N VAL A 311 35.04 32.11 -1.67
CA VAL A 311 33.69 31.89 -2.17
C VAL A 311 33.62 30.49 -2.77
N ILE A 312 32.66 29.70 -2.29
CA ILE A 312 32.44 28.35 -2.78
C ILE A 312 31.04 28.29 -3.37
N GLN A 313 30.94 27.98 -4.65
CA GLN A 313 29.67 27.81 -5.32
C GLN A 313 29.37 26.32 -5.44
N VAL A 314 28.24 25.89 -4.91
CA VAL A 314 27.81 24.49 -4.94
C VAL A 314 26.52 24.43 -5.73
N GLU A 315 26.56 23.69 -6.84
CA GLU A 315 25.38 23.48 -7.67
C GLU A 315 24.49 22.40 -7.05
N PRO A 316 23.21 22.35 -7.45
CA PRO A 316 22.34 21.28 -6.94
C PRO A 316 22.80 19.90 -7.40
N PHE A 317 23.25 19.09 -6.47
CA PHE A 317 23.70 17.75 -6.80
C PHE A 317 22.52 16.84 -7.11
N CYS A 318 22.78 15.83 -7.94
CA CYS A 318 21.70 14.93 -8.36
C CYS A 318 21.20 14.08 -7.20
N CYS A 319 22.10 13.64 -6.33
CA CYS A 319 21.76 12.67 -5.29
C CYS A 319 22.27 13.15 -3.93
N VAL A 320 22.07 12.30 -2.92
CA VAL A 320 22.23 12.71 -1.53
C VAL A 320 23.71 12.85 -1.18
N VAL A 321 24.06 13.96 -0.55
CA VAL A 321 25.42 14.25 -0.09
C VAL A 321 25.41 14.31 1.42
N PHE A 322 26.37 13.63 2.05
CA PHE A 322 26.52 13.60 3.50
C PHE A 322 27.63 14.54 3.94
N ALA A 323 27.59 14.90 5.22
CA ALA A 323 28.65 15.66 5.86
C ALA A 323 29.61 14.78 6.65
N GLU A 324 29.06 13.79 7.36
CA GLU A 324 29.84 12.77 8.05
C GLU A 324 29.12 11.44 7.91
N ALA A 325 29.68 10.40 8.51
CA ALA A 325 28.96 9.13 8.57
C ALA A 325 27.72 9.28 9.43
N PRO A 326 26.62 8.63 9.08
CA PRO A 326 25.40 8.77 9.88
C PRO A 326 25.59 8.25 11.29
N ASP A 327 24.84 8.85 12.22
CA ASP A 327 24.90 8.47 13.63
C ASP A 327 24.01 7.25 13.90
N SER A 328 24.30 6.18 13.16
CA SER A 328 23.64 4.89 13.32
C SER A 328 24.69 3.85 13.71
N TRP A 329 24.28 2.90 14.53
CA TRP A 329 25.17 1.87 15.03
C TRP A 329 24.53 0.51 14.90
N ILE A 330 25.39 -0.50 14.73
CA ILE A 330 24.99 -1.91 14.74
C ILE A 330 25.99 -2.68 15.59
N MET A 331 25.72 -3.97 15.76
CA MET A 331 26.62 -4.87 16.49
C MET A 331 27.27 -5.82 15.50
N LYS A 332 28.60 -5.77 15.43
CA LYS A 332 29.38 -6.69 14.62
C LYS A 332 30.53 -7.23 15.46
N ASP A 333 30.68 -8.55 15.48
CA ASP A 333 31.76 -9.21 16.22
C ASP A 333 31.76 -8.78 17.69
N ASN A 334 30.55 -8.71 18.27
CA ASN A 334 30.37 -8.29 19.66
C ASN A 334 30.97 -6.91 19.91
N SER A 335 30.84 -6.02 18.93
CA SER A 335 31.34 -4.66 19.04
C SER A 335 30.32 -3.69 18.47
N VAL A 336 30.16 -2.54 19.12
CA VAL A 336 29.27 -1.50 18.65
C VAL A 336 30.00 -0.71 17.56
N THR A 337 29.57 -0.85 16.32
CA THR A 337 30.22 -0.21 15.19
C THR A 337 29.25 0.78 14.53
N ARG A 338 29.82 1.69 13.75
CA ARG A 338 29.06 2.75 13.10
C ARG A 338 28.73 2.36 11.67
N LEU A 339 27.50 2.60 11.26
CA LEU A 339 27.08 2.30 9.90
C LEU A 339 27.63 3.35 8.93
N THR A 340 28.07 2.89 7.76
CA THR A 340 28.55 3.79 6.73
C THR A 340 27.38 4.39 5.97
N ALA A 341 27.67 5.30 5.04
CA ALA A 341 26.61 5.97 4.28
C ALA A 341 25.88 4.98 3.37
N GLU A 342 26.63 4.18 2.60
CA GLU A 342 26.01 3.23 1.69
C GLU A 342 25.20 2.18 2.46
N GLN A 343 25.78 1.65 3.54
CA GLN A 343 25.06 0.69 4.36
C GLN A 343 23.81 1.32 4.96
N TRP A 344 23.94 2.55 5.46
CA TRP A 344 22.80 3.21 6.09
C TRP A 344 21.66 3.40 5.11
N VAL A 345 21.98 3.82 3.88
CA VAL A 345 20.94 4.01 2.87
C VAL A 345 20.35 2.66 2.47
N VAL A 346 21.18 1.61 2.40
CA VAL A 346 20.69 0.30 1.98
C VAL A 346 19.66 -0.24 2.97
N MET A 347 19.99 -0.22 4.25
CA MET A 347 19.01 -0.73 5.21
C MET A 347 17.94 0.29 5.57
N MET A 348 18.12 1.55 5.19
CA MET A 348 17.08 2.56 5.40
C MET A 348 15.96 2.41 4.37
N LEU A 349 16.28 2.00 3.15
CA LEU A 349 15.31 1.80 2.09
C LEU A 349 14.94 0.32 1.92
N ASP A 350 15.40 -0.55 2.81
CA ASP A 350 15.14 -1.99 2.74
C ASP A 350 15.65 -2.59 1.44
N ILE A 381 3.11 -13.38 1.58
CA ILE A 381 3.08 -14.83 1.65
C ILE A 381 1.74 -15.29 2.23
N LYS A 382 1.34 -16.51 1.89
CA LYS A 382 0.10 -17.07 2.41
C LYS A 382 0.24 -17.60 3.83
N VAL A 383 1.46 -17.66 4.36
CA VAL A 383 1.65 -18.06 5.75
C VAL A 383 1.03 -17.04 6.69
N HIS A 384 1.24 -15.75 6.40
CA HIS A 384 0.70 -14.70 7.25
C HIS A 384 -0.80 -14.53 7.08
N LYS A 385 -1.36 -14.99 5.97
CA LYS A 385 -2.81 -14.92 5.78
C LYS A 385 -3.52 -16.00 6.58
N PHE A 386 -2.94 -17.19 6.66
CA PHE A 386 -3.56 -18.33 7.34
C PHE A 386 -2.99 -18.59 8.73
N LYS A 387 -2.06 -17.75 9.20
CA LYS A 387 -1.45 -18.01 10.50
C LYS A 387 -2.45 -17.89 11.64
N GLU A 388 -3.44 -17.02 11.52
CA GLU A 388 -4.45 -16.91 12.57
C GLU A 388 -5.25 -18.20 12.70
N ALA A 389 -5.69 -18.76 11.57
CA ALA A 389 -6.42 -20.02 11.59
C ALA A 389 -5.53 -21.17 12.06
N LEU A 390 -4.27 -21.18 11.63
CA LEU A 390 -3.36 -22.24 12.04
C LEU A 390 -3.13 -22.20 13.54
N GLN A 391 -2.92 -21.01 14.10
CA GLN A 391 -2.75 -20.88 15.54
C GLN A 391 -4.04 -21.25 16.27
N ARG A 392 -5.20 -20.88 15.72
CA ARG A 392 -6.45 -21.17 16.39
C ARG A 392 -6.72 -22.67 16.45
N HIS A 393 -6.35 -23.39 15.39
CA HIS A 393 -6.64 -24.82 15.35
C HIS A 393 -5.56 -25.67 16.00
N LEU A 394 -4.29 -25.25 15.94
CA LEU A 394 -3.17 -26.02 16.48
C LEU A 394 -2.79 -25.59 17.89
N PHE A 395 -2.85 -24.30 18.19
CA PHE A 395 -2.43 -23.77 19.50
C PHE A 395 -3.55 -22.90 20.06
N PRO A 396 -4.69 -23.50 20.42
CA PRO A 396 -5.76 -22.70 21.02
C PRO A 396 -5.38 -22.22 22.41
N VAL A 397 -5.89 -21.04 22.76
CA VAL A 397 -5.64 -20.45 24.07
C VAL A 397 -6.88 -20.59 24.94
N THR A 398 -6.94 -21.67 25.71
CA THR A 398 -8.06 -21.96 26.60
C THR A 398 -7.59 -21.88 28.05
N GLN A 399 -8.50 -22.21 28.97
CA GLN A 399 -8.17 -22.24 30.39
C GLN A 399 -8.28 -23.63 30.99
N GLU A 400 -8.27 -24.68 30.15
CA GLU A 400 -8.40 -26.06 30.61
C GLU A 400 -7.01 -26.64 30.82
N GLU A 401 -6.43 -26.36 31.99
CA GLU A 401 -5.12 -26.88 32.39
C GLU A 401 -4.06 -26.58 31.35
N VAL A 402 -3.12 -27.51 31.16
CA VAL A 402 -1.99 -27.33 30.26
C VAL A 402 -1.97 -28.49 29.28
N GLN A 403 -1.81 -28.18 28.00
CA GLN A 403 -1.81 -29.16 26.92
C GLN A 403 -0.41 -29.31 26.36
N PHE A 404 0.04 -30.56 26.21
CA PHE A 404 1.36 -30.85 25.66
C PHE A 404 1.24 -31.16 24.17
N LYS A 405 2.09 -30.53 23.36
CA LYS A 405 2.10 -30.73 21.92
C LYS A 405 3.52 -30.96 21.45
N PRO A 406 3.70 -31.72 20.36
CA PRO A 406 2.71 -32.48 19.59
C PRO A 406 2.37 -33.81 20.26
N GLU A 407 1.21 -34.40 19.96
CA GLU A 407 0.76 -35.59 20.66
C GLU A 407 1.68 -36.78 20.41
N SER A 408 2.16 -36.94 19.18
CA SER A 408 2.97 -38.11 18.85
C SER A 408 4.30 -38.11 19.58
N LEU A 409 5.03 -36.99 19.51
CA LEU A 409 6.33 -36.91 20.17
C LEU A 409 6.19 -37.01 21.68
N CYS A 410 5.16 -36.36 22.24
CA CYS A 410 4.93 -36.44 23.67
C CYS A 410 4.61 -37.86 24.10
N LYS A 411 3.79 -38.57 23.30
CA LYS A 411 3.49 -39.96 23.61
C LYS A 411 4.74 -40.83 23.57
N LYS A 412 5.59 -40.62 22.56
CA LYS A 412 6.84 -41.39 22.47
C LYS A 412 7.72 -41.12 23.68
N LEU A 413 7.88 -39.85 24.03
CA LEU A 413 8.76 -39.48 25.15
C LEU A 413 8.22 -40.00 26.47
N PHE A 414 6.91 -39.96 26.67
CA PHE A 414 6.32 -40.40 27.93
C PHE A 414 6.31 -41.92 28.04
N SER A 415 6.15 -42.63 26.92
CA SER A 415 6.28 -44.08 26.96
C SER A 415 7.71 -44.50 27.24
N ASP A 416 8.69 -43.80 26.63
CA ASP A 416 10.08 -44.13 26.88
C ASP A 416 10.48 -43.84 28.33
N HIS A 417 10.03 -42.70 28.86
CA HIS A 417 10.33 -42.29 30.23
C HIS A 417 9.03 -41.93 30.93
N LYS A 418 8.68 -42.67 31.97
CA LYS A 418 7.43 -42.43 32.69
C LYS A 418 7.52 -41.22 33.59
N GLU A 419 8.69 -40.98 34.19
CA GLU A 419 8.83 -39.92 35.18
C GLU A 419 8.78 -38.52 34.57
N LEU A 420 8.98 -38.40 33.26
CA LEU A 420 9.03 -37.08 32.63
C LEU A 420 7.69 -36.36 32.72
N GLU A 421 6.59 -37.10 32.55
CA GLU A 421 5.27 -36.48 32.59
C GLU A 421 5.00 -35.87 33.96
N GLY A 422 5.24 -36.62 35.03
CA GLY A 422 5.06 -36.07 36.37
C GLY A 422 6.04 -34.97 36.69
N LEU A 423 7.27 -35.10 36.20
CA LEU A 423 8.29 -34.07 36.46
C LEU A 423 7.85 -32.74 35.86
N MET A 424 7.36 -32.74 34.62
CA MET A 424 6.82 -31.51 34.05
C MET A 424 5.56 -31.05 34.77
N LYS A 425 4.62 -31.97 35.05
CA LYS A 425 3.39 -31.54 35.70
C LYS A 425 3.64 -30.94 37.08
N THR A 426 4.77 -31.25 37.70
CA THR A 426 5.15 -30.57 38.94
C THR A 426 5.97 -29.31 38.70
N LEU A 427 6.79 -29.28 37.64
CA LEU A 427 7.60 -28.10 37.36
C LEU A 427 6.76 -26.92 36.91
N ILE A 428 5.83 -27.15 35.96
CA ILE A 428 4.99 -26.07 35.46
C ILE A 428 4.09 -25.53 36.57
N HIS A 429 3.66 -26.40 37.48
CA HIS A 429 2.87 -25.95 38.62
C HIS A 429 3.64 -24.92 39.43
N PRO A 430 3.00 -23.83 39.89
CA PRO A 430 1.58 -23.50 39.72
C PRO A 430 1.31 -22.73 38.43
N CYS A 431 0.44 -23.27 37.57
CA CYS A 431 0.05 -22.59 36.33
C CYS A 431 -1.34 -23.07 35.96
N SER A 432 -2.32 -22.17 36.05
CA SER A 432 -3.70 -22.55 35.74
C SER A 432 -3.86 -22.93 34.28
N GLN A 433 -3.23 -22.18 33.38
CA GLN A 433 -3.33 -22.45 31.95
C GLN A 433 -1.99 -22.18 31.28
N GLY A 434 -1.78 -22.82 30.16
CA GLY A 434 -0.56 -22.62 29.39
C GLY A 434 -0.45 -23.66 28.30
N ILE A 435 0.66 -23.57 27.56
CA ILE A 435 0.97 -24.51 26.50
C ILE A 435 2.43 -24.92 26.65
N VAL A 436 2.69 -26.21 26.44
CA VAL A 436 4.06 -26.74 26.46
C VAL A 436 4.27 -27.46 25.13
N ILE A 437 5.31 -27.06 24.41
CA ILE A 437 5.63 -27.62 23.10
C ILE A 437 6.96 -28.33 23.22
N PHE A 438 6.97 -29.62 22.91
CA PHE A 438 8.16 -30.45 22.99
C PHE A 438 8.84 -30.57 21.64
N SER A 439 10.13 -30.91 21.69
CA SER A 439 10.92 -31.14 20.49
C SER A 439 12.08 -32.04 20.85
N ARG A 440 12.49 -32.89 19.91
CA ARG A 440 13.69 -33.68 20.12
C ARG A 440 14.91 -32.79 20.21
N SER A 441 14.95 -31.73 19.39
CA SER A 441 16.00 -30.71 19.49
C SER A 441 15.40 -29.40 19.01
N TRP A 442 15.12 -28.48 19.93
CA TRP A 442 14.65 -27.16 19.51
C TRP A 442 15.73 -26.40 18.75
N ALA A 443 17.00 -26.63 19.09
CA ALA A 443 18.09 -26.05 18.32
C ALA A 443 18.07 -26.56 16.88
N GLY A 444 17.87 -27.87 16.70
CA GLY A 444 17.77 -28.42 15.36
C GLY A 444 16.52 -27.95 14.63
N ASP A 445 15.40 -27.82 15.35
CA ASP A 445 14.18 -27.31 14.74
C ASP A 445 14.36 -25.89 14.24
N VAL A 446 15.03 -25.04 15.02
CA VAL A 446 15.41 -23.72 14.52
C VAL A 446 16.39 -23.85 13.37
N GLY A 447 17.29 -24.84 13.44
CA GLY A 447 18.21 -25.12 12.37
C GLY A 447 19.65 -24.76 12.66
N PHE A 448 20.08 -24.95 13.90
CA PHE A 448 21.43 -24.56 14.32
C PHE A 448 22.30 -25.75 14.71
N ARG A 449 21.87 -26.57 15.67
CA ARG A 449 22.73 -27.60 16.24
C ARG A 449 21.87 -28.75 16.73
N LYS A 450 22.49 -29.93 16.87
CA LYS A 450 21.80 -31.11 17.37
C LYS A 450 22.73 -31.77 18.39
N GLU A 451 22.27 -31.86 19.64
CA GLU A 451 23.07 -32.41 20.73
C GLU A 451 22.53 -33.79 21.12
N GLN A 452 23.42 -34.77 21.19
CA GLN A 452 23.04 -36.12 21.58
C GLN A 452 22.90 -36.29 23.08
N ASN A 453 23.40 -35.35 23.87
CA ASN A 453 23.32 -35.43 25.32
C ASN A 453 22.00 -34.89 25.86
N VAL A 454 21.11 -34.42 24.99
CA VAL A 454 19.84 -33.82 25.39
C VAL A 454 18.72 -34.77 25.00
N LEU A 455 17.93 -35.20 25.99
CA LEU A 455 16.77 -36.04 25.70
C LEU A 455 15.77 -35.30 24.83
N CYS A 456 15.37 -34.10 25.25
CA CYS A 456 14.40 -33.30 24.52
C CYS A 456 14.39 -31.90 25.11
N ASP A 457 13.64 -31.01 24.47
CA ASP A 457 13.43 -29.65 24.93
C ASP A 457 11.94 -29.37 25.00
N ALA A 458 11.55 -28.56 25.98
CA ALA A 458 10.17 -28.14 26.13
C ALA A 458 10.10 -26.61 26.21
N LEU A 459 9.00 -26.06 25.71
CA LEU A 459 8.76 -24.63 25.70
C LEU A 459 7.43 -24.36 26.39
N LEU A 460 7.47 -23.54 27.44
CA LEU A 460 6.29 -23.18 28.21
C LEU A 460 5.88 -21.77 27.85
N ILE A 461 4.60 -21.58 27.51
CA ILE A 461 4.05 -20.28 27.18
C ILE A 461 2.74 -20.11 27.94
N ALA A 462 2.65 -19.08 28.77
CA ALA A 462 1.47 -18.88 29.61
C ALA A 462 1.31 -17.39 29.90
N VAL A 463 0.10 -17.02 30.35
CA VAL A 463 -0.21 -15.64 30.67
C VAL A 463 0.31 -15.30 32.06
N ASN A 464 0.58 -14.00 32.27
CA ASN A 464 1.16 -13.47 33.50
C ASN A 464 2.48 -14.16 33.85
N SER A 465 3.10 -14.82 32.87
CA SER A 465 4.34 -15.55 33.05
C SER A 465 5.21 -15.37 31.83
N PRO A 466 6.52 -15.42 31.98
CA PRO A 466 7.43 -15.41 30.84
C PRO A 466 7.49 -16.79 30.19
N VAL A 467 8.31 -16.90 29.16
CA VAL A 467 8.49 -18.14 28.42
C VAL A 467 9.74 -18.83 28.93
N VAL A 468 9.63 -20.13 29.20
CA VAL A 468 10.72 -20.92 29.77
C VAL A 468 11.12 -22.00 28.78
N LEU A 469 12.42 -22.22 28.65
CA LEU A 469 12.99 -23.26 27.80
C LEU A 469 13.62 -24.32 28.71
N TYR A 470 12.91 -25.43 28.88
CA TYR A 470 13.42 -26.56 29.65
C TYR A 470 14.27 -27.45 28.75
N THR A 471 15.44 -27.84 29.25
CA THR A 471 16.35 -28.73 28.55
C THR A 471 16.63 -29.92 29.44
N ILE A 472 16.12 -31.09 29.06
CA ILE A 472 16.29 -32.31 29.83
C ILE A 472 17.55 -33.03 29.35
N LEU A 473 18.42 -33.39 30.28
CA LEU A 473 19.71 -33.96 29.97
C LEU A 473 19.73 -35.46 30.30
N ILE A 474 20.28 -36.25 29.38
CA ILE A 474 20.42 -37.67 29.62
C ILE A 474 21.46 -37.92 30.72
N ASP A 475 22.51 -37.11 30.76
CA ASP A 475 23.62 -37.28 31.67
C ASP A 475 23.81 -36.01 32.48
N PRO A 476 23.62 -36.04 33.80
CA PRO A 476 23.66 -34.80 34.59
C PRO A 476 24.99 -34.06 34.53
N ASN A 477 26.12 -34.77 34.45
CA ASN A 477 27.43 -34.15 34.62
C ASN A 477 28.02 -33.64 33.30
N TRP A 478 27.28 -33.70 32.21
CA TRP A 478 27.75 -33.13 30.95
C TRP A 478 27.91 -31.62 31.11
N PRO A 479 29.07 -31.05 30.83
CA PRO A 479 29.32 -29.64 31.15
C PRO A 479 28.76 -28.64 30.15
N GLY A 480 28.07 -29.08 29.11
CA GLY A 480 27.58 -28.19 28.08
C GLY A 480 26.12 -27.83 28.12
N GLY A 481 25.38 -28.23 29.16
CA GLY A 481 23.95 -28.01 29.18
C GLY A 481 23.57 -26.54 29.27
N LEU A 482 24.24 -25.79 30.15
CA LEU A 482 23.86 -24.40 30.38
C LEU A 482 24.07 -23.54 29.14
N GLU A 483 25.24 -23.68 28.51
CA GLU A 483 25.52 -22.93 27.28
C GLU A 483 24.55 -23.33 26.18
N TYR A 484 24.25 -24.62 26.07
CA TYR A 484 23.31 -25.10 25.07
C TYR A 484 21.94 -24.46 25.25
N ALA A 485 21.43 -24.45 26.48
CA ALA A 485 20.11 -23.88 26.73
C ALA A 485 20.10 -22.38 26.49
N ARG A 486 21.15 -21.68 26.92
CA ARG A 486 21.24 -20.24 26.70
C ARG A 486 21.23 -19.91 25.22
N ASN A 487 22.06 -20.61 24.44
CA ASN A 487 22.12 -20.34 23.01
C ASN A 487 20.82 -20.71 22.31
N THR A 488 20.19 -21.80 22.72
CA THR A 488 18.92 -22.18 22.11
C THR A 488 17.85 -21.13 22.37
N ALA A 489 17.80 -20.59 23.60
CA ALA A 489 16.86 -19.52 23.89
C ALA A 489 17.16 -18.29 23.03
N HIS A 490 18.44 -17.94 22.89
CA HIS A 490 18.81 -16.79 22.08
C HIS A 490 18.37 -16.94 20.63
N GLN A 491 18.71 -18.07 20.01
CA GLN A 491 18.36 -18.26 18.60
C GLN A 491 16.86 -18.40 18.41
N LEU A 492 16.15 -18.99 19.37
CA LEU A 492 14.70 -19.09 19.24
C LEU A 492 14.05 -17.71 19.29
N LYS A 493 14.50 -16.85 20.21
CA LYS A 493 13.96 -15.48 20.26
C LYS A 493 14.30 -14.71 18.99
N GLN A 494 15.53 -14.86 18.50
CA GLN A 494 15.93 -14.15 17.29
C GLN A 494 15.12 -14.59 16.08
N LYS A 495 14.82 -15.89 15.99
CA LYS A 495 13.99 -16.38 14.88
C LYS A 495 12.54 -15.93 15.04
N LEU A 496 12.04 -15.91 16.27
CA LEU A 496 10.67 -15.41 16.49
C LEU A 496 10.54 -13.95 16.09
N GLN A 497 11.61 -13.17 16.26
CA GLN A 497 11.56 -11.76 15.86
C GLN A 497 11.75 -11.59 14.35
N THR A 498 12.86 -12.09 13.81
CA THR A 498 13.25 -11.81 12.44
C THR A 498 12.43 -12.56 11.40
N VAL A 499 11.67 -13.59 11.80
CA VAL A 499 10.90 -14.41 10.88
C VAL A 499 9.41 -14.42 11.23
N GLY A 500 9.09 -14.73 12.48
CA GLY A 500 7.69 -14.76 12.88
C GLY A 500 7.04 -13.40 12.83
N GLY A 501 7.76 -12.37 13.24
CA GLY A 501 7.23 -11.01 13.22
C GLY A 501 6.60 -10.60 14.53
N TYR A 502 7.23 -10.97 15.65
CA TYR A 502 6.75 -10.59 16.96
C TYR A 502 7.36 -9.26 17.36
N THR A 503 6.52 -8.24 17.53
CA THR A 503 6.96 -6.89 17.85
C THR A 503 6.79 -6.56 19.33
N GLY A 504 6.42 -7.54 20.16
CA GLY A 504 6.20 -7.32 21.56
C GLY A 504 7.46 -7.51 22.40
N LYS A 505 7.25 -7.54 23.71
CA LYS A 505 8.32 -7.76 24.67
C LYS A 505 8.15 -9.15 25.27
N VAL A 506 9.18 -9.99 25.11
CA VAL A 506 9.15 -11.36 25.60
C VAL A 506 10.57 -11.76 25.97
N CYS A 507 10.67 -12.70 26.91
CA CYS A 507 11.95 -13.25 27.32
C CYS A 507 11.85 -14.76 27.42
N ILE A 508 12.95 -15.44 27.11
CA ILE A 508 13.06 -16.89 27.23
C ILE A 508 14.08 -17.17 28.32
N ILE A 509 13.67 -17.92 29.34
CA ILE A 509 14.54 -18.27 30.46
C ILE A 509 15.04 -19.70 30.26
N PRO A 510 16.34 -19.91 30.08
CA PRO A 510 16.86 -21.27 30.00
C PRO A 510 16.82 -21.95 31.36
N ARG A 511 16.49 -23.24 31.36
CA ARG A 511 16.52 -24.04 32.56
C ARG A 511 16.99 -25.44 32.20
N LEU A 512 17.87 -26.00 33.04
CA LEU A 512 18.37 -27.35 32.87
C LEU A 512 17.65 -28.29 33.81
N ILE A 513 17.38 -29.51 33.35
CA ILE A 513 16.61 -30.48 34.12
C ILE A 513 17.25 -31.86 33.95
N HIS A 514 17.28 -32.61 35.04
CA HIS A 514 17.78 -33.97 35.06
C HIS A 514 16.63 -34.94 35.29
N LEU A 515 16.80 -36.18 34.82
CA LEU A 515 15.72 -37.15 34.91
C LEU A 515 15.33 -37.42 36.36
N SER A 516 16.33 -37.70 37.21
CA SER A 516 16.08 -37.96 38.63
C SER A 516 16.20 -36.68 39.45
N SER A 517 15.48 -35.64 39.03
CA SER A 517 15.52 -34.35 39.71
C SER A 517 14.24 -33.55 39.44
N PRO A 526 19.16 -17.22 39.41
CA PRO A 526 17.93 -17.12 38.62
C PRO A 526 17.75 -15.73 38.00
N LEU A 527 17.74 -15.68 36.67
CA LEU A 527 17.62 -14.41 35.97
C LEU A 527 16.23 -13.81 36.19
N ARG A 528 16.19 -12.49 36.37
CA ARG A 528 14.95 -11.75 36.50
C ARG A 528 14.91 -10.65 35.44
N TYR A 529 13.74 -10.47 34.84
CA TYR A 529 13.49 -9.50 33.79
C TYR A 529 12.53 -8.43 34.29
N PRO A 530 12.42 -7.31 33.57
CA PRO A 530 11.34 -6.37 33.85
C PRO A 530 9.99 -7.03 33.70
N ARG A 531 9.03 -6.59 34.52
CA ARG A 531 7.69 -7.18 34.47
C ARG A 531 7.03 -6.95 33.11
N SER A 532 7.48 -5.94 32.36
CA SER A 532 6.97 -5.71 31.01
C SER A 532 7.36 -6.81 30.03
N TYR A 533 8.29 -7.69 30.40
CA TYR A 533 8.74 -8.77 29.53
C TYR A 533 7.99 -10.08 29.78
N ARG A 534 6.73 -9.99 30.20
CA ARG A 534 5.89 -11.16 30.42
C ARG A 534 4.60 -11.01 29.63
N LEU A 535 4.09 -12.13 29.12
CA LEU A 535 2.86 -12.13 28.35
C LEU A 535 1.70 -11.70 29.23
N ALA A 536 1.20 -10.49 29.02
CA ALA A 536 0.21 -9.92 29.94
C ALA A 536 -1.13 -10.63 29.83
N ASP A 537 -1.62 -10.83 28.60
CA ASP A 537 -2.97 -11.37 28.40
C ASP A 537 -2.91 -12.43 27.30
N GLU A 538 -4.09 -12.84 26.85
CA GLU A 538 -4.18 -13.91 25.85
C GLU A 538 -3.81 -13.42 24.45
N GLU A 539 -4.00 -12.13 24.16
CA GLU A 539 -3.67 -11.61 22.84
C GLU A 539 -2.17 -11.71 22.56
N GLU A 540 -1.34 -11.40 23.57
CA GLU A 540 0.09 -11.56 23.42
C GLU A 540 0.45 -13.02 23.19
N MET A 541 -0.24 -13.93 23.88
CA MET A 541 -0.04 -15.36 23.66
C MET A 541 -0.36 -15.74 22.22
N GLU A 542 -1.48 -15.22 21.69
CA GLU A 542 -1.84 -15.53 20.30
C GLU A 542 -0.81 -14.99 19.33
N ASP A 543 -0.32 -13.77 19.55
CA ASP A 543 0.69 -13.21 18.66
C ASP A 543 1.99 -14.02 18.70
N LEU A 544 2.42 -14.41 19.90
CA LEU A 544 3.63 -15.22 20.03
C LEU A 544 3.45 -16.58 19.37
N LEU A 545 2.27 -17.20 19.53
CA LEU A 545 2.04 -18.50 18.92
C LEU A 545 1.93 -18.39 17.40
N GLN A 546 1.45 -17.27 16.88
CA GLN A 546 1.42 -17.08 15.43
C GLN A 546 2.82 -16.88 14.87
N ALA A 547 3.67 -16.16 15.60
CA ALA A 547 5.08 -16.08 15.23
C ALA A 547 5.72 -17.46 15.25
N LEU A 548 5.38 -18.28 16.25
CA LEU A 548 5.88 -19.65 16.30
C LEU A 548 5.39 -20.47 15.11
N VAL A 549 4.13 -20.27 14.71
CA VAL A 549 3.59 -20.96 13.54
C VAL A 549 4.40 -20.61 12.30
N VAL A 550 4.67 -19.32 12.11
CA VAL A 550 5.47 -18.89 10.97
C VAL A 550 6.86 -19.52 11.03
N VAL A 551 7.49 -19.49 12.20
CA VAL A 551 8.86 -20.00 12.33
C VAL A 551 8.91 -21.48 12.01
N SER A 552 7.96 -22.25 12.52
CA SER A 552 7.96 -23.69 12.25
C SER A 552 7.64 -23.98 10.79
N LEU A 553 6.70 -23.24 10.19
CA LEU A 553 6.43 -23.42 8.77
C LEU A 553 7.61 -23.06 7.90
N SER A 554 8.53 -22.24 8.41
CA SER A 554 9.73 -21.90 7.66
C SER A 554 10.84 -22.94 7.80
N SER A 555 10.72 -23.88 8.72
CA SER A 555 11.74 -24.88 8.99
C SER A 555 11.20 -26.27 8.70
N ARG A 556 12.04 -27.28 8.95
CA ARG A 556 11.72 -28.68 8.69
C ARG A 556 11.88 -29.49 9.96
N SER A 557 10.78 -30.06 10.43
CA SER A 557 10.75 -30.92 11.62
C SER A 557 9.40 -31.63 11.62
N LEU A 558 9.10 -32.34 12.71
CA LEU A 558 7.83 -33.04 12.81
C LEU A 558 6.66 -32.05 12.90
N LEU A 559 6.77 -31.08 13.81
CA LEU A 559 5.73 -30.06 13.92
C LEU A 559 5.60 -29.27 12.63
N SER A 560 6.73 -29.00 11.97
CA SER A 560 6.70 -28.34 10.67
C SER A 560 5.91 -29.17 9.66
N ASP A 561 6.11 -30.49 9.64
CA ASP A 561 5.40 -31.35 8.70
C ASP A 561 3.91 -31.34 8.96
N GLN A 562 3.51 -31.49 10.23
CA GLN A 562 2.08 -31.50 10.54
C GLN A 562 1.43 -30.16 10.20
N MET A 563 2.10 -29.05 10.53
CA MET A 563 1.52 -27.76 10.26
C MET A 563 1.51 -27.45 8.77
N GLY A 564 2.48 -28.00 8.01
CA GLY A 564 2.42 -27.89 6.57
C GLY A 564 1.28 -28.67 5.96
N CYS A 565 0.96 -29.82 6.54
CA CYS A 565 -0.23 -30.55 6.10
C CYS A 565 -1.49 -29.71 6.33
N GLU A 566 -1.58 -29.07 7.49
CA GLU A 566 -2.73 -28.20 7.75
C GLU A 566 -2.76 -27.01 6.80
N PHE A 567 -1.59 -26.45 6.51
CA PHE A 567 -1.47 -25.35 5.55
C PHE A 567 -1.98 -25.75 4.17
N PHE A 568 -1.58 -26.94 3.70
CA PHE A 568 -2.03 -27.43 2.41
C PHE A 568 -3.53 -27.67 2.41
N ASN A 569 -4.07 -28.19 3.52
CA ASN A 569 -5.51 -28.36 3.61
C ASN A 569 -6.24 -27.03 3.50
N LEU A 570 -5.71 -25.98 4.13
CA LEU A 570 -6.30 -24.66 4.00
C LEU A 570 -6.22 -24.13 2.57
N LEU A 571 -5.08 -24.33 1.91
CA LEU A 571 -4.92 -23.83 0.54
C LEU A 571 -5.83 -24.55 -0.45
N ILE A 572 -6.09 -25.83 -0.22
CA ILE A 572 -6.94 -26.60 -1.13
C ILE A 572 -8.34 -26.01 -1.18
N MET A 573 -8.84 -25.52 -0.05
CA MET A 573 -10.19 -24.96 -0.02
C MET A 573 -10.29 -23.71 -0.90
N GLU A 574 -9.30 -22.82 -0.81
CA GLU A 574 -9.30 -21.65 -1.68
C GLU A 574 -9.20 -22.05 -3.14
N GLN A 575 -8.32 -23.00 -3.47
CA GLN A 575 -8.17 -23.41 -4.86
C GLN A 575 -9.46 -24.02 -5.39
N SER A 576 -10.13 -24.84 -4.59
CA SER A 576 -11.39 -25.44 -5.00
C SER A 576 -12.49 -24.39 -5.17
N GLN A 577 -12.52 -23.39 -4.28
CA GLN A 577 -13.50 -22.32 -4.43
C GLN A 577 -13.28 -21.56 -5.73
N LEU A 578 -12.03 -21.26 -6.07
CA LEU A 578 -11.76 -20.58 -7.34
C LEU A 578 -12.14 -21.48 -8.51
N LEU A 579 -11.83 -22.77 -8.43
CA LEU A 579 -12.12 -23.69 -9.53
C LEU A 579 -13.62 -23.89 -9.72
N SER A 580 -14.41 -23.78 -8.65
CA SER A 580 -15.84 -24.04 -8.74
C SER A 580 -16.62 -22.97 -9.48
N GLU A 581 -16.00 -21.84 -9.80
CA GLU A 581 -16.70 -20.81 -10.56
C GLU A 581 -16.95 -21.24 -11.99
N SER A 582 -16.10 -22.11 -12.54
CA SER A 582 -16.27 -22.59 -13.90
C SER A 582 -17.44 -23.56 -14.03
N LEU A 583 -18.04 -24.00 -12.91
CA LEU A 583 -19.17 -24.91 -12.98
C LEU A 583 -20.38 -24.25 -13.66
N GLN A 584 -20.60 -22.97 -13.39
CA GLN A 584 -21.69 -22.24 -14.01
C GLN A 584 -21.36 -21.72 -15.40
N LYS A 585 -20.10 -21.83 -15.83
CA LYS A 585 -19.69 -21.34 -17.14
C LYS A 585 -19.46 -22.43 -18.17
N THR A 586 -19.23 -23.68 -17.75
CA THR A 586 -18.98 -24.77 -18.67
C THR A 586 -19.75 -26.01 -18.22
N ARG A 587 -20.06 -26.87 -19.19
CA ARG A 587 -20.63 -28.19 -18.93
C ARG A 587 -19.66 -29.32 -19.21
N GLU A 588 -18.92 -29.25 -20.31
CA GLU A 588 -17.90 -30.23 -20.66
C GLU A 588 -16.54 -29.55 -20.62
N LEU A 589 -15.62 -30.12 -19.84
CA LEU A 589 -14.34 -29.45 -19.59
C LEU A 589 -13.21 -30.48 -19.59
N PHE A 590 -12.03 -30.02 -20.00
CA PHE A 590 -10.81 -30.83 -20.05
C PHE A 590 -9.74 -30.15 -19.22
N ILE A 591 -9.72 -30.42 -17.92
CA ILE A 591 -8.75 -29.81 -17.02
C ILE A 591 -7.40 -30.49 -17.21
N TYR A 592 -6.36 -29.69 -17.37
CA TYR A 592 -4.98 -30.18 -17.47
C TYR A 592 -4.24 -29.85 -16.17
N CYS A 593 -3.58 -30.85 -15.60
CA CYS A 593 -2.94 -30.73 -14.30
C CYS A 593 -1.44 -30.93 -14.43
N PHE A 594 -0.68 -30.10 -13.73
CA PHE A 594 0.77 -30.25 -13.66
C PHE A 594 1.13 -31.43 -12.76
N PRO A 595 2.39 -31.89 -12.84
CA PRO A 595 2.87 -32.85 -11.84
C PRO A 595 2.85 -32.25 -10.44
N GLY A 596 2.14 -32.91 -9.53
CA GLY A 596 2.05 -32.44 -8.17
C GLY A 596 0.95 -31.43 -7.92
N VAL A 597 -0.30 -31.80 -8.23
CA VAL A 597 -1.43 -30.89 -8.08
C VAL A 597 -2.49 -31.41 -7.11
N ARG A 598 -2.53 -32.71 -6.82
CA ARG A 598 -3.52 -33.32 -5.94
C ARG A 598 -4.93 -33.15 -6.51
N LYS A 599 -5.11 -33.74 -7.69
CA LYS A 599 -6.38 -33.65 -8.39
C LYS A 599 -7.50 -34.39 -7.67
N THR A 600 -7.17 -35.31 -6.77
CA THR A 600 -8.20 -36.08 -6.08
C THR A 600 -8.94 -35.21 -5.06
N ALA A 601 -8.21 -34.43 -4.27
CA ALA A 601 -8.86 -33.53 -3.32
C ALA A 601 -9.67 -32.47 -4.04
N LEU A 602 -9.12 -31.91 -5.12
CA LEU A 602 -9.87 -30.97 -5.94
C LEU A 602 -11.15 -31.60 -6.45
N ALA A 603 -11.07 -32.84 -6.93
CA ALA A 603 -12.26 -33.52 -7.44
C ALA A 603 -13.29 -33.73 -6.35
N ILE A 604 -12.86 -34.10 -5.14
CA ILE A 604 -13.80 -34.32 -4.04
C ILE A 604 -14.53 -33.02 -3.72
N LYS A 605 -13.77 -31.93 -3.58
CA LYS A 605 -14.39 -30.64 -3.31
C LYS A 605 -15.33 -30.23 -4.44
N ILE A 606 -14.96 -30.56 -5.68
CA ILE A 606 -15.80 -30.20 -6.82
C ILE A 606 -17.10 -30.98 -6.81
N MET A 607 -17.06 -32.25 -6.40
CA MET A 607 -18.30 -33.01 -6.27
C MET A 607 -19.18 -32.42 -5.19
N GLU A 608 -18.59 -32.02 -4.07
CA GLU A 608 -19.39 -31.37 -3.02
C GLU A 608 -20.02 -30.09 -3.53
N LYS A 609 -19.25 -29.29 -4.29
CA LYS A 609 -19.78 -28.05 -4.83
C LYS A 609 -20.84 -28.29 -5.90
N ILE A 610 -20.72 -29.37 -6.66
CA ILE A 610 -21.75 -29.73 -7.64
C ILE A 610 -23.03 -30.11 -6.93
N LYS A 611 -22.92 -30.89 -5.86
CA LYS A 611 -24.11 -31.24 -5.08
C LYS A 611 -24.74 -29.99 -4.45
N ASP A 612 -23.91 -29.04 -4.02
CA ASP A 612 -24.44 -27.82 -3.41
C ASP A 612 -25.12 -26.94 -4.45
N LEU A 613 -24.48 -26.73 -5.60
CA LEU A 613 -24.99 -25.82 -6.61
C LEU A 613 -26.16 -26.44 -7.39
N PHE A 614 -25.92 -27.57 -8.05
CA PHE A 614 -26.99 -28.37 -8.61
C PHE A 614 -27.61 -29.18 -7.47
N HIS A 615 -28.85 -28.88 -7.13
CA HIS A 615 -29.52 -29.53 -6.02
C HIS A 615 -29.91 -30.94 -6.45
N CYS A 616 -28.96 -31.87 -6.31
CA CYS A 616 -29.13 -33.24 -6.74
C CYS A 616 -28.64 -34.17 -5.64
N LYS A 617 -29.16 -35.40 -5.66
CA LYS A 617 -28.73 -36.40 -4.72
C LYS A 617 -27.27 -36.74 -4.96
N PRO A 618 -26.49 -37.03 -3.91
CA PRO A 618 -25.08 -37.40 -4.12
C PRO A 618 -24.90 -38.68 -4.92
N LYS A 619 -25.93 -39.52 -5.01
CA LYS A 619 -25.85 -40.74 -5.79
C LYS A 619 -25.76 -40.48 -7.29
N GLU A 620 -26.18 -39.30 -7.74
CA GLU A 620 -26.24 -38.98 -9.16
C GLU A 620 -24.95 -38.37 -9.69
N ILE A 621 -23.90 -38.32 -8.88
CA ILE A 621 -22.58 -37.85 -9.31
C ILE A 621 -21.65 -39.06 -9.31
N LEU A 622 -21.09 -39.36 -10.47
CA LEU A 622 -20.22 -40.53 -10.65
C LEU A 622 -18.76 -40.10 -10.74
N TYR A 623 -17.95 -40.63 -9.85
CA TYR A 623 -16.50 -40.56 -9.97
C TYR A 623 -15.99 -41.81 -10.65
N VAL A 624 -15.31 -41.66 -11.78
CA VAL A 624 -14.76 -42.78 -12.51
C VAL A 624 -13.25 -42.62 -12.56
N CYS A 625 -12.53 -43.62 -12.05
CA CYS A 625 -11.07 -43.63 -12.06
C CYS A 625 -10.56 -44.92 -12.69
N GLU A 626 -9.25 -45.15 -12.58
CA GLU A 626 -8.64 -46.36 -13.14
C GLU A 626 -8.32 -47.41 -12.09
N SER A 627 -7.78 -47.01 -10.95
CA SER A 627 -7.26 -47.93 -9.95
C SER A 627 -8.27 -48.19 -8.85
N ASP A 628 -8.16 -49.37 -8.24
CA ASP A 628 -9.06 -49.77 -7.17
C ASP A 628 -8.71 -49.11 -5.84
N SER A 629 -7.42 -48.89 -5.56
CA SER A 629 -7.03 -48.22 -4.33
C SER A 629 -7.55 -46.80 -4.29
N LEU A 630 -7.42 -46.08 -5.41
CA LEU A 630 -7.97 -44.73 -5.49
C LEU A 630 -9.48 -44.74 -5.33
N LYS A 631 -10.14 -45.72 -5.93
CA LYS A 631 -11.59 -45.82 -5.79
C LYS A 631 -11.99 -46.03 -4.33
N ASP A 632 -11.25 -46.90 -3.62
CA ASP A 632 -11.53 -47.14 -2.20
C ASP A 632 -11.32 -45.88 -1.37
N PHE A 633 -10.20 -45.19 -1.62
CA PHE A 633 -9.95 -43.93 -0.94
C PHE A 633 -11.12 -42.96 -1.16
N VAL A 634 -11.57 -42.86 -2.41
CA VAL A 634 -12.61 -41.89 -2.75
C VAL A 634 -13.94 -42.27 -2.10
N THR A 635 -14.31 -43.55 -2.13
CA THR A 635 -15.59 -43.92 -1.52
C THR A 635 -15.52 -43.77 0.00
N GLN A 636 -14.33 -43.88 0.58
CA GLN A 636 -14.18 -43.53 1.99
C GLN A 636 -14.34 -42.04 2.22
N GLN A 637 -13.96 -41.22 1.23
CA GLN A 637 -14.06 -39.78 1.41
C GLN A 637 -15.48 -39.25 1.16
N THR A 638 -15.97 -39.38 -0.07
CA THR A 638 -17.19 -38.70 -0.48
C THR A 638 -18.38 -39.67 -0.49
N THR A 639 -19.56 -39.12 -0.23
CA THR A 639 -20.78 -39.90 -0.31
C THR A 639 -21.17 -40.24 -1.74
N CYS A 640 -20.62 -39.52 -2.72
CA CYS A 640 -20.96 -39.77 -4.11
C CYS A 640 -20.43 -41.12 -4.56
N GLN A 641 -21.12 -41.70 -5.56
CA GLN A 641 -20.72 -42.99 -6.08
C GLN A 641 -19.38 -42.92 -6.78
N ALA A 642 -18.53 -43.92 -6.53
CA ALA A 642 -17.21 -44.01 -7.13
C ALA A 642 -17.01 -45.42 -7.64
N VAL A 643 -16.72 -45.55 -8.95
CA VAL A 643 -16.51 -46.85 -9.57
C VAL A 643 -15.20 -46.80 -10.34
N THR A 644 -14.65 -47.99 -10.59
CA THR A 644 -13.48 -48.10 -11.45
C THR A 644 -13.90 -48.09 -12.91
N ARG A 645 -12.92 -47.95 -13.80
CA ARG A 645 -13.23 -47.87 -15.23
C ARG A 645 -13.89 -49.15 -15.72
N LYS A 646 -13.41 -50.30 -15.27
CA LYS A 646 -13.99 -51.57 -15.71
C LYS A 646 -15.41 -51.74 -15.19
N THR A 647 -15.68 -51.25 -13.97
CA THR A 647 -17.04 -51.29 -13.46
C THR A 647 -17.95 -50.34 -14.23
N PHE A 648 -17.42 -49.17 -14.63
CA PHE A 648 -18.19 -48.21 -15.41
C PHE A 648 -18.68 -48.85 -16.71
N MET A 649 -17.76 -49.47 -17.45
CA MET A 649 -18.15 -50.29 -18.58
C MET A 649 -18.82 -51.56 -18.09
N GLN A 650 -19.52 -52.24 -18.99
CA GLN A 650 -20.40 -53.37 -18.68
C GLN A 650 -21.20 -53.11 -17.41
N GLY A 651 -21.68 -51.87 -17.26
CA GLY A 651 -22.50 -51.50 -16.12
C GLY A 651 -23.65 -50.65 -16.57
N GLU A 652 -24.72 -50.67 -15.78
CA GLU A 652 -25.97 -49.98 -16.11
C GLU A 652 -26.08 -48.74 -15.22
N PHE A 653 -26.07 -47.56 -15.85
CA PHE A 653 -26.15 -46.28 -15.15
C PHE A 653 -27.21 -45.44 -15.85
N LEU A 654 -28.45 -45.53 -15.37
CA LEU A 654 -29.57 -44.81 -15.97
C LEU A 654 -30.06 -43.63 -15.16
N LYS A 655 -29.63 -43.49 -13.90
CA LYS A 655 -30.08 -42.43 -13.02
C LYS A 655 -28.93 -41.51 -12.63
N ILE A 656 -28.10 -41.14 -13.60
CA ILE A 656 -26.87 -40.42 -13.34
C ILE A 656 -26.84 -39.16 -14.20
N LYS A 657 -26.54 -38.02 -13.58
CA LYS A 657 -26.57 -36.72 -14.25
C LYS A 657 -25.18 -36.11 -14.45
N HIS A 658 -24.32 -36.17 -13.44
CA HIS A 658 -23.01 -35.54 -13.49
C HIS A 658 -21.91 -36.59 -13.35
N ILE A 659 -20.86 -36.46 -14.15
CA ILE A 659 -19.76 -37.40 -14.16
C ILE A 659 -18.44 -36.63 -14.05
N VAL A 660 -17.60 -37.04 -13.12
CA VAL A 660 -16.23 -36.56 -13.00
C VAL A 660 -15.30 -37.75 -13.21
N MET A 661 -14.36 -37.60 -14.14
CA MET A 661 -13.35 -38.61 -14.43
C MET A 661 -11.98 -38.12 -14.01
N ASP A 662 -11.29 -38.93 -13.23
CA ASP A 662 -9.89 -38.73 -12.88
C ASP A 662 -9.08 -39.90 -13.42
N GLU A 663 -7.80 -39.65 -13.65
CA GLU A 663 -6.89 -40.65 -14.20
C GLU A 663 -7.37 -41.14 -15.57
N THR A 664 -7.91 -40.22 -16.36
CA THR A 664 -8.25 -40.52 -17.75
C THR A 664 -7.02 -40.74 -18.60
N GLU A 665 -5.84 -40.56 -18.02
CA GLU A 665 -4.59 -40.86 -18.69
C GLU A 665 -4.56 -42.31 -19.16
N ASN A 666 -4.87 -43.22 -18.25
CA ASN A 666 -4.64 -44.65 -18.42
C ASN A 666 -5.90 -45.40 -18.81
N PHE A 667 -6.97 -44.70 -19.17
CA PHE A 667 -8.20 -45.37 -19.55
C PHE A 667 -7.98 -46.21 -20.80
N CYS A 668 -8.54 -47.41 -20.81
CA CYS A 668 -8.33 -48.38 -21.88
C CYS A 668 -9.58 -48.46 -22.74
N SER A 669 -9.39 -48.34 -24.05
CA SER A 669 -10.48 -48.43 -25.00
C SER A 669 -10.70 -49.85 -25.53
N LYS A 670 -9.96 -50.82 -25.00
CA LYS A 670 -10.06 -52.20 -25.46
C LYS A 670 -11.28 -52.93 -24.92
N TYR A 671 -12.21 -52.23 -24.27
CA TYR A 671 -13.41 -52.84 -23.74
C TYR A 671 -14.64 -51.98 -24.01
N GLY A 672 -14.58 -51.15 -25.02
CA GLY A 672 -15.64 -50.21 -25.34
C GLY A 672 -15.14 -48.77 -25.38
N ASN A 673 -16.04 -47.88 -25.78
CA ASN A 673 -15.74 -46.45 -25.87
C ASN A 673 -16.30 -45.78 -24.62
N TRP A 674 -15.43 -45.57 -23.63
CA TRP A 674 -15.87 -44.94 -22.39
C TRP A 674 -16.25 -43.48 -22.59
N TYR A 675 -15.53 -42.77 -23.48
CA TYR A 675 -15.86 -41.38 -23.75
C TYR A 675 -17.26 -41.25 -24.36
N MET A 676 -17.59 -42.13 -25.31
CA MET A 676 -18.91 -42.11 -25.91
C MET A 676 -19.99 -42.45 -24.90
N LYS A 677 -19.73 -43.41 -24.02
CA LYS A 677 -20.69 -43.75 -22.97
C LYS A 677 -20.92 -42.57 -22.04
N ALA A 678 -19.85 -41.88 -21.65
CA ALA A 678 -19.99 -40.71 -20.79
C ALA A 678 -20.77 -39.60 -21.48
N LYS A 679 -20.48 -39.37 -22.75
CA LYS A 679 -21.20 -38.33 -23.49
C LYS A 679 -22.69 -38.67 -23.61
N ASN A 680 -23.01 -39.93 -23.89
CA ASN A 680 -24.42 -40.32 -23.97
C ASN A 680 -25.11 -40.20 -22.62
N ILE A 681 -24.40 -40.47 -21.52
CA ILE A 681 -25.01 -40.35 -20.21
C ILE A 681 -25.27 -38.88 -19.88
N THR A 682 -24.30 -38.01 -20.16
CA THR A 682 -24.45 -36.60 -19.84
C THR A 682 -25.23 -35.82 -20.88
N HIS A 683 -25.60 -36.45 -22.00
CA HIS A 683 -26.38 -35.81 -23.06
C HIS A 683 -27.58 -36.70 -23.36
N PRO A 684 -28.62 -36.64 -22.51
CA PRO A 684 -29.83 -37.44 -22.74
C PRO A 684 -30.64 -36.96 -23.94
N HIS A 695 -31.58 -32.05 -20.94
CA HIS A 695 -30.59 -31.99 -19.87
C HIS A 695 -29.17 -31.99 -20.43
N HIS A 696 -28.29 -31.19 -19.82
CA HIS A 696 -26.89 -31.13 -20.19
C HIS A 696 -26.07 -31.21 -18.92
N GLY A 697 -25.41 -32.35 -18.70
CA GLY A 697 -24.70 -32.61 -17.47
C GLY A 697 -23.24 -32.22 -17.52
N ILE A 698 -22.58 -32.40 -16.39
CA ILE A 698 -21.17 -32.07 -16.22
C ILE A 698 -20.33 -33.26 -16.64
N LEU A 699 -19.26 -33.00 -17.40
CA LEU A 699 -18.37 -34.03 -17.93
C LEU A 699 -16.91 -33.62 -17.73
N TRP A 700 -16.56 -33.19 -16.53
CA TRP A 700 -15.22 -32.72 -16.26
C TRP A 700 -14.22 -33.86 -16.28
N LEU A 701 -13.10 -33.66 -16.98
CA LEU A 701 -12.03 -34.65 -17.10
C LEU A 701 -10.74 -34.05 -16.59
N PHE A 702 -10.09 -34.74 -15.65
CA PHE A 702 -8.80 -34.33 -15.12
C PHE A 702 -7.70 -35.13 -15.80
N LEU A 703 -6.76 -34.43 -16.43
CA LEU A 703 -5.72 -35.05 -17.24
C LEU A 703 -4.35 -34.53 -16.84
N ASP A 704 -3.41 -35.44 -16.62
CA ASP A 704 -2.00 -35.11 -16.42
C ASP A 704 -1.21 -35.95 -17.39
N PRO A 705 -0.92 -35.43 -18.59
CA PRO A 705 -0.30 -36.25 -19.64
C PRO A 705 1.10 -36.74 -19.33
N PHE A 706 1.68 -36.41 -18.17
CA PHE A 706 3.00 -36.86 -17.80
C PHE A 706 3.00 -38.17 -17.03
N GLN A 707 1.84 -38.78 -16.81
CA GLN A 707 1.71 -39.93 -15.93
C GLN A 707 1.08 -41.13 -16.65
N ILE A 708 1.44 -41.33 -17.91
CA ILE A 708 0.86 -42.40 -18.71
C ILE A 708 1.64 -43.68 -18.44
N HIS A 709 0.94 -44.72 -17.98
CA HIS A 709 1.55 -46.00 -17.67
C HIS A 709 1.01 -47.15 -18.50
N HIS A 710 -0.30 -47.22 -18.73
CA HIS A 710 -0.87 -48.27 -19.55
C HIS A 710 -0.44 -48.11 -21.00
N ALA A 711 -0.20 -49.23 -21.67
CA ALA A 711 0.22 -49.22 -23.08
C ALA A 711 -0.98 -49.33 -24.01
N ASP A 712 -1.96 -48.45 -23.82
CA ASP A 712 -3.17 -48.45 -24.64
C ASP A 712 -3.64 -47.02 -24.84
N VAL A 713 -4.34 -46.80 -25.94
CA VAL A 713 -4.95 -45.51 -26.22
C VAL A 713 -6.32 -45.45 -25.54
N ASN A 714 -6.80 -44.23 -25.33
CA ASN A 714 -8.08 -44.02 -24.69
C ASN A 714 -9.16 -43.83 -25.76
N GLY A 715 -10.40 -43.69 -25.32
CA GLY A 715 -11.48 -43.24 -26.17
C GLY A 715 -11.52 -41.74 -26.32
N LEU A 716 -10.47 -41.06 -25.86
CA LEU A 716 -10.43 -39.61 -25.89
C LEU A 716 -10.48 -39.10 -27.32
N PRO A 717 -11.20 -38.02 -27.59
CA PRO A 717 -11.10 -37.36 -28.89
C PRO A 717 -9.73 -36.77 -29.09
N PRO A 718 -9.32 -36.52 -30.32
CA PRO A 718 -7.97 -35.98 -30.58
C PRO A 718 -7.74 -34.69 -29.83
N PRO A 719 -6.47 -34.31 -29.59
CA PRO A 719 -6.20 -33.11 -28.79
C PRO A 719 -6.83 -31.85 -29.35
N SER A 720 -7.00 -31.75 -30.67
CA SER A 720 -7.62 -30.58 -31.26
C SER A 720 -9.10 -30.47 -30.91
N ALA A 721 -9.75 -31.57 -30.55
CA ALA A 721 -11.17 -31.57 -30.21
C ALA A 721 -11.41 -31.56 -28.71
N GLN A 722 -10.37 -31.37 -27.90
CA GLN A 722 -10.50 -31.39 -26.45
C GLN A 722 -10.67 -29.97 -25.91
N PHE A 723 -11.88 -29.43 -26.13
CA PHE A 723 -12.20 -28.07 -25.73
C PHE A 723 -13.58 -28.02 -25.09
N PRO A 724 -13.80 -27.11 -24.15
CA PRO A 724 -12.85 -26.14 -23.56
C PRO A 724 -11.89 -26.79 -22.56
N ARG A 725 -10.87 -26.07 -22.10
CA ARG A 725 -9.89 -26.64 -21.19
C ARG A 725 -9.36 -25.58 -20.23
N LYS A 726 -8.82 -26.04 -19.11
CA LYS A 726 -8.03 -25.22 -18.21
C LYS A 726 -6.67 -25.86 -18.01
N THR A 727 -5.79 -25.12 -17.35
CA THR A 727 -4.44 -25.57 -17.02
C THR A 727 -4.17 -25.15 -15.58
N ILE A 728 -4.45 -26.07 -14.66
CA ILE A 728 -4.25 -25.81 -13.24
C ILE A 728 -2.74 -25.81 -12.96
N THR A 729 -2.18 -24.63 -12.72
CA THR A 729 -0.76 -24.47 -12.44
C THR A 729 -0.48 -24.50 -10.95
N SER A 730 -1.14 -23.65 -10.19
CA SER A 730 -1.04 -23.69 -8.74
C SER A 730 -1.69 -24.97 -8.20
N GLY A 731 -1.21 -25.39 -7.03
CA GLY A 731 -1.70 -26.61 -6.42
C GLY A 731 -0.57 -27.53 -6.01
N ILE A 732 0.66 -27.01 -6.13
CA ILE A 732 1.85 -27.77 -5.73
C ILE A 732 1.87 -27.85 -4.21
N HIS A 733 1.61 -29.04 -3.67
CA HIS A 733 1.59 -29.27 -2.24
C HIS A 733 2.70 -30.23 -1.83
N CYS A 734 3.88 -30.04 -2.40
CA CYS A 734 5.06 -30.84 -2.11
C CYS A 734 6.15 -29.92 -1.56
N ALA A 735 7.29 -30.51 -1.23
CA ALA A 735 8.42 -29.73 -0.75
C ALA A 735 9.10 -29.02 -1.92
N LEU A 736 9.97 -28.06 -1.59
CA LEU A 736 10.66 -27.30 -2.62
C LEU A 736 11.56 -28.19 -3.46
N GLU A 737 12.29 -29.11 -2.81
CA GLU A 737 13.22 -29.98 -3.54
C GLU A 737 12.48 -30.99 -4.40
N ILE A 738 11.34 -31.49 -3.91
CA ILE A 738 10.52 -32.38 -4.72
C ILE A 738 10.00 -31.64 -5.94
N ALA A 739 9.61 -30.38 -5.77
CA ALA A 739 9.20 -29.56 -6.91
C ALA A 739 10.36 -29.36 -7.88
N LYS A 740 11.57 -29.20 -7.35
CA LYS A 740 12.76 -29.10 -8.21
C LYS A 740 12.94 -30.35 -9.04
N VAL A 741 12.81 -31.52 -8.42
CA VAL A 741 12.93 -32.77 -9.15
C VAL A 741 11.85 -32.89 -10.22
N MET A 742 10.62 -32.51 -9.87
CA MET A 742 9.53 -32.54 -10.82
C MET A 742 9.81 -31.63 -12.01
N LYS A 743 10.31 -30.42 -11.74
CA LYS A 743 10.62 -29.48 -12.81
C LYS A 743 11.73 -29.99 -13.72
N GLU A 744 12.78 -30.57 -13.13
CA GLU A 744 13.86 -31.11 -13.95
C GLU A 744 13.36 -32.27 -14.82
N GLU A 745 12.54 -33.15 -14.24
CA GLU A 745 12.01 -34.26 -15.03
C GLU A 745 11.09 -33.76 -16.14
N MET A 746 10.28 -32.73 -15.86
CA MET A 746 9.44 -32.15 -16.90
C MET A 746 10.28 -31.57 -18.03
N LYS A 747 11.37 -30.87 -17.69
CA LYS A 747 12.25 -30.34 -18.71
C LYS A 747 12.86 -31.45 -19.55
N ARG A 748 13.29 -32.53 -18.90
CA ARG A 748 13.87 -33.65 -19.63
C ARG A 748 12.86 -34.29 -20.57
N ILE A 749 11.62 -34.46 -20.11
CA ILE A 749 10.58 -35.05 -20.95
C ILE A 749 10.27 -34.15 -22.12
N LYS A 750 10.16 -32.84 -21.89
CA LYS A 750 9.84 -31.91 -22.96
C LYS A 750 10.96 -31.86 -24.00
N GLU A 751 12.22 -31.94 -23.55
CA GLU A 751 13.33 -31.89 -24.49
C GLU A 751 13.31 -33.09 -25.43
N ASN A 752 13.04 -34.28 -24.91
CA ASN A 752 13.01 -35.52 -25.69
C ASN A 752 11.64 -36.15 -25.52
N PRO A 753 10.66 -35.80 -26.35
CA PRO A 753 9.31 -36.32 -26.16
C PRO A 753 9.27 -37.83 -26.33
N PRO A 754 8.45 -38.53 -25.55
CA PRO A 754 8.30 -39.97 -25.73
C PRO A 754 7.29 -40.33 -26.79
N SER A 755 7.08 -41.63 -27.02
CA SER A 755 6.18 -42.07 -28.09
C SER A 755 4.72 -41.86 -27.71
N ASN A 756 4.34 -42.15 -26.47
CA ASN A 756 2.95 -42.09 -26.07
C ASN A 756 2.48 -40.68 -25.72
N MET A 757 3.39 -39.71 -25.62
CA MET A 757 3.03 -38.33 -25.34
C MET A 757 3.19 -37.51 -26.62
N SER A 758 2.09 -36.92 -27.09
CA SER A 758 2.12 -36.14 -28.30
C SER A 758 2.72 -34.76 -28.05
N PRO A 759 3.36 -34.17 -29.06
CA PRO A 759 3.92 -32.82 -28.87
C PRO A 759 2.90 -31.76 -28.54
N ASP A 760 1.66 -31.90 -29.03
CA ASP A 760 0.64 -30.89 -28.79
C ASP A 760 0.29 -30.79 -27.30
N THR A 761 0.18 -31.94 -26.63
CA THR A 761 -0.22 -31.93 -25.22
C THR A 761 0.91 -31.45 -24.32
N LEU A 762 2.17 -31.68 -24.72
CA LEU A 762 3.30 -31.15 -23.97
C LEU A 762 3.69 -29.76 -24.46
N ALA A 763 2.68 -28.89 -24.56
CA ALA A 763 2.90 -27.49 -24.91
C ALA A 763 2.08 -26.53 -24.06
N LEU A 764 1.17 -27.02 -23.22
CA LEU A 764 0.36 -26.19 -22.35
C LEU A 764 0.98 -26.02 -20.97
N PHE A 765 2.15 -26.59 -20.74
CA PHE A 765 2.81 -26.53 -19.44
C PHE A 765 4.10 -25.71 -19.57
N SER A 766 4.22 -24.67 -18.76
CA SER A 766 5.33 -23.74 -18.82
C SER A 766 6.20 -23.88 -17.57
N GLU A 767 7.51 -23.81 -17.76
CA GLU A 767 8.44 -23.94 -16.63
C GLU A 767 8.37 -22.72 -15.72
N THR A 768 8.21 -21.52 -16.30
CA THR A 768 8.12 -20.31 -15.48
C THR A 768 6.88 -20.33 -14.60
N ALA A 769 5.75 -20.76 -15.15
CA ALA A 769 4.53 -20.87 -14.34
C ALA A 769 4.70 -21.91 -13.25
N TYR A 770 5.37 -23.02 -13.54
CA TYR A 770 5.62 -24.04 -12.53
C TYR A 770 6.51 -23.50 -11.42
N GLU A 771 7.54 -22.73 -11.77
CA GLU A 771 8.40 -22.14 -10.75
C GLU A 771 7.64 -21.12 -9.90
N GLU A 772 6.76 -20.33 -10.54
CA GLU A 772 5.95 -19.37 -9.79
C GLU A 772 5.02 -20.09 -8.81
N ALA A 773 4.40 -21.19 -9.26
CA ALA A 773 3.54 -21.95 -8.36
C ALA A 773 4.34 -22.64 -7.27
N THR A 774 5.58 -23.03 -7.57
CA THR A 774 6.44 -23.67 -6.57
C THR A 774 6.80 -22.69 -5.47
N CYS A 775 7.29 -21.51 -5.84
CA CYS A 775 7.62 -20.51 -4.81
C CYS A 775 6.41 -19.65 -4.46
N ALA A 776 5.28 -20.32 -4.25
CA ALA A 776 4.12 -19.72 -3.61
C ALA A 776 3.39 -20.66 -2.66
N GLN A 777 3.62 -21.97 -2.73
CA GLN A 777 2.92 -22.94 -1.89
C GLN A 777 3.83 -24.01 -1.30
N ALA A 778 5.05 -24.19 -1.81
CA ALA A 778 5.92 -25.24 -1.31
C ALA A 778 6.57 -24.84 0.01
N LEU A 779 7.03 -25.84 0.73
CA LEU A 779 7.66 -25.69 2.04
C LEU A 779 8.94 -26.52 2.05
N PRO A 780 9.90 -26.17 2.92
CA PRO A 780 11.15 -26.93 2.96
C PRO A 780 10.95 -28.39 3.31
N GLY A 781 11.76 -29.24 2.67
CA GLY A 781 11.72 -30.67 2.92
C GLY A 781 13.06 -31.33 2.64
N VAL A 782 13.07 -32.64 2.39
CA VAL A 782 14.30 -33.38 2.15
C VAL A 782 14.10 -34.33 0.97
N CYS A 783 15.01 -34.26 0.00
CA CYS A 783 15.12 -35.24 -1.07
C CYS A 783 16.56 -35.72 -1.12
N GLU A 784 16.75 -37.03 -1.14
CA GLU A 784 18.10 -37.61 -1.12
C GLU A 784 18.14 -38.83 -2.03
N THR A 785 19.09 -38.83 -2.96
CA THR A 785 19.26 -39.91 -3.92
C THR A 785 20.58 -40.62 -3.68
N LYS A 786 20.52 -41.95 -3.53
CA LYS A 786 21.70 -42.79 -3.39
C LYS A 786 21.72 -43.82 -4.50
N THR A 787 22.90 -44.04 -5.07
CA THR A 787 23.08 -44.91 -6.23
C THR A 787 24.14 -45.96 -5.93
N ASN A 788 24.06 -47.08 -6.66
CA ASN A 788 25.00 -48.19 -6.55
C ASN A 788 25.01 -48.76 -5.13
N LEU A 789 23.86 -49.29 -4.72
CA LEU A 789 23.68 -49.86 -3.40
C LEU A 789 23.21 -51.30 -3.50
N THR A 790 23.39 -52.04 -2.42
CA THR A 790 22.98 -53.44 -2.33
C THR A 790 21.63 -53.54 -1.62
N THR A 791 21.02 -54.73 -1.72
CA THR A 791 19.70 -54.93 -1.13
C THR A 791 19.73 -54.81 0.39
N GLU A 792 20.65 -55.52 1.04
CA GLU A 792 20.75 -55.45 2.50
C GLU A 792 21.12 -54.06 2.97
N GLN A 793 22.03 -53.40 2.25
CA GLN A 793 22.40 -52.02 2.60
C GLN A 793 21.20 -51.10 2.47
N ILE A 794 20.40 -51.27 1.42
CA ILE A 794 19.21 -50.44 1.23
C ILE A 794 18.21 -50.66 2.34
N ALA A 795 18.00 -51.93 2.72
CA ALA A 795 17.05 -52.22 3.80
C ALA A 795 17.52 -51.64 5.12
N ASN A 796 18.84 -51.72 5.38
CA ASN A 796 19.38 -51.13 6.60
C ASN A 796 19.24 -49.62 6.60
N TYR A 797 19.45 -48.98 5.45
CA TYR A 797 19.23 -47.54 5.33
C TYR A 797 17.78 -47.19 5.65
N VAL A 798 16.84 -47.96 5.09
CA VAL A 798 15.43 -47.69 5.34
C VAL A 798 15.11 -47.86 6.82
N ALA A 799 15.61 -48.92 7.44
CA ALA A 799 15.34 -49.16 8.86
C ALA A 799 15.92 -48.06 9.73
N ARG A 800 17.15 -47.62 9.44
CA ARG A 800 17.78 -46.58 10.25
C ARG A 800 17.05 -45.25 10.11
N LYS A 801 16.69 -44.87 8.88
CA LYS A 801 15.94 -43.63 8.69
C LYS A 801 14.59 -43.70 9.37
N CYS A 802 13.91 -44.85 9.27
CA CYS A 802 12.65 -45.02 9.96
C CYS A 802 12.82 -44.85 11.46
N HIS A 803 13.87 -45.47 12.03
CA HIS A 803 14.10 -45.37 13.46
C HIS A 803 14.33 -43.92 13.88
N SER A 804 15.14 -43.19 13.12
CA SER A 804 15.37 -41.78 13.43
C SER A 804 14.08 -40.98 13.38
N LEU A 805 13.24 -41.23 12.36
CA LEU A 805 11.97 -40.52 12.26
C LEU A 805 11.04 -40.84 13.42
N PHE A 806 10.93 -42.12 13.79
CA PHE A 806 10.06 -42.48 14.91
C PHE A 806 10.57 -41.87 16.21
N GLN A 807 11.89 -41.77 16.38
CA GLN A 807 12.42 -41.08 17.54
C GLN A 807 12.06 -39.60 17.52
N CYS A 808 12.09 -38.98 16.33
CA CYS A 808 11.72 -37.58 16.24
C CYS A 808 10.22 -37.33 16.36
N GLY A 809 9.41 -38.38 16.37
CA GLY A 809 7.98 -38.25 16.59
C GLY A 809 7.10 -38.65 15.42
N TYR A 810 7.65 -39.08 14.30
CA TYR A 810 6.83 -39.46 13.15
C TYR A 810 6.11 -40.77 13.42
N LEU A 811 5.00 -40.98 12.69
CA LEU A 811 4.17 -42.15 12.85
C LEU A 811 4.45 -43.18 11.76
N PRO A 812 4.08 -44.43 11.97
CA PRO A 812 4.17 -45.43 10.89
C PRO A 812 3.33 -45.08 9.68
N LYS A 813 2.17 -44.44 9.86
CA LYS A 813 1.28 -44.06 8.76
C LYS A 813 1.78 -42.88 7.97
N ASP A 814 3.02 -42.48 8.24
CA ASP A 814 3.72 -41.45 7.49
C ASP A 814 4.53 -42.05 6.35
N ILE A 815 5.17 -43.17 6.59
CA ILE A 815 6.16 -43.71 5.66
C ILE A 815 5.50 -44.66 4.67
N ALA A 816 6.06 -44.70 3.47
CA ALA A 816 5.62 -45.64 2.44
C ALA A 816 6.82 -46.00 1.57
N ILE A 817 7.03 -47.30 1.36
CA ILE A 817 8.11 -47.81 0.53
C ILE A 817 7.49 -48.36 -0.74
N LEU A 818 7.93 -47.87 -1.89
CA LEU A 818 7.39 -48.26 -3.18
C LEU A 818 8.52 -48.76 -4.07
N CYS A 819 8.31 -49.94 -4.65
CA CYS A 819 9.26 -50.53 -5.59
C CYS A 819 8.75 -50.37 -7.01
N ARG A 820 9.66 -50.05 -7.93
CA ARG A 820 9.27 -49.83 -9.31
C ARG A 820 8.68 -51.10 -9.93
N ARG A 821 9.29 -52.25 -9.68
CA ARG A 821 8.82 -53.52 -10.21
C ARG A 821 8.10 -54.30 -9.12
N GLY A 822 6.86 -54.69 -9.41
CA GLY A 822 6.05 -55.38 -8.40
C GLY A 822 6.63 -56.71 -7.99
N GLU A 823 7.24 -57.43 -8.94
CA GLU A 823 7.83 -58.73 -8.64
C GLU A 823 8.95 -58.62 -7.62
N ASP A 824 9.54 -57.44 -7.45
CA ASP A 824 10.57 -57.19 -6.46
C ASP A 824 10.01 -56.91 -5.07
N ARG A 825 8.70 -57.06 -4.88
CA ARG A 825 8.09 -56.73 -3.59
C ARG A 825 8.55 -57.69 -2.50
N GLY A 826 8.23 -58.99 -2.66
CA GLY A 826 8.45 -59.93 -1.58
C GLY A 826 9.89 -59.97 -1.11
N ARG A 827 10.83 -60.02 -2.06
CA ARG A 827 12.24 -59.97 -1.71
C ARG A 827 12.54 -58.72 -0.88
N TYR A 828 12.15 -57.55 -1.39
CA TYR A 828 12.40 -56.32 -0.65
C TYR A 828 11.68 -56.30 0.68
N ARG A 829 10.62 -57.10 0.84
CA ARG A 829 9.99 -57.22 2.14
C ARG A 829 10.88 -57.98 3.12
N LEU A 830 11.44 -59.11 2.68
CA LEU A 830 12.19 -59.96 3.60
C LEU A 830 13.41 -59.23 4.13
N ALA A 831 14.20 -58.63 3.23
CA ALA A 831 15.35 -57.85 3.66
C ALA A 831 14.95 -56.71 4.59
N LEU A 832 13.72 -56.22 4.46
CA LEU A 832 13.22 -55.22 5.40
C LEU A 832 13.04 -55.83 6.78
N LEU A 833 12.37 -56.98 6.86
CA LEU A 833 12.08 -57.59 8.15
C LEU A 833 13.35 -57.97 8.89
N LYS A 834 14.42 -58.29 8.16
CA LYS A 834 15.70 -58.53 8.81
C LYS A 834 16.30 -57.23 9.32
N ALA A 835 16.23 -56.16 8.51
CA ALA A 835 16.87 -54.91 8.89
C ALA A 835 16.29 -54.36 10.18
N MET A 836 14.96 -54.23 10.25
CA MET A 836 14.32 -53.79 11.48
C MET A 836 14.51 -54.78 12.62
N GLU A 837 14.87 -56.03 12.32
CA GLU A 837 15.26 -56.96 13.37
C GLU A 837 16.62 -56.61 13.94
N LEU A 838 17.55 -56.19 13.09
CA LEU A 838 18.89 -55.83 13.57
C LEU A 838 18.85 -54.58 14.44
N ILE A 839 18.07 -53.59 14.03
CA ILE A 839 17.97 -52.34 14.77
C ILE A 839 17.21 -52.56 16.08
N VAL A 848 5.39 -54.38 10.55
CA VAL A 848 4.26 -54.85 9.77
C VAL A 848 4.03 -53.97 8.56
N PHE A 849 4.02 -54.57 7.37
CA PHE A 849 3.82 -53.87 6.13
C PHE A 849 2.46 -54.21 5.55
N SER A 850 1.83 -53.24 4.90
CA SER A 850 0.45 -53.38 4.48
C SER A 850 0.32 -53.14 2.98
N PRO A 851 -0.69 -53.73 2.32
CA PRO A 851 -0.88 -53.50 0.88
C PRO A 851 -1.36 -52.09 0.56
N ALA A 852 -1.64 -51.84 -0.73
CA ALA A 852 -2.01 -50.50 -1.17
C ALA A 852 -3.29 -50.01 -0.52
N THR A 853 -4.14 -50.91 -0.05
CA THR A 853 -5.35 -50.52 0.68
C THR A 853 -5.07 -50.44 2.19
N GLY A 854 -3.98 -49.76 2.54
CA GLY A 854 -3.59 -49.59 3.92
C GLY A 854 -3.01 -48.23 4.20
N VAL A 855 -3.13 -47.31 3.24
CA VAL A 855 -2.60 -45.96 3.41
C VAL A 855 -3.33 -45.20 4.49
N TRP A 856 -4.56 -45.61 4.82
CA TRP A 856 -5.31 -44.99 5.91
C TRP A 856 -5.07 -45.69 7.24
N GLY A 857 -4.36 -46.82 7.24
CA GLY A 857 -4.06 -47.52 8.48
C GLY A 857 -2.75 -47.08 9.10
N SER A 858 -2.48 -47.60 10.29
CA SER A 858 -1.29 -47.26 11.05
C SER A 858 -0.17 -48.27 10.79
N HIS A 859 0.18 -48.44 9.53
CA HIS A 859 1.25 -49.36 9.14
C HIS A 859 1.99 -48.77 7.94
N ILE A 860 3.24 -49.21 7.78
CA ILE A 860 4.02 -48.81 6.61
C ILE A 860 3.49 -49.54 5.38
N VAL A 861 3.24 -48.78 4.31
CA VAL A 861 2.71 -49.33 3.07
C VAL A 861 3.87 -49.69 2.16
N LEU A 862 3.89 -50.94 1.69
CA LEU A 862 4.94 -51.43 0.79
C LEU A 862 4.25 -52.01 -0.45
N ASP A 863 4.29 -51.29 -1.55
CA ASP A 863 3.61 -51.69 -2.78
C ASP A 863 4.42 -51.16 -3.96
N SER A 864 3.80 -51.13 -5.14
CA SER A 864 4.44 -50.67 -6.36
C SER A 864 3.89 -49.31 -6.75
N ILE A 865 4.58 -48.67 -7.71
CA ILE A 865 4.12 -47.40 -8.24
C ILE A 865 2.77 -47.55 -8.92
N GLN A 866 2.60 -48.62 -9.69
CA GLN A 866 1.35 -48.84 -10.40
C GLN A 866 0.19 -49.03 -9.42
N GLN A 867 0.43 -49.74 -8.32
CA GLN A 867 -0.61 -49.99 -7.33
C GLN A 867 -0.82 -48.82 -6.37
N PHE A 868 0.09 -47.83 -6.38
CA PHE A 868 0.00 -46.69 -5.47
C PHE A 868 -0.44 -45.41 -6.18
N SER A 869 -0.95 -45.51 -7.41
CA SER A 869 -1.33 -44.33 -8.15
C SER A 869 -2.54 -43.66 -7.51
N GLY A 870 -2.47 -42.33 -7.38
CA GLY A 870 -3.55 -41.54 -6.83
C GLY A 870 -3.51 -41.35 -5.32
N LEU A 871 -2.61 -42.03 -4.62
CA LEU A 871 -2.47 -41.92 -3.18
C LEU A 871 -1.21 -41.12 -2.84
N GLU A 872 -0.99 -40.88 -1.56
CA GLU A 872 0.16 -40.08 -1.17
C GLU A 872 0.47 -40.29 0.31
N ARG A 873 1.75 -40.12 0.66
CA ARG A 873 2.22 -40.15 2.02
C ARG A 873 3.37 -39.16 2.18
N THR A 874 3.62 -38.76 3.44
CA THR A 874 4.57 -37.70 3.73
C THR A 874 6.02 -38.12 3.49
N VAL A 875 6.37 -39.37 3.79
CA VAL A 875 7.72 -39.88 3.58
C VAL A 875 7.65 -41.04 2.60
N VAL A 876 8.47 -40.98 1.56
CA VAL A 876 8.43 -41.97 0.49
C VAL A 876 9.84 -42.51 0.26
N PHE A 877 9.95 -43.84 0.18
CA PHE A 877 11.18 -44.55 -0.15
C PHE A 877 11.00 -45.20 -1.51
N GLY A 878 11.67 -44.68 -2.53
CA GLY A 878 11.58 -45.26 -3.85
C GLY A 878 12.71 -46.22 -4.17
N LEU A 879 12.39 -47.50 -4.35
CA LEU A 879 13.37 -48.52 -4.69
C LEU A 879 13.25 -48.87 -6.17
N SER A 880 14.38 -48.81 -6.87
CA SER A 880 14.38 -49.09 -8.31
C SER A 880 15.78 -49.48 -8.77
N PRO A 881 15.91 -50.57 -9.53
CA PRO A 881 17.22 -50.93 -10.07
C PRO A 881 17.70 -49.93 -11.11
N GLU A 882 19.02 -49.81 -11.22
CA GLU A 882 19.62 -48.89 -12.17
C GLU A 882 19.36 -49.33 -13.61
N GLU A 888 14.85 -43.94 -17.89
CA GLU A 888 14.89 -43.64 -16.46
C GLU A 888 14.17 -42.33 -16.17
N PHE A 889 12.97 -42.18 -16.76
CA PHE A 889 12.16 -40.99 -16.58
C PHE A 889 11.07 -41.17 -15.53
N HIS A 890 11.23 -42.15 -14.64
CA HIS A 890 10.20 -42.48 -13.65
C HIS A 890 10.48 -41.87 -12.29
N LYS A 891 11.41 -40.93 -12.21
CA LYS A 891 11.58 -40.15 -10.98
C LYS A 891 10.32 -39.37 -10.65
N LEU A 892 9.60 -38.90 -11.67
CA LEU A 892 8.44 -38.06 -11.44
C LEU A 892 7.29 -38.85 -10.82
N CYS A 893 7.12 -40.11 -11.23
CA CYS A 893 6.08 -40.94 -10.62
C CYS A 893 6.36 -41.21 -9.15
N PHE A 894 7.64 -41.28 -8.77
CA PHE A 894 7.99 -41.39 -7.36
C PHE A 894 7.76 -40.08 -6.63
N ALA A 895 8.17 -38.96 -7.21
CA ALA A 895 8.07 -37.67 -6.53
C ALA A 895 6.63 -37.23 -6.36
N SER A 896 5.74 -37.63 -7.27
CA SER A 896 4.33 -37.27 -7.15
C SER A 896 3.65 -37.95 -5.98
N ARG A 897 4.27 -38.95 -5.38
CA ARG A 897 3.68 -39.70 -4.28
C ARG A 897 4.16 -39.21 -2.91
N ALA A 898 5.00 -38.18 -2.89
CA ALA A 898 5.64 -37.72 -1.66
C ALA A 898 5.29 -36.27 -1.38
N ILE A 899 5.26 -35.91 -0.10
CA ILE A 899 4.94 -34.56 0.34
C ILE A 899 6.17 -33.82 0.83
N LYS A 900 6.93 -34.42 1.75
CA LYS A 900 8.05 -33.72 2.36
C LYS A 900 9.38 -34.44 2.23
N HIS A 901 9.39 -35.77 2.31
CA HIS A 901 10.63 -36.55 2.32
C HIS A 901 10.60 -37.56 1.19
N LEU A 902 11.63 -37.53 0.34
CA LEU A 902 11.75 -38.44 -0.80
C LEU A 902 13.15 -39.02 -0.82
N TYR A 903 13.26 -40.33 -0.60
CA TYR A 903 14.54 -41.02 -0.57
C TYR A 903 14.58 -42.01 -1.73
N LEU A 904 15.38 -41.69 -2.75
CA LEU A 904 15.49 -42.51 -3.96
C LEU A 904 16.71 -43.40 -3.83
N LEU A 905 16.49 -44.68 -3.56
CA LEU A 905 17.57 -45.64 -3.37
C LEU A 905 17.64 -46.56 -4.59
N TYR A 906 18.82 -46.61 -5.21
CA TYR A 906 19.03 -47.46 -6.38
C TYR A 906 19.84 -48.70 -6.02
N SER B 3 -16.98 35.11 -5.47
CA SER B 3 -16.95 34.86 -4.04
C SER B 3 -15.76 35.55 -3.38
N LEU B 4 -14.79 35.95 -4.20
CA LEU B 4 -13.63 36.66 -3.69
C LEU B 4 -14.00 38.08 -3.28
N LYS B 5 -13.20 38.64 -2.38
CA LYS B 5 -13.39 40.02 -1.98
C LYS B 5 -12.96 40.97 -3.10
N THR B 6 -13.34 42.24 -2.95
CA THR B 6 -13.05 43.23 -3.99
C THR B 6 -11.55 43.38 -4.21
N ASP B 7 -10.84 43.86 -3.19
CA ASP B 7 -9.38 43.99 -3.20
C ASP B 7 -8.88 44.65 -4.49
N THR B 8 -9.30 45.91 -4.68
CA THR B 8 -8.89 46.64 -5.88
C THR B 8 -7.38 46.88 -5.92
N GLU B 9 -6.73 46.92 -4.76
CA GLU B 9 -5.30 47.19 -4.72
C GLU B 9 -4.51 46.05 -5.35
N MET B 10 -4.77 44.82 -4.92
CA MET B 10 -4.08 43.63 -5.43
C MET B 10 -5.11 42.55 -5.70
N PRO B 11 -5.68 42.52 -6.90
CA PRO B 11 -6.73 41.54 -7.24
C PRO B 11 -6.17 40.17 -7.62
N TYR B 12 -5.56 39.51 -6.64
CA TYR B 12 -5.07 38.16 -6.86
C TYR B 12 -6.23 37.17 -6.91
N PRO B 13 -6.14 36.13 -7.73
CA PRO B 13 -7.12 35.04 -7.72
C PRO B 13 -6.90 34.05 -6.58
N GLU B 14 -6.67 34.59 -5.37
CA GLU B 14 -6.38 33.80 -4.19
C GLU B 14 -7.16 34.34 -3.01
N VAL B 15 -7.22 33.54 -1.95
CA VAL B 15 -7.71 34.02 -0.66
C VAL B 15 -6.59 34.83 -0.01
N ILE B 16 -6.84 36.12 0.21
CA ILE B 16 -5.83 37.03 0.75
C ILE B 16 -6.19 37.34 2.19
N VAL B 17 -5.24 37.13 3.09
CA VAL B 17 -5.41 37.37 4.52
C VAL B 17 -4.58 38.58 4.90
N ASP B 18 -5.25 39.64 5.33
CA ASP B 18 -4.57 40.85 5.78
C ASP B 18 -4.25 40.70 7.26
N VAL B 19 -2.96 40.63 7.59
CA VAL B 19 -2.59 40.40 8.99
C VAL B 19 -2.39 41.69 9.78
N GLY B 20 -2.12 42.81 9.11
CA GLY B 20 -2.10 44.10 9.76
C GLY B 20 -0.74 44.77 9.65
N ARG B 21 -0.39 45.50 10.71
CA ARG B 21 0.78 46.37 10.74
C ARG B 21 1.89 45.62 11.47
N VAL B 22 2.90 45.16 10.73
CA VAL B 22 3.85 44.17 11.23
C VAL B 22 5.27 44.64 10.93
N ILE B 23 6.15 44.47 11.92
CA ILE B 23 7.56 44.86 11.80
C ILE B 23 8.35 43.71 11.19
N PHE B 24 9.29 44.04 10.32
CA PHE B 24 10.11 43.05 9.64
C PHE B 24 11.58 43.46 9.74
N GLY B 25 12.45 42.46 9.61
CA GLY B 25 13.88 42.70 9.64
C GLY B 25 14.63 41.75 10.56
N GLU B 26 15.84 41.36 10.15
CA GLU B 26 16.63 40.46 10.99
C GLU B 26 17.17 41.19 12.22
N GLU B 27 17.34 42.51 12.14
CA GLU B 27 17.79 43.30 13.28
C GLU B 27 16.69 44.16 13.89
N ASN B 28 15.65 44.50 13.11
CA ASN B 28 14.57 45.32 13.65
C ASN B 28 13.75 44.57 14.69
N ARG B 29 13.56 43.26 14.48
CA ARG B 29 12.81 42.47 15.44
C ARG B 29 13.64 42.18 16.69
N LYS B 30 14.95 41.99 16.51
CA LYS B 30 15.83 41.78 17.65
C LYS B 30 15.80 42.98 18.59
N LYS B 31 16.01 44.18 18.05
CA LYS B 31 15.97 45.41 18.84
C LYS B 31 14.52 45.85 18.89
N MET B 32 13.80 45.35 19.89
CA MET B 32 12.43 45.79 20.16
C MET B 32 11.98 45.30 21.53
N THR B 33 11.40 46.20 22.32
CA THR B 33 10.81 45.86 23.60
C THR B 33 9.34 45.53 23.36
N ASN B 34 8.55 45.43 24.44
CA ASN B 34 7.13 45.07 24.35
C ASN B 34 6.97 43.71 23.67
N SER B 35 7.48 42.68 24.36
CA SER B 35 7.43 41.33 23.83
C SER B 35 6.00 40.88 23.55
N CYS B 36 5.02 41.46 24.25
CA CYS B 36 3.62 41.14 23.98
C CYS B 36 3.22 41.50 22.56
N LEU B 37 3.98 42.36 21.88
CA LEU B 37 3.76 42.68 20.48
C LEU B 37 4.52 41.74 19.55
N LYS B 38 5.76 41.40 19.89
CA LYS B 38 6.53 40.46 19.09
C LYS B 38 5.83 39.11 19.02
N ARG B 39 5.44 38.57 20.17
CA ARG B 39 4.75 37.29 20.19
C ARG B 39 3.41 37.39 19.45
N SER B 40 2.69 38.50 19.63
CA SER B 40 1.39 38.65 18.97
C SER B 40 1.53 38.64 17.45
N GLU B 41 2.52 39.36 16.92
CA GLU B 41 2.69 39.42 15.47
C GLU B 41 3.17 38.08 14.92
N ASN B 42 4.14 37.46 15.59
CA ASN B 42 4.60 36.12 15.19
C ASN B 42 3.43 35.15 15.17
N SER B 43 2.61 35.15 16.22
CA SER B 43 1.48 34.25 16.31
C SER B 43 0.48 34.52 15.20
N ARG B 44 0.16 35.78 14.94
CA ARG B 44 -0.83 36.10 13.91
C ARG B 44 -0.36 35.60 12.55
N ILE B 45 0.90 35.85 12.21
CA ILE B 45 1.43 35.39 10.93
C ILE B 45 1.39 33.86 10.86
N ILE B 46 1.70 33.20 11.98
CA ILE B 46 1.76 31.73 11.96
C ILE B 46 0.37 31.13 11.79
N ARG B 47 -0.64 31.67 12.49
CA ARG B 47 -2.01 31.18 12.30
C ARG B 47 -2.48 31.43 10.87
N ALA B 48 -2.12 32.58 10.30
CA ALA B 48 -2.48 32.84 8.91
C ALA B 48 -1.86 31.80 7.98
N ILE B 49 -0.58 31.49 8.18
CA ILE B 49 0.08 30.51 7.32
C ILE B 49 -0.56 29.13 7.49
N CYS B 50 -0.87 28.75 8.73
CA CYS B 50 -1.48 27.44 8.97
C CYS B 50 -2.86 27.34 8.32
N ALA B 51 -3.67 28.39 8.47
CA ALA B 51 -4.99 28.39 7.84
C ALA B 51 -4.88 28.31 6.33
N LEU B 52 -3.96 29.07 5.73
CA LEU B 52 -3.79 29.01 4.28
C LEU B 52 -3.32 27.64 3.83
N LEU B 53 -2.36 27.05 4.55
CA LEU B 53 -1.89 25.72 4.20
C LEU B 53 -3.01 24.70 4.25
N ASN B 54 -3.87 24.80 5.27
CA ASN B 54 -4.96 23.85 5.42
C ASN B 54 -6.18 24.19 4.58
N SER B 55 -6.20 25.33 3.90
CA SER B 55 -7.37 25.76 3.13
C SER B 55 -6.98 26.23 1.73
N GLY B 56 -6.11 25.48 1.06
CA GLY B 56 -5.91 25.65 -0.37
C GLY B 56 -4.85 26.64 -0.80
N GLY B 57 -4.22 27.35 0.13
CA GLY B 57 -3.18 28.31 -0.21
C GLY B 57 -3.73 29.70 -0.45
N GLY B 58 -2.82 30.66 -0.56
CA GLY B 58 -3.22 32.04 -0.76
C GLY B 58 -2.07 32.99 -0.56
N VAL B 59 -2.41 34.23 -0.21
CA VAL B 59 -1.44 35.29 0.00
C VAL B 59 -1.74 35.99 1.31
N ILE B 60 -0.71 36.12 2.15
CA ILE B 60 -0.76 36.96 3.34
C ILE B 60 -0.25 38.34 2.96
N LYS B 61 -0.94 39.38 3.42
CA LYS B 61 -0.58 40.76 3.18
C LYS B 61 -0.33 41.47 4.51
N ALA B 62 0.85 42.07 4.64
CA ALA B 62 1.22 42.81 5.83
C ALA B 62 1.79 44.16 5.45
N GLU B 63 1.66 45.13 6.35
CA GLU B 63 2.22 46.46 6.16
C GLU B 63 3.51 46.56 6.96
N ILE B 64 4.62 46.83 6.29
CA ILE B 64 5.92 46.84 6.93
C ILE B 64 6.09 48.10 7.76
N ASP B 65 6.64 47.94 8.97
CA ASP B 65 6.80 49.08 9.86
C ASP B 65 7.82 50.08 9.33
N ASP B 66 9.01 49.60 8.96
CA ASP B 66 10.06 50.50 8.52
C ASP B 66 9.81 50.96 7.09
N LYS B 67 9.82 52.29 6.89
CA LYS B 67 9.62 52.84 5.55
C LYS B 67 10.89 52.78 4.70
N THR B 68 12.04 52.55 5.33
CA THR B 68 13.29 52.32 4.61
C THR B 68 13.55 50.83 4.42
N TYR B 69 12.65 49.98 4.90
CA TYR B 69 12.84 48.54 4.83
C TYR B 69 12.92 48.04 3.39
N SER B 70 13.95 47.26 3.11
CA SER B 70 14.08 46.53 1.86
C SER B 70 14.30 45.06 2.20
N TYR B 71 13.56 44.18 1.52
CA TYR B 71 13.61 42.76 1.88
C TYR B 71 14.99 42.16 1.61
N GLN B 72 15.62 42.53 0.49
CA GLN B 72 16.91 41.95 0.15
C GLN B 72 18.02 42.43 1.08
N CYS B 73 17.88 43.61 1.68
CA CYS B 73 18.87 44.12 2.61
C CYS B 73 18.58 43.70 4.05
N HIS B 74 17.35 43.89 4.51
CA HIS B 74 17.00 43.75 5.90
C HIS B 74 16.54 42.35 6.29
N GLY B 75 16.35 41.46 5.32
CA GLY B 75 15.95 40.10 5.63
C GLY B 75 14.54 40.03 6.21
N LEU B 76 14.20 38.84 6.69
CA LEU B 76 12.88 38.53 7.20
C LEU B 76 12.82 38.55 8.73
N GLY B 77 13.78 37.91 9.38
CA GLY B 77 13.81 37.86 10.83
C GLY B 77 14.44 36.55 11.30
N GLN B 78 14.31 36.31 12.60
CA GLN B 78 14.82 35.09 13.21
C GLN B 78 13.76 34.28 13.93
N ASP B 79 12.85 34.94 14.67
CA ASP B 79 11.80 34.20 15.37
C ASP B 79 10.74 33.70 14.41
N LEU B 80 10.38 34.51 13.41
CA LEU B 80 9.44 34.08 12.39
C LEU B 80 9.98 32.88 11.61
N GLU B 81 11.26 32.91 11.26
CA GLU B 81 11.87 31.81 10.56
C GLU B 81 11.90 30.54 11.41
N THR B 82 12.18 30.68 12.70
CA THR B 82 12.15 29.53 13.60
C THR B 82 10.75 28.95 13.69
N SER B 83 9.72 29.81 13.75
CA SER B 83 8.36 29.32 13.78
C SER B 83 8.00 28.62 12.47
N PHE B 84 8.49 29.14 11.34
CA PHE B 84 8.27 28.47 10.06
C PHE B 84 8.92 27.09 10.05
N GLN B 85 10.12 26.98 10.60
CA GLN B 85 10.77 25.68 10.72
C GLN B 85 9.97 24.73 11.61
N LYS B 86 9.44 25.25 12.71
CA LYS B 86 8.68 24.40 13.63
C LYS B 86 7.30 24.05 13.10
N LEU B 87 6.81 24.76 12.09
CA LEU B 87 5.53 24.41 11.47
C LEU B 87 5.69 23.45 10.31
N LEU B 88 6.79 23.53 9.57
CA LEU B 88 7.08 22.65 8.44
C LEU B 88 8.43 22.00 8.69
N PRO B 89 8.47 20.87 9.40
CA PRO B 89 9.76 20.28 9.77
C PRO B 89 10.62 19.87 8.58
N SER B 90 10.01 19.41 7.50
CA SER B 90 10.75 18.93 6.33
C SER B 90 10.52 19.91 5.18
N GLY B 91 11.23 21.03 5.22
CA GLY B 91 11.18 21.99 4.14
C GLY B 91 10.10 23.03 4.27
N SER B 92 10.48 24.32 4.22
CA SER B 92 9.52 25.41 4.16
C SER B 92 9.54 26.14 2.82
N GLN B 93 10.62 26.02 2.04
CA GLN B 93 10.69 26.65 0.73
C GLN B 93 9.70 26.04 -0.25
N LYS B 94 9.26 24.81 -0.01
CA LYS B 94 8.31 24.16 -0.90
C LYS B 94 6.91 24.74 -0.77
N TYR B 95 6.63 25.49 0.29
CA TYR B 95 5.30 26.04 0.51
C TYR B 95 5.27 27.56 0.70
N LEU B 96 6.37 28.20 1.06
CA LEU B 96 6.36 29.62 1.39
C LEU B 96 7.30 30.39 0.46
N ASP B 97 6.78 31.44 -0.15
CA ASP B 97 7.59 32.42 -0.86
C ASP B 97 7.23 33.81 -0.38
N TYR B 98 8.16 34.74 -0.52
CA TYR B 98 7.95 36.10 -0.01
C TYR B 98 8.26 37.11 -1.10
N MET B 99 7.41 38.13 -1.19
CA MET B 99 7.63 39.23 -2.11
C MET B 99 7.33 40.54 -1.40
N GLN B 100 7.96 41.62 -1.86
CA GLN B 100 7.73 42.94 -1.32
C GLN B 100 7.23 43.86 -2.41
N GLN B 101 6.10 44.51 -2.18
CA GLN B 101 5.50 45.46 -3.12
C GLN B 101 5.26 46.76 -2.36
N GLY B 102 6.15 47.73 -2.55
CA GLY B 102 6.01 49.00 -1.84
C GLY B 102 6.08 48.80 -0.34
N HIS B 103 5.05 49.27 0.36
CA HIS B 103 4.93 49.10 1.79
C HIS B 103 4.17 47.84 2.18
N ASN B 104 4.17 46.83 1.31
CA ASN B 104 3.46 45.60 1.56
C ASN B 104 4.43 44.42 1.47
N LEU B 105 4.29 43.49 2.41
CA LEU B 105 4.97 42.21 2.36
C LEU B 105 3.91 41.15 2.11
N LEU B 106 4.07 40.41 1.02
CA LEU B 106 3.15 39.34 0.66
C LEU B 106 3.84 38.01 0.82
N ILE B 107 3.15 37.06 1.45
CA ILE B 107 3.64 35.71 1.64
C ILE B 107 2.75 34.79 0.82
N PHE B 108 3.32 34.21 -0.23
CA PHE B 108 2.63 33.23 -1.06
C PHE B 108 2.72 31.87 -0.40
N VAL B 109 1.57 31.31 -0.05
CA VAL B 109 1.48 30.04 0.68
C VAL B 109 0.86 29.00 -0.25
N LYS B 110 1.63 27.96 -0.52
CA LYS B 110 1.18 26.82 -1.31
C LYS B 110 0.21 25.96 -0.51
N SER B 111 -0.46 25.05 -1.22
CA SER B 111 -1.43 24.16 -0.60
C SER B 111 -0.74 22.89 -0.14
N TRP B 112 -0.77 22.64 1.16
CA TRP B 112 -0.16 21.45 1.72
C TRP B 112 -0.81 20.20 1.16
N SER B 113 -0.07 19.46 0.33
CA SER B 113 -0.54 18.20 -0.23
C SER B 113 0.58 17.18 -0.12
N PRO B 114 0.46 16.19 0.76
CA PRO B 114 1.53 15.20 0.92
C PRO B 114 1.81 14.45 -0.37
N ASP B 115 3.09 14.20 -0.64
CA ASP B 115 3.50 13.51 -1.85
C ASP B 115 3.37 12.00 -1.64
N VAL B 116 3.89 11.21 -2.59
CA VAL B 116 3.86 9.76 -2.47
C VAL B 116 4.98 9.23 -1.57
N PHE B 117 5.78 10.12 -0.98
CA PHE B 117 6.85 9.71 -0.08
C PHE B 117 6.44 9.82 1.38
N SER B 118 6.04 11.02 1.80
CA SER B 118 5.86 11.32 3.21
C SER B 118 4.67 10.56 3.80
N LEU B 119 4.51 10.68 5.11
CA LEU B 119 3.39 10.06 5.80
C LEU B 119 2.08 10.68 5.35
N PRO B 120 0.96 10.00 5.54
CA PRO B 120 -0.34 10.60 5.24
C PRO B 120 -0.74 11.67 6.26
N LEU B 121 0.07 12.71 6.39
CA LEU B 121 -0.26 13.86 7.23
C LEU B 121 -1.09 14.81 6.39
N ARG B 122 -2.40 14.82 6.62
CA ARG B 122 -3.30 15.55 5.74
C ARG B 122 -3.22 17.05 5.97
N ILE B 123 -3.13 17.49 7.23
CA ILE B 123 -3.15 18.91 7.56
C ILE B 123 -1.93 19.26 8.39
N CYS B 124 -1.60 20.55 8.38
CA CYS B 124 -0.47 21.08 9.15
C CYS B 124 -0.94 21.52 10.53
N SER B 125 -0.08 21.30 11.53
CA SER B 125 -0.40 21.61 12.91
C SER B 125 0.79 22.30 13.55
N LEU B 126 0.53 23.44 14.20
CA LEU B 126 1.60 24.06 14.99
C LEU B 126 1.87 23.26 16.25
N ARG B 127 0.83 22.73 16.88
CA ARG B 127 0.96 21.97 18.12
C ARG B 127 -0.33 21.20 18.41
N SER B 128 -0.21 19.90 18.64
CA SER B 128 -1.40 19.05 18.76
C SER B 128 -2.10 19.21 20.10
N ASN B 129 -1.36 19.51 21.16
CA ASN B 129 -1.88 19.76 22.50
C ASN B 129 -2.46 18.53 23.18
N LEU B 130 -2.05 17.33 22.75
CA LEU B 130 -2.30 16.11 23.51
C LEU B 130 -0.95 15.51 23.89
N TYR B 131 -0.81 15.13 25.16
CA TYR B 131 0.48 14.93 25.78
C TYR B 131 0.77 13.46 26.07
N ARG B 132 2.05 13.17 26.30
CA ARG B 132 2.52 11.85 26.68
C ARG B 132 3.48 11.98 27.86
N ARG B 133 3.88 10.85 28.44
CA ARG B 133 4.60 10.84 29.71
C ARG B 133 6.12 10.74 29.56
N ASP B 134 6.62 9.88 28.69
CA ASP B 134 8.07 9.62 28.55
C ASP B 134 8.57 9.06 29.88
N VAL B 135 9.67 9.55 30.44
CA VAL B 135 10.23 8.98 31.66
C VAL B 135 9.75 9.78 32.86
N THR B 136 10.16 11.05 32.94
CA THR B 136 9.60 12.01 33.90
C THR B 136 9.49 13.33 33.16
N SER B 137 8.38 13.52 32.46
CA SER B 137 8.21 14.64 31.54
C SER B 137 6.75 14.64 31.08
N ALA B 138 6.41 15.64 30.27
CA ALA B 138 5.10 15.69 29.60
C ALA B 138 5.34 16.38 28.26
N ILE B 139 5.56 15.56 27.23
CA ILE B 139 5.94 16.06 25.91
C ILE B 139 4.68 16.30 25.09
N ASN B 140 4.57 17.49 24.52
CA ASN B 140 3.52 17.77 23.55
C ASN B 140 3.85 17.05 22.25
N LEU B 141 2.95 16.18 21.81
CA LEU B 141 3.22 15.35 20.64
C LEU B 141 3.27 16.20 19.38
N SER B 142 4.20 15.85 18.49
CA SER B 142 4.22 16.47 17.18
C SER B 142 3.05 15.95 16.36
N ALA B 143 2.86 16.53 15.17
CA ALA B 143 1.76 16.12 14.31
C ALA B 143 1.89 14.65 13.92
N SER B 144 3.11 14.22 13.56
CA SER B 144 3.32 12.84 13.13
C SER B 144 3.12 11.86 14.28
N SER B 145 3.72 12.15 15.44
CA SER B 145 3.57 11.26 16.59
C SER B 145 2.14 11.24 17.09
N ALA B 146 1.46 12.39 17.08
CA ALA B 146 0.06 12.43 17.47
C ALA B 146 -0.79 11.60 16.53
N LEU B 147 -0.55 11.71 15.22
CA LEU B 147 -1.29 10.90 14.26
C LEU B 147 -1.04 9.42 14.50
N GLU B 148 0.22 9.05 14.77
CA GLU B 148 0.56 7.67 15.09
C GLU B 148 -0.22 7.18 16.30
N LEU B 149 -0.29 8.01 17.34
CA LEU B 149 -1.04 7.63 18.54
C LEU B 149 -2.52 7.46 18.22
N LEU B 150 -3.08 8.35 17.41
CA LEU B 150 -4.51 8.24 17.09
C LEU B 150 -4.81 6.97 16.30
N ARG B 151 -3.96 6.61 15.33
CA ARG B 151 -4.23 5.38 14.59
C ARG B 151 -3.98 4.16 15.46
N GLU B 152 -3.02 4.22 16.37
CA GLU B 152 -2.81 3.11 17.30
C GLU B 152 -4.01 2.93 18.23
N LYS B 153 -4.57 4.04 18.71
CA LYS B 153 -5.67 3.96 19.68
C LYS B 153 -6.98 3.60 18.99
N GLY B 154 -7.17 4.03 17.73
CA GLY B 154 -8.34 3.61 16.99
C GLY B 154 -8.25 2.18 16.49
N PHE B 155 -7.03 1.64 16.42
CA PHE B 155 -6.82 0.24 16.04
C PHE B 155 -6.98 -0.63 17.28
N ARG B 156 -8.19 -0.63 17.81
CA ARG B 156 -8.52 -1.46 18.97
C ARG B 156 -9.86 -2.16 18.75
N ILE B 177 17.06 -4.99 45.25
CA ILE B 177 16.79 -4.94 43.82
C ILE B 177 15.60 -4.05 43.54
N GLN B 178 15.77 -3.09 42.62
CA GLN B 178 14.75 -2.11 42.32
C GLN B 178 14.60 -1.96 40.81
N GLU B 179 13.43 -1.49 40.40
CA GLU B 179 13.15 -1.22 38.99
C GLU B 179 12.23 -0.02 38.89
N GLU B 180 11.92 0.38 37.66
CA GLU B 180 11.06 1.54 37.44
C GLU B 180 9.66 1.32 38.01
N GLU B 181 9.08 0.14 37.75
CA GLU B 181 7.70 -0.12 38.15
C GLU B 181 7.51 -0.08 39.66
N ASP B 182 8.60 -0.24 40.43
CA ASP B 182 8.50 -0.14 41.88
C ASP B 182 8.11 1.26 42.33
N MET B 183 8.29 2.28 41.49
CA MET B 183 7.93 3.64 41.87
C MET B 183 6.42 3.77 42.11
N ARG B 184 5.62 2.96 41.42
CA ARG B 184 4.19 2.94 41.69
C ARG B 184 3.91 2.49 43.13
N ILE B 185 4.62 1.45 43.57
CA ILE B 185 4.58 1.08 44.98
C ILE B 185 5.29 2.18 45.78
N LEU B 186 4.86 2.34 47.04
CA LEU B 186 5.27 3.40 47.96
C LEU B 186 4.68 4.75 47.56
N ALA B 187 3.98 4.81 46.44
CA ALA B 187 3.29 6.01 45.98
C ALA B 187 1.79 5.82 45.88
N SER B 188 1.33 4.62 45.52
CA SER B 188 -0.09 4.32 45.55
C SER B 188 -0.62 4.24 46.98
N GLU B 189 0.26 4.06 47.96
CA GLU B 189 -0.12 4.05 49.37
C GLU B 189 -0.02 5.43 50.01
N PHE B 190 0.31 6.47 49.24
CA PHE B 190 0.36 7.82 49.80
C PHE B 190 -1.03 8.34 50.13
N PHE B 191 -2.03 7.99 49.31
CA PHE B 191 -3.40 8.39 49.61
C PHE B 191 -3.87 7.77 50.91
N LYS B 192 -3.52 6.51 51.16
CA LYS B 192 -3.94 5.82 52.37
C LYS B 192 -3.39 6.48 53.63
N LYS B 193 -2.32 7.26 53.51
CA LYS B 193 -1.72 7.95 54.64
C LYS B 193 -2.60 9.15 54.99
N ASP B 194 -3.62 8.92 55.82
CA ASP B 194 -4.61 9.94 56.10
C ASP B 194 -4.06 11.03 57.02
N LYS B 195 -3.04 10.73 57.81
CA LYS B 195 -2.41 11.69 58.70
C LYS B 195 -0.93 11.79 58.34
N LEU B 196 -0.42 13.03 58.29
CA LEU B 196 0.92 13.30 57.79
C LEU B 196 1.59 14.33 58.71
N MET B 197 2.89 14.16 58.92
CA MET B 197 3.65 14.98 59.87
C MET B 197 4.67 15.82 59.13
N TYR B 198 4.91 17.02 59.66
CA TYR B 198 5.61 18.07 58.92
C TYR B 198 7.01 17.65 58.50
N LYS B 199 7.35 17.97 57.25
CA LYS B 199 8.66 17.68 56.68
C LYS B 199 8.98 16.18 56.67
N GLU B 200 7.96 15.35 56.46
CA GLU B 200 8.21 13.93 56.28
C GLU B 200 8.91 13.68 54.94
N LYS B 201 9.92 12.83 54.96
CA LYS B 201 10.67 12.52 53.76
C LYS B 201 9.88 11.59 52.85
N LEU B 202 10.04 11.78 51.54
CA LEU B 202 9.45 10.90 50.55
C LEU B 202 10.57 10.04 49.96
N ASN B 203 10.35 8.72 49.97
CA ASN B 203 11.38 7.76 49.60
C ASN B 203 11.40 7.44 48.11
N PHE B 204 10.57 8.10 47.31
CA PHE B 204 10.47 7.81 45.88
C PHE B 204 10.75 9.09 45.08
N THR B 205 11.45 8.92 43.97
CA THR B 205 11.78 10.00 43.06
C THR B 205 10.80 10.01 41.88
N GLU B 206 10.84 11.10 41.12
CA GLU B 206 9.90 11.25 40.00
C GLU B 206 10.13 10.18 38.95
N SER B 207 9.03 9.64 38.43
CA SER B 207 9.08 8.58 37.43
C SER B 207 7.86 8.71 36.53
N THR B 208 7.54 7.65 35.78
CA THR B 208 6.44 7.66 34.84
C THR B 208 5.07 7.66 35.50
N HIS B 209 4.99 7.47 36.82
CA HIS B 209 3.72 7.38 37.51
C HIS B 209 3.52 8.46 38.57
N VAL B 210 4.52 9.30 38.84
CA VAL B 210 4.43 10.30 39.90
C VAL B 210 5.05 11.60 39.40
N GLU B 211 4.36 12.70 39.67
CA GLU B 211 4.91 14.03 39.47
C GLU B 211 4.45 14.91 40.63
N PHE B 212 5.39 15.62 41.24
CA PHE B 212 5.10 16.55 42.31
C PHE B 212 5.58 17.94 41.93
N LYS B 213 4.80 18.95 42.30
CA LYS B 213 5.13 20.33 42.00
C LYS B 213 5.09 21.15 43.28
N ARG B 214 5.91 22.21 43.30
CA ARG B 214 6.02 23.08 44.46
C ARG B 214 5.08 24.27 44.31
N PHE B 215 4.27 24.50 45.34
CA PHE B 215 3.38 25.64 45.44
C PHE B 215 4.11 26.97 45.23
N THR B 216 3.38 27.98 44.76
CA THR B 216 3.91 29.32 44.56
C THR B 216 3.25 30.26 45.54
N THR B 217 4.07 31.02 46.28
CA THR B 217 3.54 31.89 47.33
C THR B 217 2.64 32.98 46.77
N LYS B 218 3.03 33.59 45.65
CA LYS B 218 2.30 34.74 45.14
C LYS B 218 0.87 34.36 44.74
N LYS B 219 0.74 33.49 43.74
CA LYS B 219 -0.56 33.04 43.25
C LYS B 219 -0.60 31.53 43.30
N VAL B 220 -1.64 30.99 43.91
CA VAL B 220 -1.78 29.55 44.11
C VAL B 220 -2.74 28.92 43.11
N ILE B 221 -3.92 29.51 42.94
CA ILE B 221 -4.98 28.94 42.13
C ILE B 221 -4.66 29.02 40.64
N PRO B 222 -4.37 30.21 40.08
CA PRO B 222 -4.19 30.27 38.61
C PRO B 222 -3.06 29.43 38.09
N ARG B 223 -1.96 29.30 38.84
CA ARG B 223 -0.85 28.49 38.37
C ARG B 223 -1.17 27.00 38.45
N ILE B 224 -1.92 26.60 39.47
CA ILE B 224 -2.41 25.22 39.54
C ILE B 224 -3.28 24.90 38.34
N LYS B 225 -4.19 25.83 38.00
CA LYS B 225 -5.08 25.59 36.88
C LYS B 225 -4.33 25.60 35.54
N GLU B 226 -3.28 26.42 35.44
CA GLU B 226 -2.46 26.38 34.23
C GLU B 226 -1.72 25.05 34.10
N MET B 227 -1.20 24.53 35.22
CA MET B 227 -0.32 23.37 35.17
C MET B 227 -1.05 22.04 35.12
N LEU B 228 -2.27 21.96 35.64
CA LEU B 228 -2.92 20.65 35.75
C LEU B 228 -3.22 20.00 34.41
N PRO B 229 -3.82 20.68 33.41
CA PRO B 229 -4.22 19.96 32.19
C PRO B 229 -3.09 19.24 31.46
N HIS B 230 -1.90 19.83 31.37
CA HIS B 230 -0.86 19.21 30.55
C HIS B 230 -0.11 18.11 31.28
N TYR B 231 -0.41 17.87 32.55
CA TYR B 231 0.02 16.65 33.23
C TYR B 231 -1.07 15.61 33.32
N VAL B 232 -2.33 16.06 33.48
CA VAL B 232 -3.46 15.13 33.43
C VAL B 232 -3.52 14.47 32.06
N SER B 233 -3.21 15.21 31.00
CA SER B 233 -3.22 14.64 29.66
C SER B 233 -2.19 13.53 29.53
N ALA B 234 -0.96 13.78 29.99
CA ALA B 234 0.08 12.75 29.92
C ALA B 234 -0.29 11.54 30.76
N PHE B 235 -0.79 11.76 31.98
CA PHE B 235 -1.20 10.66 32.84
C PHE B 235 -2.27 9.81 32.16
N ALA B 236 -3.34 10.44 31.69
CA ALA B 236 -4.44 9.69 31.09
C ALA B 236 -4.09 9.13 29.73
N ASN B 237 -3.02 9.61 29.10
CA ASN B 237 -2.69 9.16 27.76
C ASN B 237 -1.56 8.13 27.70
N THR B 238 -0.78 7.95 28.77
CA THR B 238 0.30 6.97 28.70
C THR B 238 0.11 5.78 29.62
N GLN B 239 0.07 5.99 30.94
CA GLN B 239 -0.05 4.85 31.86
C GLN B 239 -0.90 5.11 33.09
N GLY B 240 -1.40 6.31 33.30
CA GLY B 240 -2.04 6.66 34.54
C GLY B 240 -1.07 7.25 35.53
N GLY B 241 -1.52 7.32 36.78
CA GLY B 241 -0.68 7.82 37.85
C GLY B 241 -1.36 8.83 38.75
N TYR B 242 -0.58 9.70 39.37
CA TYR B 242 -1.16 10.74 40.21
C TYR B 242 -0.12 11.84 40.42
N VAL B 243 -0.63 13.04 40.68
CA VAL B 243 0.19 14.24 40.82
C VAL B 243 -0.03 14.81 42.21
N LEU B 244 1.08 15.08 42.90
CA LEU B 244 1.08 15.72 44.20
C LEU B 244 1.44 17.20 44.05
N ILE B 245 0.96 18.01 44.98
CA ILE B 245 1.37 19.40 45.10
C ILE B 245 1.72 19.63 46.56
N GLY B 246 2.93 20.11 46.82
CA GLY B 246 3.40 20.32 48.17
C GLY B 246 4.71 19.63 48.46
N VAL B 247 5.40 19.19 47.41
CA VAL B 247 6.65 18.43 47.53
C VAL B 247 7.74 19.16 46.76
N ASP B 248 8.94 19.20 47.35
CA ASP B 248 10.09 19.84 46.75
C ASP B 248 10.86 18.85 45.89
N ASP B 249 11.51 19.36 44.84
CA ASP B 249 12.33 18.51 43.98
C ASP B 249 13.64 18.12 44.67
N LYS B 250 14.23 19.05 45.41
CA LYS B 250 15.57 18.84 45.95
C LYS B 250 15.56 18.17 47.31
N SER B 251 14.41 18.08 47.97
CA SER B 251 14.35 17.57 49.34
C SER B 251 13.22 16.58 49.59
N LYS B 252 12.21 16.49 48.72
CA LYS B 252 11.04 15.65 48.95
C LYS B 252 10.31 16.05 50.24
N GLU B 253 9.94 17.32 50.32
CA GLU B 253 9.29 17.86 51.49
C GLU B 253 7.78 17.66 51.44
N VAL B 254 7.11 18.02 52.53
CA VAL B 254 5.66 17.95 52.63
C VAL B 254 5.20 19.36 53.02
N VAL B 255 5.93 20.38 52.55
CA VAL B 255 5.72 21.74 53.03
C VAL B 255 4.31 22.22 52.72
N GLY B 256 3.87 22.10 51.47
CA GLY B 256 2.53 22.52 51.11
C GLY B 256 2.28 24.03 51.28
N CYS B 257 1.00 24.39 51.20
CA CYS B 257 0.57 25.76 51.47
C CYS B 257 0.36 25.96 52.97
N LYS B 258 -0.25 27.08 53.32
CA LYS B 258 -0.51 27.49 54.68
C LYS B 258 -2.01 27.53 54.92
N TRP B 259 -2.38 28.00 56.11
CA TRP B 259 -3.80 28.13 56.47
C TRP B 259 -4.43 29.31 55.76
N GLU B 260 -3.73 30.44 55.69
CA GLU B 260 -4.33 31.70 55.25
C GLU B 260 -4.33 31.89 53.73
N LYS B 261 -3.53 31.11 52.99
CA LYS B 261 -3.39 31.34 51.56
C LYS B 261 -4.22 30.37 50.72
N VAL B 262 -4.74 29.30 51.30
CA VAL B 262 -5.54 28.32 50.57
C VAL B 262 -6.80 28.03 51.38
N ASN B 263 -7.94 28.09 50.72
CA ASN B 263 -9.22 27.74 51.30
C ASN B 263 -9.57 26.29 50.98
N PRO B 264 -10.51 25.70 51.72
CA PRO B 264 -11.00 24.37 51.34
C PRO B 264 -11.79 24.35 50.04
N ASP B 265 -12.01 25.51 49.40
CA ASP B 265 -12.74 25.55 48.14
C ASP B 265 -12.02 24.76 47.07
N LEU B 266 -10.69 24.88 47.00
CA LEU B 266 -9.89 24.11 46.06
C LEU B 266 -9.89 22.66 46.51
N LEU B 267 -10.74 21.84 45.88
CA LEU B 267 -10.95 20.46 46.32
C LEU B 267 -11.30 19.63 45.09
N LYS B 268 -11.87 18.45 45.33
CA LYS B 268 -12.25 17.58 44.22
C LYS B 268 -13.29 18.23 43.32
N LYS B 269 -14.26 18.92 43.92
CA LYS B 269 -15.31 19.57 43.12
C LYS B 269 -14.74 20.74 42.32
N GLU B 270 -13.76 21.46 42.89
CA GLU B 270 -13.18 22.61 42.19
C GLU B 270 -12.44 22.17 40.94
N ILE B 271 -11.65 21.10 41.03
CA ILE B 271 -10.94 20.59 39.86
C ILE B 271 -11.85 19.73 38.98
N GLU B 272 -13.03 19.35 39.50
CA GLU B 272 -13.98 18.59 38.70
C GLU B 272 -14.46 19.36 37.47
N ASN B 273 -14.31 20.69 37.46
CA ASN B 273 -14.62 21.48 36.28
C ASN B 273 -13.39 21.80 35.44
N CYS B 274 -12.24 22.08 36.07
CA CYS B 274 -11.04 22.35 35.31
C CYS B 274 -10.61 21.14 34.49
N ILE B 275 -10.64 19.95 35.09
CA ILE B 275 -10.29 18.75 34.34
C ILE B 275 -11.38 18.41 33.34
N GLU B 276 -12.65 18.69 33.66
CA GLU B 276 -13.72 18.45 32.71
C GLU B 276 -13.69 19.42 31.54
N LYS B 277 -12.96 20.54 31.65
CA LYS B 277 -12.80 21.45 30.53
C LYS B 277 -11.89 20.89 29.44
N LEU B 278 -11.21 19.79 29.70
CA LEU B 278 -10.27 19.23 28.74
C LEU B 278 -11.02 18.47 27.64
N PRO B 279 -10.80 18.79 26.37
CA PRO B 279 -11.50 18.07 25.30
C PRO B 279 -11.09 16.61 25.26
N THR B 280 -12.03 15.77 24.83
CA THR B 280 -11.80 14.33 24.74
C THR B 280 -12.50 13.79 23.50
N PHE B 281 -11.76 13.08 22.67
CA PHE B 281 -12.35 12.31 21.58
C PHE B 281 -12.42 10.84 21.99
N HIS B 282 -13.19 10.07 21.23
CA HIS B 282 -13.46 8.69 21.62
C HIS B 282 -13.72 7.85 20.38
N PHE B 283 -12.88 6.85 20.15
CA PHE B 283 -13.23 5.76 19.24
C PHE B 283 -14.15 4.75 19.90
N CYS B 284 -14.35 4.86 21.22
CA CYS B 284 -15.23 4.00 21.97
C CYS B 284 -16.68 4.46 21.82
N CYS B 285 -17.61 3.59 22.26
CA CYS B 285 -19.02 3.94 22.30
C CYS B 285 -19.54 4.16 23.71
N GLU B 286 -18.81 3.74 24.73
CA GLU B 286 -19.25 3.95 26.11
C GLU B 286 -19.19 5.42 26.49
N LYS B 287 -18.22 6.16 25.95
CA LYS B 287 -18.02 7.57 26.24
C LYS B 287 -17.88 7.84 27.75
N PRO B 288 -16.84 7.30 28.38
CA PRO B 288 -16.66 7.55 29.81
C PRO B 288 -15.85 8.82 30.08
N LYS B 289 -16.37 9.69 30.94
CA LYS B 289 -15.59 10.85 31.35
C LYS B 289 -14.40 10.40 32.19
N VAL B 290 -13.33 11.20 32.14
CA VAL B 290 -12.12 10.85 32.87
C VAL B 290 -12.41 10.83 34.37
N ASN B 291 -11.72 9.95 35.09
CA ASN B 291 -11.95 9.72 36.50
C ASN B 291 -10.78 10.24 37.32
N PHE B 292 -11.08 10.95 38.40
CA PHE B 292 -10.05 11.46 39.29
C PHE B 292 -10.63 11.62 40.68
N THR B 293 -9.79 11.37 41.69
CA THR B 293 -10.18 11.49 43.09
C THR B 293 -9.16 12.35 43.81
N THR B 294 -9.64 13.33 44.58
CA THR B 294 -8.78 14.29 45.27
C THR B 294 -9.04 14.23 46.77
N LYS B 295 -7.97 14.16 47.55
CA LYS B 295 -8.04 14.18 49.00
C LYS B 295 -7.02 15.17 49.54
N ILE B 296 -7.15 15.51 50.81
CA ILE B 296 -6.29 16.49 51.46
C ILE B 296 -5.49 15.79 52.55
N LEU B 297 -4.16 15.93 52.48
CA LEU B 297 -3.27 15.42 53.52
C LEU B 297 -2.84 16.60 54.38
N ASN B 298 -3.27 16.60 55.64
CA ASN B 298 -2.93 17.69 56.54
C ASN B 298 -1.48 17.57 57.00
N VAL B 299 -0.82 18.72 57.11
CA VAL B 299 0.57 18.79 57.57
C VAL B 299 0.56 19.31 59.00
N TYR B 300 1.34 18.66 59.87
CA TYR B 300 1.33 18.95 61.30
C TYR B 300 2.74 19.34 61.76
N GLN B 301 2.97 20.64 61.90
CA GLN B 301 4.20 21.15 62.49
C GLN B 301 4.07 21.10 64.01
N LYS B 302 4.79 20.18 64.63
CA LYS B 302 4.72 19.95 66.07
C LYS B 302 3.27 19.70 66.51
N ASP B 303 2.70 18.63 65.96
CA ASP B 303 1.32 18.18 66.23
C ASP B 303 0.31 19.33 66.18
N VAL B 304 0.57 20.31 65.32
CA VAL B 304 -0.32 21.45 65.13
C VAL B 304 -0.52 21.65 63.64
N LEU B 305 -1.77 21.84 63.22
CA LEU B 305 -2.09 22.03 61.81
C LEU B 305 -1.33 23.22 61.24
N ASP B 306 -0.71 23.02 60.08
CA ASP B 306 0.04 24.07 59.41
C ASP B 306 -0.43 24.33 57.98
N GLY B 307 -0.83 23.30 57.25
CA GLY B 307 -1.26 23.50 55.88
C GLY B 307 -1.74 22.20 55.29
N TYR B 308 -1.96 22.23 53.97
CA TYR B 308 -2.45 21.06 53.25
C TYR B 308 -1.63 20.86 51.98
N VAL B 309 -1.47 19.58 51.61
CA VAL B 309 -0.87 19.20 50.34
C VAL B 309 -1.93 18.46 49.54
N CYS B 310 -1.84 18.53 48.22
CA CYS B 310 -2.90 18.07 47.35
C CYS B 310 -2.47 16.83 46.57
N VAL B 311 -3.40 15.89 46.40
CA VAL B 311 -3.19 14.69 45.59
C VAL B 311 -4.31 14.60 44.57
N ILE B 312 -3.96 14.35 43.31
CA ILE B 312 -4.93 14.12 42.24
C ILE B 312 -4.54 12.84 41.54
N GLN B 313 -5.41 11.83 41.60
CA GLN B 313 -5.16 10.54 40.99
C GLN B 313 -5.84 10.48 39.63
N VAL B 314 -5.05 10.30 38.57
CA VAL B 314 -5.56 10.26 37.20
C VAL B 314 -5.36 8.85 36.66
N GLU B 315 -6.46 8.17 36.39
CA GLU B 315 -6.40 6.85 35.77
C GLU B 315 -6.19 6.98 34.27
N PRO B 316 -5.57 5.98 33.63
CA PRO B 316 -5.39 6.04 32.18
C PRO B 316 -6.72 6.02 31.44
N PHE B 317 -6.75 6.70 30.30
CA PHE B 317 -7.94 6.90 29.50
C PHE B 317 -7.99 5.87 28.36
N CYS B 318 -9.21 5.54 27.94
CA CYS B 318 -9.37 4.64 26.80
C CYS B 318 -8.93 5.31 25.50
N CYS B 319 -9.23 6.60 25.36
CA CYS B 319 -8.90 7.33 24.14
C CYS B 319 -8.10 8.58 24.45
N VAL B 320 -7.92 9.46 23.46
CA VAL B 320 -7.07 10.63 23.63
C VAL B 320 -7.75 11.66 24.53
N VAL B 321 -6.94 12.36 25.31
CA VAL B 321 -7.39 13.48 26.13
C VAL B 321 -6.54 14.69 25.78
N PHE B 322 -7.18 15.84 25.61
CA PHE B 322 -6.53 17.04 25.11
C PHE B 322 -6.33 18.03 26.26
N ALA B 323 -5.09 18.52 26.39
CA ALA B 323 -4.83 19.58 27.37
C ALA B 323 -5.61 20.84 27.03
N GLU B 324 -5.65 21.19 25.74
CA GLU B 324 -6.39 22.35 25.24
C GLU B 324 -7.02 21.96 23.91
N ALA B 325 -7.53 22.95 23.19
CA ALA B 325 -7.89 22.72 21.81
C ALA B 325 -6.64 22.67 20.95
N PRO B 326 -6.62 21.85 19.91
CA PRO B 326 -5.42 21.74 19.06
C PRO B 326 -5.05 23.08 18.45
N ASP B 327 -3.75 23.33 18.34
CA ASP B 327 -3.25 24.59 17.80
C ASP B 327 -3.18 24.52 16.27
N SER B 328 -4.36 24.36 15.68
CA SER B 328 -4.51 24.26 14.23
C SER B 328 -5.59 25.22 13.77
N TRP B 329 -5.45 25.72 12.55
CA TRP B 329 -6.36 26.71 12.01
C TRP B 329 -6.70 26.39 10.57
N ILE B 330 -7.92 26.76 10.18
CA ILE B 330 -8.35 26.72 8.78
C ILE B 330 -8.99 28.07 8.46
N MET B 331 -9.55 28.19 7.26
CA MET B 331 -10.27 29.39 6.86
C MET B 331 -11.76 29.10 6.86
N LYS B 332 -12.51 29.95 7.56
CA LYS B 332 -13.96 29.86 7.62
C LYS B 332 -14.51 31.28 7.55
N ASP B 333 -15.39 31.53 6.57
CA ASP B 333 -15.97 32.85 6.36
C ASP B 333 -14.90 33.92 6.22
N ASN B 334 -13.83 33.59 5.49
CA ASN B 334 -12.69 34.48 5.29
C ASN B 334 -12.08 34.92 6.63
N SER B 335 -12.05 33.99 7.58
CA SER B 335 -11.46 34.25 8.89
C SER B 335 -10.62 33.05 9.31
N VAL B 336 -9.51 33.32 9.98
CA VAL B 336 -8.64 32.27 10.49
C VAL B 336 -9.33 31.67 11.71
N THR B 337 -9.95 30.50 11.54
CA THR B 337 -10.76 29.87 12.56
C THR B 337 -10.02 28.67 13.13
N ARG B 338 -9.97 28.59 14.46
CA ARG B 338 -9.31 27.49 15.15
C ARG B 338 -10.08 26.19 14.94
N LEU B 339 -9.34 25.09 14.88
CA LEU B 339 -9.92 23.76 14.76
C LEU B 339 -10.09 23.15 16.15
N THR B 340 -11.30 22.68 16.44
CA THR B 340 -11.54 21.96 17.67
C THR B 340 -10.88 20.58 17.61
N ALA B 341 -10.88 19.89 18.75
CA ALA B 341 -10.24 18.58 18.82
C ALA B 341 -10.91 17.59 17.87
N GLU B 342 -12.24 17.56 17.86
CA GLU B 342 -12.96 16.62 17.02
C GLU B 342 -12.68 16.87 15.54
N GLN B 343 -12.80 18.13 15.11
CA GLN B 343 -12.55 18.46 13.71
C GLN B 343 -11.10 18.15 13.33
N TRP B 344 -10.16 18.52 14.20
CA TRP B 344 -8.75 18.27 13.92
C TRP B 344 -8.46 16.79 13.73
N VAL B 345 -9.01 15.94 14.61
CA VAL B 345 -8.76 14.52 14.48
C VAL B 345 -9.46 13.98 13.24
N VAL B 346 -10.65 14.49 12.92
CA VAL B 346 -11.39 14.01 11.77
C VAL B 346 -10.61 14.26 10.48
N MET B 347 -10.07 15.47 10.32
CA MET B 347 -9.32 15.75 9.09
C MET B 347 -7.86 15.34 9.20
N MET B 348 -7.41 14.84 10.35
CA MET B 348 -6.09 14.24 10.45
C MET B 348 -6.09 12.77 10.05
N LEU B 349 -7.17 12.05 10.34
CA LEU B 349 -7.29 10.63 10.00
C LEU B 349 -8.25 10.38 8.85
N ASP B 350 -8.70 11.44 8.16
CA ASP B 350 -9.68 11.34 7.09
C ASP B 350 -10.97 10.67 7.58
N ILE B 381 -9.56 4.92 -9.54
CA ILE B 381 -10.11 5.23 -10.85
C ILE B 381 -9.07 4.97 -11.93
N LYS B 382 -9.52 4.63 -13.14
CA LYS B 382 -8.64 4.36 -14.26
C LYS B 382 -8.23 5.63 -15.01
N VAL B 383 -8.76 6.80 -14.61
CA VAL B 383 -8.35 8.04 -15.23
C VAL B 383 -6.88 8.32 -14.96
N HIS B 384 -6.43 8.07 -13.73
CA HIS B 384 -5.03 8.32 -13.39
C HIS B 384 -4.10 7.32 -14.07
N LYS B 385 -4.59 6.12 -14.39
CA LYS B 385 -3.76 5.15 -15.08
C LYS B 385 -3.58 5.52 -16.55
N PHE B 386 -4.62 6.03 -17.19
CA PHE B 386 -4.59 6.34 -18.61
C PHE B 386 -4.33 7.80 -18.92
N LYS B 387 -4.10 8.63 -17.90
CA LYS B 387 -3.92 10.06 -18.14
C LYS B 387 -2.63 10.35 -18.89
N GLU B 388 -1.58 9.55 -18.65
CA GLU B 388 -0.32 9.74 -19.37
C GLU B 388 -0.52 9.56 -20.88
N ALA B 389 -1.20 8.48 -21.27
CA ALA B 389 -1.46 8.23 -22.69
C ALA B 389 -2.42 9.28 -23.26
N LEU B 390 -3.49 9.62 -22.53
CA LEU B 390 -4.42 10.62 -23.01
C LEU B 390 -3.72 11.95 -23.24
N GLN B 391 -2.84 12.34 -22.33
CA GLN B 391 -2.15 13.62 -22.46
C GLN B 391 -1.13 13.59 -23.60
N ARG B 392 -0.40 12.47 -23.78
CA ARG B 392 0.57 12.46 -24.86
C ARG B 392 -0.07 12.32 -26.23
N HIS B 393 -1.31 11.82 -26.33
CA HIS B 393 -1.90 11.71 -27.65
C HIS B 393 -2.83 12.88 -27.98
N LEU B 394 -3.36 13.57 -26.97
CA LEU B 394 -4.19 14.75 -27.19
C LEU B 394 -3.43 16.05 -27.06
N PHE B 395 -2.48 16.14 -26.13
CA PHE B 395 -1.73 17.37 -25.88
C PHE B 395 -0.23 17.06 -25.94
N PRO B 396 0.31 16.84 -27.14
CA PRO B 396 1.74 16.55 -27.26
C PRO B 396 2.57 17.79 -26.95
N VAL B 397 3.44 17.67 -25.94
CA VAL B 397 4.27 18.80 -25.52
C VAL B 397 5.48 18.89 -26.44
N THR B 398 5.36 19.71 -27.49
CA THR B 398 6.44 19.87 -28.45
C THR B 398 6.81 21.34 -28.61
N GLN B 399 7.74 21.64 -29.52
CA GLN B 399 8.20 23.00 -29.75
C GLN B 399 8.02 23.43 -31.20
N GLU B 400 7.32 22.65 -32.02
CA GLU B 400 7.17 22.99 -33.43
C GLU B 400 6.43 24.31 -33.62
N GLU B 401 5.34 24.49 -32.89
CA GLU B 401 4.49 25.68 -33.01
C GLU B 401 3.55 25.70 -31.82
N VAL B 402 2.64 26.66 -31.81
CA VAL B 402 1.59 26.74 -30.80
C VAL B 402 0.39 25.94 -31.28
N GLN B 403 -0.22 25.20 -30.37
CA GLN B 403 -1.34 24.31 -30.70
C GLN B 403 -2.62 24.88 -30.12
N PHE B 404 -3.57 25.22 -30.99
CA PHE B 404 -4.88 25.71 -30.60
C PHE B 404 -5.85 24.55 -30.58
N LYS B 405 -6.32 24.18 -29.39
CA LYS B 405 -7.23 23.06 -29.23
C LYS B 405 -8.41 23.50 -28.37
N PRO B 406 -9.58 22.86 -28.51
CA PRO B 406 -9.96 21.82 -29.49
C PRO B 406 -10.16 22.37 -30.89
N GLU B 407 -10.06 21.54 -31.92
CA GLU B 407 -10.03 22.03 -33.30
C GLU B 407 -11.42 22.43 -33.80
N SER B 408 -12.47 21.72 -33.40
CA SER B 408 -13.81 22.03 -33.89
C SER B 408 -14.31 23.36 -33.33
N LEU B 409 -14.17 23.55 -32.01
CA LEU B 409 -14.55 24.82 -31.41
C LEU B 409 -13.70 25.96 -31.96
N CYS B 410 -12.41 25.71 -32.18
CA CYS B 410 -11.56 26.74 -32.77
C CYS B 410 -12.01 27.09 -34.18
N LYS B 411 -12.40 26.09 -34.97
CA LYS B 411 -12.91 26.37 -36.31
C LYS B 411 -14.17 27.21 -36.26
N LYS B 412 -15.08 26.88 -35.34
CA LYS B 412 -16.30 27.67 -35.19
C LYS B 412 -15.99 29.11 -34.79
N LEU B 413 -15.06 29.29 -33.84
CA LEU B 413 -14.67 30.63 -33.40
C LEU B 413 -14.04 31.42 -34.53
N PHE B 414 -13.13 30.80 -35.28
CA PHE B 414 -12.38 31.49 -36.32
C PHE B 414 -13.21 31.73 -37.57
N SER B 415 -14.31 31.00 -37.74
CA SER B 415 -15.25 31.31 -38.82
C SER B 415 -16.26 32.37 -38.40
N ASP B 416 -16.70 32.35 -37.15
CA ASP B 416 -17.60 33.37 -36.66
C ASP B 416 -16.90 34.72 -36.53
N HIS B 417 -15.59 34.71 -36.31
CA HIS B 417 -14.80 35.94 -36.16
C HIS B 417 -13.47 35.73 -36.86
N LYS B 418 -13.24 36.48 -37.94
CA LYS B 418 -12.05 36.28 -38.75
C LYS B 418 -10.79 36.83 -38.09
N GLU B 419 -10.91 37.88 -37.29
CA GLU B 419 -9.75 38.55 -36.72
C GLU B 419 -9.27 37.91 -35.41
N LEU B 420 -9.95 36.86 -34.93
CA LEU B 420 -9.54 36.23 -33.69
C LEU B 420 -8.17 35.59 -33.82
N GLU B 421 -7.86 35.03 -34.98
CA GLU B 421 -6.58 34.34 -35.17
C GLU B 421 -5.42 35.31 -34.99
N GLY B 422 -5.49 36.48 -35.63
CA GLY B 422 -4.40 37.44 -35.52
C GLY B 422 -4.25 38.00 -34.12
N LEU B 423 -5.38 38.32 -33.47
CA LEU B 423 -5.31 38.83 -32.10
C LEU B 423 -4.71 37.80 -31.16
N MET B 424 -5.10 36.54 -31.29
CA MET B 424 -4.51 35.48 -30.47
C MET B 424 -3.02 35.35 -30.75
N LYS B 425 -2.64 35.34 -32.04
CA LYS B 425 -1.24 35.19 -32.39
C LYS B 425 -0.39 36.31 -31.81
N THR B 426 -0.93 37.54 -31.80
CA THR B 426 -0.20 38.65 -31.21
C THR B 426 -0.21 38.60 -29.68
N LEU B 427 -1.22 37.97 -29.07
CA LEU B 427 -1.30 37.96 -27.62
C LEU B 427 -0.16 37.18 -26.97
N ILE B 428 0.08 35.94 -27.41
CA ILE B 428 1.16 35.17 -26.79
C ILE B 428 2.52 35.59 -27.35
N HIS B 429 2.56 36.18 -28.54
CA HIS B 429 3.83 36.56 -29.13
C HIS B 429 4.51 37.62 -28.25
N PRO B 430 5.83 37.51 -28.03
CA PRO B 430 6.74 36.50 -28.57
C PRO B 430 6.74 35.19 -27.77
N CYS B 431 6.54 34.07 -28.45
CA CYS B 431 6.59 32.76 -27.80
C CYS B 431 6.86 31.70 -28.86
N SER B 432 7.26 30.53 -28.40
CA SER B 432 7.58 29.43 -29.30
C SER B 432 6.86 28.14 -28.97
N GLN B 433 6.63 27.85 -27.69
CA GLN B 433 6.02 26.61 -27.25
C GLN B 433 4.73 26.90 -26.50
N GLY B 434 3.94 25.85 -26.30
CA GLY B 434 2.75 25.91 -25.49
C GLY B 434 1.50 25.50 -26.23
N ILE B 435 0.42 25.35 -25.46
CA ILE B 435 -0.89 24.97 -25.96
C ILE B 435 -1.89 26.02 -25.50
N VAL B 436 -2.74 26.48 -26.41
CA VAL B 436 -3.85 27.37 -26.09
C VAL B 436 -5.13 26.56 -26.21
N ILE B 437 -5.86 26.47 -25.10
CA ILE B 437 -7.09 25.68 -25.02
C ILE B 437 -8.26 26.66 -24.95
N PHE B 438 -9.17 26.54 -25.89
CA PHE B 438 -10.29 27.45 -26.05
C PHE B 438 -11.57 26.84 -25.48
N SER B 439 -12.45 27.70 -24.99
CA SER B 439 -13.73 27.27 -24.49
C SER B 439 -14.73 28.40 -24.67
N ARG B 440 -16.01 28.03 -24.71
CA ARG B 440 -17.05 29.05 -24.73
C ARG B 440 -17.17 29.72 -23.36
N SER B 441 -17.05 28.92 -22.30
CA SER B 441 -16.95 29.47 -20.94
C SER B 441 -16.11 28.51 -20.12
N TRP B 442 -14.90 28.95 -19.77
CA TRP B 442 -14.05 28.14 -18.90
C TRP B 442 -14.57 28.12 -17.47
N ALA B 443 -15.34 29.13 -17.08
CA ALA B 443 -16.03 29.08 -15.79
C ALA B 443 -17.08 27.98 -15.77
N GLY B 444 -17.82 27.82 -16.88
CA GLY B 444 -18.80 26.76 -16.98
C GLY B 444 -18.21 25.39 -17.19
N ASP B 445 -16.99 25.31 -17.72
CA ASP B 445 -16.32 24.02 -17.86
C ASP B 445 -16.03 23.40 -16.50
N VAL B 446 -15.51 24.21 -15.57
CA VAL B 446 -15.28 23.74 -14.20
C VAL B 446 -16.56 23.68 -13.40
N GLY B 447 -17.70 24.01 -13.99
CA GLY B 447 -18.99 23.80 -13.34
C GLY B 447 -19.40 24.88 -12.38
N PHE B 448 -19.14 26.15 -12.68
CA PHE B 448 -19.47 27.23 -11.77
C PHE B 448 -20.47 28.22 -12.35
N ARG B 449 -20.20 28.77 -13.53
CA ARG B 449 -21.04 29.86 -14.03
C ARG B 449 -20.91 29.98 -15.54
N LYS B 450 -22.04 30.28 -16.18
CA LYS B 450 -22.09 30.57 -17.61
C LYS B 450 -22.56 32.01 -17.78
N GLU B 451 -21.84 32.77 -18.59
CA GLU B 451 -22.10 34.19 -18.76
C GLU B 451 -22.37 34.50 -20.23
N GLN B 452 -23.46 35.22 -20.49
CA GLN B 452 -23.83 35.60 -21.85
C GLN B 452 -23.03 36.78 -22.36
N ASN B 453 -22.23 37.44 -21.51
CA ASN B 453 -21.46 38.60 -21.91
C ASN B 453 -20.03 38.26 -22.33
N VAL B 454 -19.64 36.99 -22.25
CA VAL B 454 -18.29 36.56 -22.59
C VAL B 454 -18.35 35.76 -23.89
N LEU B 455 -17.50 36.11 -24.85
CA LEU B 455 -17.46 35.37 -26.11
C LEU B 455 -16.78 34.03 -25.91
N CYS B 456 -15.50 34.04 -25.51
CA CYS B 456 -14.75 32.82 -25.34
C CYS B 456 -13.61 33.06 -24.36
N ASP B 457 -13.07 31.94 -23.85
CA ASP B 457 -11.94 31.95 -22.93
C ASP B 457 -10.81 31.14 -23.51
N ALA B 458 -9.58 31.62 -23.31
CA ALA B 458 -8.39 30.92 -23.75
C ALA B 458 -7.48 30.66 -22.55
N LEU B 459 -6.88 29.48 -22.52
CA LEU B 459 -5.96 29.08 -21.47
C LEU B 459 -4.62 28.76 -22.12
N LEU B 460 -3.61 29.56 -21.84
CA LEU B 460 -2.29 29.40 -22.43
C LEU B 460 -1.37 28.70 -21.44
N ILE B 461 -0.75 27.61 -21.89
CA ILE B 461 0.22 26.87 -21.10
C ILE B 461 1.52 26.83 -21.88
N ALA B 462 2.61 27.24 -21.24
CA ALA B 462 3.89 27.32 -21.93
C ALA B 462 5.03 27.08 -20.95
N VAL B 463 6.17 26.73 -21.49
CA VAL B 463 7.39 26.53 -20.69
C VAL B 463 8.01 27.88 -20.40
N ASN B 464 8.53 28.02 -19.18
CA ASN B 464 9.09 29.30 -18.70
C ASN B 464 8.05 30.41 -18.76
N SER B 465 6.80 30.06 -18.43
CA SER B 465 5.72 31.04 -18.41
C SER B 465 4.61 30.50 -17.53
N PRO B 466 3.86 31.36 -16.85
CA PRO B 466 2.72 30.90 -16.05
C PRO B 466 1.50 30.66 -16.92
N VAL B 467 0.47 30.11 -16.30
CA VAL B 467 -0.80 29.88 -16.98
C VAL B 467 -1.55 31.21 -17.06
N VAL B 468 -2.05 31.54 -18.25
CA VAL B 468 -2.77 32.79 -18.48
C VAL B 468 -4.18 32.45 -18.94
N LEU B 469 -5.17 33.00 -18.25
CA LEU B 469 -6.57 32.83 -18.61
C LEU B 469 -7.06 34.12 -19.28
N TYR B 470 -7.25 34.06 -20.59
CA TYR B 470 -7.79 35.17 -21.35
C TYR B 470 -9.31 35.12 -21.32
N THR B 471 -9.92 36.30 -21.20
CA THR B 471 -11.36 36.44 -21.25
C THR B 471 -11.68 37.43 -22.36
N ILE B 472 -12.41 36.97 -23.38
CA ILE B 472 -12.73 37.78 -24.54
C ILE B 472 -14.14 38.34 -24.35
N LEU B 473 -14.27 39.65 -24.43
CA LEU B 473 -15.53 40.34 -24.21
C LEU B 473 -16.02 40.93 -25.52
N ILE B 474 -17.30 40.72 -25.83
CA ILE B 474 -17.88 41.31 -27.04
C ILE B 474 -17.92 42.82 -26.92
N ASP B 475 -18.40 43.34 -25.79
CA ASP B 475 -18.54 44.77 -25.57
C ASP B 475 -17.66 45.21 -24.41
N PRO B 476 -16.68 46.08 -24.63
CA PRO B 476 -15.87 46.59 -23.50
C PRO B 476 -16.67 47.37 -22.48
N ASN B 477 -17.85 47.88 -22.85
CA ASN B 477 -18.66 48.68 -21.94
C ASN B 477 -19.17 47.89 -20.74
N TRP B 478 -19.09 46.57 -20.79
CA TRP B 478 -19.49 45.75 -19.65
C TRP B 478 -18.45 45.87 -18.54
N PRO B 479 -18.83 46.29 -17.33
CA PRO B 479 -17.82 46.57 -16.30
C PRO B 479 -17.40 45.34 -15.50
N GLY B 480 -18.26 44.33 -15.42
CA GLY B 480 -18.05 43.21 -14.53
C GLY B 480 -17.14 42.11 -15.03
N GLY B 481 -16.43 42.32 -16.14
CA GLY B 481 -15.57 41.27 -16.66
C GLY B 481 -14.44 40.91 -15.71
N LEU B 482 -13.73 41.93 -15.21
CA LEU B 482 -12.55 41.72 -14.37
C LEU B 482 -12.81 40.67 -13.30
N GLU B 483 -13.75 40.96 -12.40
CA GLU B 483 -14.06 40.05 -11.30
C GLU B 483 -14.31 38.65 -11.84
N TYR B 484 -15.18 38.53 -12.86
CA TYR B 484 -15.44 37.24 -13.48
C TYR B 484 -14.15 36.49 -13.73
N ALA B 485 -13.28 37.09 -14.56
CA ALA B 485 -12.04 36.42 -14.93
C ALA B 485 -11.28 35.99 -13.69
N ARG B 486 -11.13 36.93 -12.73
CA ARG B 486 -10.39 36.63 -11.52
C ARG B 486 -10.95 35.39 -10.86
N ASN B 487 -12.26 35.40 -10.61
CA ASN B 487 -12.89 34.25 -9.95
C ASN B 487 -12.58 32.99 -10.72
N THR B 488 -12.77 33.02 -12.04
CA THR B 488 -12.55 31.85 -12.85
C THR B 488 -11.16 31.28 -12.61
N ALA B 489 -10.14 32.14 -12.66
CA ALA B 489 -8.78 31.67 -12.45
C ALA B 489 -8.68 30.93 -11.13
N HIS B 490 -9.15 31.56 -10.06
CA HIS B 490 -9.21 30.93 -8.75
C HIS B 490 -9.79 29.54 -8.86
N GLN B 491 -11.02 29.44 -9.37
CA GLN B 491 -11.70 28.15 -9.45
C GLN B 491 -10.84 27.14 -10.19
N LEU B 492 -10.30 27.54 -11.34
CA LEU B 492 -9.49 26.62 -12.13
C LEU B 492 -8.34 26.07 -11.30
N LYS B 493 -7.61 26.96 -10.62
CA LYS B 493 -6.49 26.52 -9.80
C LYS B 493 -6.95 25.48 -8.80
N GLN B 494 -8.06 25.76 -8.10
CA GLN B 494 -8.53 24.84 -7.08
C GLN B 494 -8.88 23.50 -7.70
N LYS B 495 -9.52 23.52 -8.88
CA LYS B 495 -9.88 22.27 -9.52
C LYS B 495 -8.63 21.48 -9.92
N LEU B 496 -7.55 22.18 -10.26
CA LEU B 496 -6.33 21.48 -10.61
C LEU B 496 -5.71 20.78 -9.41
N GLN B 497 -6.11 21.14 -8.19
CA GLN B 497 -5.52 20.57 -6.98
C GLN B 497 -6.45 19.56 -6.30
N THR B 498 -7.68 19.95 -5.99
CA THR B 498 -8.60 19.04 -5.32
C THR B 498 -8.94 17.86 -6.22
N VAL B 499 -9.19 18.12 -7.51
CA VAL B 499 -9.62 17.08 -8.45
C VAL B 499 -8.46 16.57 -9.29
N GLY B 500 -7.69 17.47 -9.89
CA GLY B 500 -6.61 17.07 -10.77
C GLY B 500 -5.41 16.47 -10.06
N GLY B 501 -5.28 16.74 -8.76
CA GLY B 501 -4.16 16.20 -8.01
C GLY B 501 -2.82 16.85 -8.27
N TYR B 502 -2.82 18.07 -8.81
CA TYR B 502 -1.57 18.76 -9.06
C TYR B 502 -0.95 19.24 -7.75
N THR B 503 0.37 19.12 -7.66
CA THR B 503 1.10 19.42 -6.44
C THR B 503 1.98 20.65 -6.54
N GLY B 504 2.68 20.84 -7.66
CA GLY B 504 3.61 21.94 -7.78
C GLY B 504 2.93 23.30 -7.79
N LYS B 505 3.78 24.33 -7.74
CA LYS B 505 3.29 25.70 -7.71
C LYS B 505 2.85 26.14 -9.10
N VAL B 506 1.66 26.72 -9.18
CA VAL B 506 1.13 27.24 -10.44
C VAL B 506 0.27 28.46 -10.13
N CYS B 507 0.29 29.43 -11.03
CA CYS B 507 -0.52 30.62 -10.92
C CYS B 507 -1.23 30.87 -12.25
N ILE B 508 -2.50 31.26 -12.18
CA ILE B 508 -3.30 31.56 -13.34
C ILE B 508 -3.59 33.06 -13.33
N ILE B 509 -3.03 33.77 -14.30
CA ILE B 509 -3.15 35.23 -14.40
C ILE B 509 -4.28 35.54 -15.37
N PRO B 510 -5.34 36.23 -14.92
CA PRO B 510 -6.43 36.58 -15.85
C PRO B 510 -6.14 37.87 -16.61
N ARG B 511 -6.47 37.86 -17.89
CA ARG B 511 -6.37 39.03 -18.75
C ARG B 511 -7.69 39.22 -19.49
N LEU B 512 -7.98 40.49 -19.83
CA LEU B 512 -9.23 40.85 -20.49
C LEU B 512 -8.93 41.43 -21.85
N ILE B 513 -9.45 40.79 -22.89
CA ILE B 513 -9.27 41.20 -24.29
C ILE B 513 -10.63 41.54 -24.87
N HIS B 514 -10.68 42.59 -25.69
CA HIS B 514 -11.86 42.96 -26.44
C HIS B 514 -11.66 42.64 -27.92
N LEU B 515 -12.77 42.43 -28.61
CA LEU B 515 -12.70 42.11 -30.04
C LEU B 515 -12.09 43.26 -30.83
N SER B 516 -12.53 44.48 -30.55
CA SER B 516 -12.04 45.67 -31.25
C SER B 516 -10.77 46.19 -30.57
N SER B 517 -9.70 45.43 -30.74
CA SER B 517 -8.41 45.76 -30.16
C SER B 517 -7.26 45.27 -31.03
N PRO B 526 -0.83 45.07 -13.40
CA PRO B 526 -0.14 43.81 -13.73
C PRO B 526 0.18 42.99 -12.48
N LEU B 527 -0.46 41.84 -12.34
CA LEU B 527 -0.22 40.98 -11.19
C LEU B 527 1.19 40.40 -11.23
N ARG B 528 1.85 40.40 -10.08
CA ARG B 528 3.19 39.85 -9.95
C ARG B 528 3.16 38.60 -9.09
N TYR B 529 3.97 37.62 -9.45
CA TYR B 529 4.03 36.34 -8.79
C TYR B 529 5.49 35.94 -8.65
N PRO B 530 5.81 35.04 -7.72
CA PRO B 530 7.20 34.57 -7.62
C PRO B 530 7.62 33.83 -8.88
N ARG B 531 8.93 33.89 -9.16
CA ARG B 531 9.49 33.17 -10.31
C ARG B 531 9.22 31.67 -10.22
N SER B 532 9.12 31.13 -9.00
CA SER B 532 8.89 29.71 -8.82
C SER B 532 7.51 29.26 -9.28
N TYR B 533 6.58 30.18 -9.50
CA TYR B 533 5.23 29.84 -9.94
C TYR B 533 5.14 29.68 -11.46
N ARG B 534 6.22 29.91 -12.19
CA ARG B 534 6.26 29.69 -13.63
C ARG B 534 6.77 28.28 -13.94
N LEU B 535 6.14 27.64 -14.93
CA LEU B 535 6.54 26.29 -15.31
C LEU B 535 7.99 26.28 -15.76
N ALA B 536 8.74 25.27 -15.31
CA ALA B 536 10.18 25.22 -15.53
C ALA B 536 10.54 24.44 -16.78
N ASP B 537 10.18 23.15 -16.83
CA ASP B 537 10.57 22.31 -17.95
C ASP B 537 9.36 21.65 -18.61
N GLU B 538 9.62 20.77 -19.56
CA GLU B 538 8.53 20.09 -20.27
C GLU B 538 7.80 19.10 -19.38
N GLU B 539 8.52 18.52 -18.40
CA GLU B 539 7.88 17.58 -17.48
C GLU B 539 6.82 18.28 -16.64
N GLU B 540 7.12 19.49 -16.18
CA GLU B 540 6.14 20.25 -15.40
C GLU B 540 4.87 20.52 -16.21
N MET B 541 5.04 20.90 -17.48
CA MET B 541 3.89 21.11 -18.34
C MET B 541 3.14 19.82 -18.60
N GLU B 542 3.85 18.70 -18.70
CA GLU B 542 3.20 17.40 -18.86
C GLU B 542 2.33 17.08 -17.66
N ASP B 543 2.86 17.28 -16.45
CA ASP B 543 2.07 17.02 -15.24
C ASP B 543 0.88 17.95 -15.14
N LEU B 544 1.06 19.23 -15.49
CA LEU B 544 -0.05 20.17 -15.44
C LEU B 544 -1.14 19.79 -16.45
N LEU B 545 -0.75 19.39 -17.65
CA LEU B 545 -1.74 18.97 -18.64
C LEU B 545 -2.41 17.67 -18.25
N GLN B 546 -1.70 16.78 -17.56
CA GLN B 546 -2.34 15.57 -17.05
C GLN B 546 -3.36 15.90 -15.98
N ALA B 547 -3.04 16.87 -15.11
CA ALA B 547 -4.02 17.36 -14.15
C ALA B 547 -5.23 17.96 -14.86
N LEU B 548 -4.98 18.70 -15.95
CA LEU B 548 -6.08 19.27 -16.72
C LEU B 548 -6.94 18.18 -17.34
N VAL B 549 -6.33 17.11 -17.84
CA VAL B 549 -7.08 15.99 -18.40
C VAL B 549 -7.96 15.36 -17.32
N VAL B 550 -7.40 15.16 -16.13
CA VAL B 550 -8.19 14.60 -15.03
C VAL B 550 -9.34 15.52 -14.68
N VAL B 551 -9.09 16.84 -14.65
CA VAL B 551 -10.14 17.80 -14.30
C VAL B 551 -11.25 17.79 -15.35
N SER B 552 -10.88 17.75 -16.63
CA SER B 552 -11.87 17.83 -17.69
C SER B 552 -12.66 16.53 -17.84
N LEU B 553 -12.05 15.38 -17.52
CA LEU B 553 -12.79 14.13 -17.62
C LEU B 553 -13.88 14.01 -16.56
N SER B 554 -13.90 14.88 -15.55
CA SER B 554 -14.94 14.89 -14.54
C SER B 554 -15.94 16.03 -14.75
N SER B 555 -15.91 16.69 -15.90
CA SER B 555 -16.79 17.79 -16.22
C SER B 555 -17.56 17.48 -17.51
N ARG B 556 -18.45 18.40 -17.88
CA ARG B 556 -19.32 18.25 -19.04
C ARG B 556 -19.02 19.37 -20.03
N SER B 557 -18.47 19.02 -21.19
CA SER B 557 -18.13 19.99 -22.22
C SER B 557 -17.76 19.23 -23.50
N LEU B 558 -17.35 19.98 -24.52
CA LEU B 558 -16.83 19.39 -25.75
C LEU B 558 -15.51 18.67 -25.52
N LEU B 559 -14.56 19.35 -24.87
CA LEU B 559 -13.27 18.75 -24.59
C LEU B 559 -13.43 17.50 -23.74
N SER B 560 -14.33 17.56 -22.74
CA SER B 560 -14.61 16.40 -21.93
C SER B 560 -15.18 15.26 -22.77
N ASP B 561 -16.05 15.58 -23.74
CA ASP B 561 -16.63 14.54 -24.58
C ASP B 561 -15.57 13.83 -25.41
N GLN B 562 -14.69 14.60 -26.06
CA GLN B 562 -13.64 13.97 -26.87
C GLN B 562 -12.67 13.17 -26.01
N MET B 563 -12.28 13.71 -24.85
CA MET B 563 -11.40 12.97 -23.95
C MET B 563 -12.08 11.69 -23.48
N GLY B 564 -13.37 11.74 -23.19
CA GLY B 564 -14.09 10.54 -22.77
C GLY B 564 -14.16 9.51 -23.88
N CYS B 565 -14.33 9.96 -25.12
CA CYS B 565 -14.33 9.02 -26.24
C CYS B 565 -12.99 8.30 -26.36
N GLU B 566 -11.89 9.03 -26.22
CA GLU B 566 -10.58 8.38 -26.34
C GLU B 566 -10.29 7.50 -25.13
N PHE B 567 -10.76 7.93 -23.95
CA PHE B 567 -10.73 7.10 -22.75
C PHE B 567 -11.44 5.78 -22.99
N PHE B 568 -12.61 5.84 -23.61
CA PHE B 568 -13.37 4.63 -23.94
C PHE B 568 -12.61 3.76 -24.94
N ASN B 569 -11.92 4.39 -25.90
CA ASN B 569 -11.10 3.63 -26.83
C ASN B 569 -10.04 2.82 -26.10
N LEU B 570 -9.31 3.45 -25.18
CA LEU B 570 -8.28 2.74 -24.43
C LEU B 570 -8.87 1.63 -23.57
N LEU B 571 -10.00 1.91 -22.91
CA LEU B 571 -10.66 0.90 -22.09
C LEU B 571 -11.09 -0.29 -22.92
N ILE B 572 -11.64 -0.04 -24.11
CA ILE B 572 -12.06 -1.12 -25.01
C ILE B 572 -10.84 -1.94 -25.45
N MET B 573 -9.72 -1.27 -25.72
CA MET B 573 -8.51 -1.98 -26.11
C MET B 573 -8.07 -2.94 -25.01
N GLU B 574 -8.04 -2.47 -23.77
CA GLU B 574 -7.62 -3.34 -22.67
C GLU B 574 -8.63 -4.48 -22.44
N GLN B 575 -9.93 -4.17 -22.55
CA GLN B 575 -10.94 -5.21 -22.38
C GLN B 575 -10.80 -6.29 -23.44
N SER B 576 -10.55 -5.90 -24.69
CA SER B 576 -10.37 -6.89 -25.75
C SER B 576 -9.09 -7.69 -25.55
N GLN B 577 -8.04 -7.04 -25.03
CA GLN B 577 -6.82 -7.79 -24.70
C GLN B 577 -7.11 -8.85 -23.65
N LEU B 578 -7.90 -8.51 -22.64
CA LEU B 578 -8.30 -9.50 -21.64
C LEU B 578 -9.15 -10.60 -22.26
N LEU B 579 -10.07 -10.25 -23.15
CA LEU B 579 -10.97 -11.22 -23.74
C LEU B 579 -10.24 -12.18 -24.68
N SER B 580 -9.12 -11.75 -25.25
CA SER B 580 -8.39 -12.59 -26.21
C SER B 580 -7.82 -13.86 -25.59
N GLU B 581 -7.77 -13.96 -24.26
CA GLU B 581 -7.25 -15.18 -23.65
C GLU B 581 -8.15 -16.38 -23.93
N SER B 582 -9.46 -16.18 -24.05
CA SER B 582 -10.38 -17.29 -24.25
C SER B 582 -10.23 -17.95 -25.61
N LEU B 583 -9.48 -17.34 -26.53
CA LEU B 583 -9.19 -18.00 -27.80
C LEU B 583 -8.23 -19.17 -27.62
N GLN B 584 -7.48 -19.18 -26.51
CA GLN B 584 -6.59 -20.29 -26.18
C GLN B 584 -7.26 -21.36 -25.33
N LYS B 585 -8.49 -21.11 -24.87
CA LYS B 585 -9.15 -22.01 -23.94
C LYS B 585 -10.41 -22.67 -24.48
N THR B 586 -11.01 -22.13 -25.54
CA THR B 586 -12.22 -22.72 -26.10
C THR B 586 -12.30 -22.37 -27.58
N ARG B 587 -13.14 -23.10 -28.29
CA ARG B 587 -13.38 -22.90 -29.72
C ARG B 587 -14.71 -22.19 -29.98
N GLU B 588 -15.81 -22.74 -29.45
CA GLU B 588 -17.11 -22.11 -29.55
C GLU B 588 -17.46 -21.49 -28.20
N LEU B 589 -17.84 -20.21 -28.22
CA LEU B 589 -18.15 -19.47 -27.01
C LEU B 589 -19.43 -18.67 -27.19
N PHE B 590 -20.20 -18.55 -26.11
CA PHE B 590 -21.43 -17.77 -26.07
C PHE B 590 -21.22 -16.59 -25.14
N ILE B 591 -20.93 -15.42 -25.71
CA ILE B 591 -20.65 -14.22 -24.94
C ILE B 591 -21.96 -13.47 -24.71
N TYR B 592 -22.32 -13.27 -23.44
CA TYR B 592 -23.52 -12.54 -23.06
C TYR B 592 -23.11 -11.13 -22.66
N CYS B 593 -23.71 -10.14 -23.31
CA CYS B 593 -23.27 -8.76 -23.20
C CYS B 593 -24.36 -7.91 -22.57
N PHE B 594 -23.97 -7.09 -21.60
CA PHE B 594 -24.88 -6.11 -21.01
C PHE B 594 -25.23 -5.05 -22.05
N PRO B 595 -26.35 -4.35 -21.86
CA PRO B 595 -26.61 -3.16 -22.67
C PRO B 595 -25.50 -2.12 -22.51
N GLY B 596 -25.15 -1.49 -23.62
CA GLY B 596 -24.11 -0.47 -23.61
C GLY B 596 -22.71 -0.98 -23.32
N VAL B 597 -22.31 -2.10 -23.93
CA VAL B 597 -20.96 -2.64 -23.76
C VAL B 597 -20.09 -2.43 -24.98
N ARG B 598 -20.65 -2.01 -26.11
CA ARG B 598 -19.90 -1.76 -27.34
C ARG B 598 -19.19 -3.03 -27.81
N LYS B 599 -20.03 -4.02 -28.15
CA LYS B 599 -19.56 -5.35 -28.54
C LYS B 599 -18.92 -5.40 -29.92
N THR B 600 -19.25 -4.45 -30.80
CA THR B 600 -18.69 -4.50 -32.16
C THR B 600 -17.20 -4.21 -32.16
N ALA B 601 -16.74 -3.26 -31.34
CA ALA B 601 -15.31 -3.02 -31.20
C ALA B 601 -14.61 -4.24 -30.63
N LEU B 602 -15.24 -4.90 -29.65
CA LEU B 602 -14.69 -6.13 -29.11
C LEU B 602 -14.53 -7.19 -30.20
N ALA B 603 -15.55 -7.35 -31.05
CA ALA B 603 -15.47 -8.32 -32.12
C ALA B 603 -14.36 -7.98 -33.11
N ILE B 604 -14.23 -6.69 -33.45
CA ILE B 604 -13.19 -6.28 -34.38
C ILE B 604 -11.81 -6.61 -33.82
N LYS B 605 -11.59 -6.29 -32.55
CA LYS B 605 -10.30 -6.62 -31.93
C LYS B 605 -10.12 -8.13 -31.79
N ILE B 606 -11.21 -8.87 -31.61
CA ILE B 606 -11.11 -10.33 -31.51
C ILE B 606 -10.63 -10.92 -32.83
N MET B 607 -11.16 -10.45 -33.95
CA MET B 607 -10.61 -10.91 -35.23
C MET B 607 -9.19 -10.43 -35.46
N GLU B 608 -8.86 -9.23 -34.99
CA GLU B 608 -7.46 -8.80 -35.05
C GLU B 608 -6.57 -9.79 -34.31
N LYS B 609 -7.07 -10.35 -33.21
CA LYS B 609 -6.31 -11.34 -32.44
C LYS B 609 -6.31 -12.70 -33.10
N ILE B 610 -7.41 -13.08 -33.75
CA ILE B 610 -7.48 -14.38 -34.43
C ILE B 610 -6.53 -14.42 -35.60
N LYS B 611 -6.42 -13.31 -36.34
CA LYS B 611 -5.55 -13.26 -37.50
C LYS B 611 -4.09 -13.53 -37.13
N ASP B 612 -3.69 -13.21 -35.90
CA ASP B 612 -2.33 -13.41 -35.45
C ASP B 612 -2.14 -14.70 -34.67
N LEU B 613 -3.05 -15.02 -33.75
CA LEU B 613 -2.93 -16.24 -32.96
C LEU B 613 -3.00 -17.48 -33.85
N PHE B 614 -3.96 -17.50 -34.77
CA PHE B 614 -3.94 -18.42 -35.90
C PHE B 614 -3.40 -17.65 -37.08
N HIS B 615 -2.21 -18.01 -37.55
CA HIS B 615 -1.58 -17.27 -38.64
C HIS B 615 -2.30 -17.56 -39.94
N CYS B 616 -3.33 -16.77 -40.25
CA CYS B 616 -4.16 -17.01 -41.42
C CYS B 616 -4.58 -15.68 -42.01
N LYS B 617 -4.96 -15.71 -43.28
CA LYS B 617 -5.42 -14.53 -43.98
C LYS B 617 -6.77 -14.07 -43.43
N PRO B 618 -7.10 -12.78 -43.58
CA PRO B 618 -8.43 -12.32 -43.18
C PRO B 618 -9.56 -12.96 -43.96
N LYS B 619 -9.27 -13.57 -45.11
CA LYS B 619 -10.30 -14.21 -45.91
C LYS B 619 -10.96 -15.37 -45.16
N GLU B 620 -10.17 -16.14 -44.43
CA GLU B 620 -10.73 -17.27 -43.68
C GLU B 620 -11.36 -16.86 -42.36
N ILE B 621 -11.63 -15.56 -42.15
CA ILE B 621 -12.37 -15.06 -41.01
C ILE B 621 -13.66 -14.42 -41.52
N LEU B 622 -14.77 -14.71 -40.87
CA LEU B 622 -16.07 -14.23 -41.30
C LEU B 622 -16.75 -13.45 -40.18
N TYR B 623 -17.42 -12.36 -40.56
CA TYR B 623 -18.30 -11.61 -39.68
C TYR B 623 -19.73 -11.78 -40.17
N VAL B 624 -20.63 -12.12 -39.26
CA VAL B 624 -22.04 -12.30 -39.60
C VAL B 624 -22.86 -11.36 -38.72
N CYS B 625 -23.64 -10.48 -39.37
CA CYS B 625 -24.53 -9.57 -38.65
C CYS B 625 -25.94 -9.67 -39.19
N GLU B 626 -26.82 -8.75 -38.80
CA GLU B 626 -28.19 -8.74 -39.28
C GLU B 626 -28.53 -7.53 -40.16
N SER B 627 -27.94 -6.38 -39.89
CA SER B 627 -28.26 -5.16 -40.62
C SER B 627 -27.15 -4.84 -41.63
N ASP B 628 -27.57 -4.27 -42.77
CA ASP B 628 -26.60 -3.91 -43.81
C ASP B 628 -25.75 -2.71 -43.40
N SER B 629 -26.34 -1.77 -42.66
CA SER B 629 -25.58 -0.61 -42.21
C SER B 629 -24.42 -1.02 -41.32
N LEU B 630 -24.66 -1.95 -40.39
CA LEU B 630 -23.57 -2.42 -39.54
C LEU B 630 -22.59 -3.28 -40.33
N LYS B 631 -23.05 -3.97 -41.37
CA LYS B 631 -22.11 -4.71 -42.22
C LYS B 631 -21.15 -3.74 -42.90
N ASP B 632 -21.67 -2.63 -43.43
CA ASP B 632 -20.79 -1.63 -44.03
C ASP B 632 -19.86 -1.01 -42.99
N PHE B 633 -20.40 -0.71 -41.80
CA PHE B 633 -19.60 -0.17 -40.71
C PHE B 633 -18.42 -1.09 -40.42
N VAL B 634 -18.69 -2.40 -40.31
CA VAL B 634 -17.65 -3.35 -39.94
C VAL B 634 -16.65 -3.52 -41.09
N THR B 635 -17.15 -3.62 -42.32
CA THR B 635 -16.24 -3.81 -43.45
C THR B 635 -15.43 -2.56 -43.74
N GLN B 636 -15.78 -1.42 -43.15
CA GLN B 636 -14.95 -0.23 -43.32
C GLN B 636 -13.55 -0.43 -42.74
N GLN B 637 -13.45 -0.99 -41.54
CA GLN B 637 -12.14 -1.18 -40.90
C GLN B 637 -11.57 -2.58 -41.14
N THR B 638 -12.31 -3.61 -40.76
CA THR B 638 -11.75 -4.95 -40.79
C THR B 638 -11.48 -5.40 -42.22
N THR B 639 -10.38 -6.14 -42.38
CA THR B 639 -10.01 -6.69 -43.68
C THR B 639 -10.67 -8.04 -43.95
N CYS B 640 -11.34 -8.62 -42.96
CA CYS B 640 -12.02 -9.88 -43.15
C CYS B 640 -13.38 -9.65 -43.81
N GLN B 641 -13.94 -10.72 -44.35
CA GLN B 641 -15.28 -10.64 -44.91
C GLN B 641 -16.30 -10.36 -43.81
N ALA B 642 -17.15 -9.36 -44.05
CA ALA B 642 -18.21 -8.99 -43.12
C ALA B 642 -19.51 -8.95 -43.92
N VAL B 643 -20.29 -10.03 -43.85
CA VAL B 643 -21.53 -10.13 -44.61
C VAL B 643 -22.68 -10.36 -43.63
N THR B 644 -23.86 -9.92 -44.05
CA THR B 644 -25.04 -10.09 -43.23
C THR B 644 -25.50 -11.54 -43.26
N ARG B 645 -26.45 -11.87 -42.39
CA ARG B 645 -26.91 -13.24 -42.26
C ARG B 645 -27.69 -13.71 -43.46
N LYS B 646 -28.45 -12.82 -44.12
CA LYS B 646 -29.23 -13.22 -45.28
C LYS B 646 -28.32 -13.66 -46.42
N THR B 647 -27.25 -12.92 -46.68
CA THR B 647 -26.30 -13.33 -47.70
C THR B 647 -25.36 -14.43 -47.23
N PHE B 648 -25.17 -14.56 -45.91
CA PHE B 648 -24.41 -15.70 -45.39
C PHE B 648 -25.11 -17.01 -45.71
N MET B 649 -26.43 -17.03 -45.55
CA MET B 649 -27.23 -18.11 -46.10
C MET B 649 -27.39 -17.91 -47.59
N GLN B 650 -27.99 -18.91 -48.25
CA GLN B 650 -28.07 -18.99 -49.71
C GLN B 650 -26.74 -18.62 -50.37
N GLY B 651 -25.63 -19.00 -49.73
CA GLY B 651 -24.30 -18.76 -50.25
C GLY B 651 -23.40 -19.92 -49.86
N GLU B 652 -22.18 -19.88 -50.38
CA GLU B 652 -21.20 -20.92 -50.12
C GLU B 652 -19.90 -20.29 -49.63
N PHE B 653 -19.40 -20.77 -48.50
CA PHE B 653 -18.16 -20.28 -47.89
C PHE B 653 -17.30 -21.49 -47.59
N LEU B 654 -16.51 -21.93 -48.57
CA LEU B 654 -15.72 -23.14 -48.41
C LEU B 654 -14.37 -22.87 -47.76
N LYS B 655 -13.78 -21.71 -48.03
CA LYS B 655 -12.47 -21.36 -47.49
C LYS B 655 -12.56 -20.75 -46.09
N ILE B 656 -13.76 -20.61 -45.53
CA ILE B 656 -13.92 -19.98 -44.23
C ILE B 656 -13.42 -20.93 -43.14
N LYS B 657 -12.57 -20.41 -42.25
CA LYS B 657 -12.03 -21.16 -41.12
C LYS B 657 -12.70 -20.80 -39.80
N HIS B 658 -12.88 -19.50 -39.54
CA HIS B 658 -13.45 -19.02 -38.28
C HIS B 658 -14.58 -18.05 -38.56
N ILE B 659 -15.59 -18.06 -37.70
CA ILE B 659 -16.79 -17.24 -37.85
C ILE B 659 -17.07 -16.53 -36.52
N VAL B 660 -17.29 -15.22 -36.60
CA VAL B 660 -17.73 -14.41 -35.47
C VAL B 660 -19.08 -13.81 -35.84
N MET B 661 -20.08 -14.03 -34.99
CA MET B 661 -21.45 -13.66 -35.29
C MET B 661 -21.95 -12.64 -34.27
N ASP B 662 -22.47 -11.53 -34.78
CA ASP B 662 -22.96 -10.42 -33.97
C ASP B 662 -24.45 -10.22 -34.24
N GLU B 663 -25.12 -9.55 -33.30
CA GLU B 663 -26.58 -9.40 -33.32
C GLU B 663 -27.28 -10.75 -33.44
N THR B 664 -26.76 -11.74 -32.71
CA THR B 664 -27.30 -13.09 -32.79
C THR B 664 -28.74 -13.16 -32.27
N GLU B 665 -29.17 -12.17 -31.50
CA GLU B 665 -30.50 -12.23 -30.90
C GLU B 665 -31.61 -12.07 -31.93
N ASN B 666 -31.38 -11.29 -33.00
CA ASN B 666 -32.41 -11.04 -34.00
C ASN B 666 -32.23 -11.89 -35.25
N PHE B 667 -31.38 -12.91 -35.21
CA PHE B 667 -31.27 -13.83 -36.32
C PHE B 667 -32.55 -14.62 -36.49
N CYS B 668 -32.97 -14.81 -37.74
CA CYS B 668 -34.23 -15.48 -38.05
C CYS B 668 -33.98 -16.76 -38.83
N SER B 669 -34.58 -17.85 -38.36
CA SER B 669 -34.43 -19.16 -38.99
C SER B 669 -35.46 -19.39 -40.09
N LYS B 670 -36.00 -18.31 -40.67
CA LYS B 670 -37.00 -18.43 -41.72
C LYS B 670 -36.42 -18.85 -43.06
N TYR B 671 -35.09 -18.84 -43.21
CA TYR B 671 -34.45 -19.27 -44.45
C TYR B 671 -33.57 -20.50 -44.23
N GLY B 672 -33.79 -21.24 -43.14
CA GLY B 672 -33.02 -22.44 -42.87
C GLY B 672 -32.43 -22.46 -41.47
N ASN B 673 -31.26 -23.09 -41.34
CA ASN B 673 -30.56 -23.19 -40.05
C ASN B 673 -29.20 -22.53 -40.21
N TRP B 674 -29.06 -21.32 -39.66
CA TRP B 674 -27.77 -20.63 -39.70
C TRP B 674 -26.79 -21.23 -38.71
N TYR B 675 -27.28 -21.67 -37.55
CA TYR B 675 -26.39 -22.25 -36.55
C TYR B 675 -25.77 -23.55 -37.04
N MET B 676 -26.58 -24.41 -37.65
CA MET B 676 -26.04 -25.66 -38.19
C MET B 676 -25.05 -25.40 -39.31
N LYS B 677 -25.33 -24.40 -40.15
CA LYS B 677 -24.41 -24.07 -41.24
C LYS B 677 -23.07 -23.59 -40.70
N ALA B 678 -23.10 -22.71 -39.69
CA ALA B 678 -21.86 -22.24 -39.09
C ALA B 678 -21.11 -23.38 -38.40
N LYS B 679 -21.84 -24.26 -37.71
CA LYS B 679 -21.21 -25.39 -37.03
C LYS B 679 -20.55 -26.34 -38.04
N ASN B 680 -21.24 -26.62 -39.15
CA ASN B 680 -20.68 -27.53 -40.15
C ASN B 680 -19.50 -26.90 -40.87
N ILE B 681 -19.51 -25.57 -41.05
CA ILE B 681 -18.34 -24.90 -41.62
C ILE B 681 -17.15 -24.99 -40.65
N THR B 682 -17.40 -24.79 -39.37
CA THR B 682 -16.34 -24.80 -38.37
C THR B 682 -15.90 -26.22 -37.99
N HIS B 683 -16.74 -27.23 -38.25
CA HIS B 683 -16.44 -28.63 -37.93
C HIS B 683 -16.35 -29.43 -39.22
N PRO B 684 -15.23 -29.34 -39.95
CA PRO B 684 -15.09 -30.15 -41.17
C PRO B 684 -14.93 -31.64 -40.87
N HIS B 695 -9.92 -30.39 -38.37
CA HIS B 695 -9.97 -28.95 -38.11
C HIS B 695 -11.11 -28.60 -37.16
N HIS B 696 -10.82 -27.72 -36.20
CA HIS B 696 -11.82 -27.21 -35.28
C HIS B 696 -11.67 -25.70 -35.21
N GLY B 697 -12.61 -24.98 -35.83
CA GLY B 697 -12.54 -23.54 -35.90
C GLY B 697 -13.14 -22.88 -34.67
N ILE B 698 -13.34 -21.57 -34.80
CA ILE B 698 -13.84 -20.74 -33.71
C ILE B 698 -15.22 -20.22 -34.10
N LEU B 699 -16.17 -20.33 -33.17
CA LEU B 699 -17.57 -20.00 -33.39
C LEU B 699 -18.09 -19.07 -32.29
N TRP B 700 -17.33 -18.01 -32.02
CA TRP B 700 -17.75 -17.06 -30.99
C TRP B 700 -19.04 -16.36 -31.39
N LEU B 701 -20.00 -16.33 -30.48
CA LEU B 701 -21.33 -15.75 -30.72
C LEU B 701 -21.60 -14.70 -29.65
N PHE B 702 -21.84 -13.47 -30.08
CA PHE B 702 -22.17 -12.37 -29.17
C PHE B 702 -23.69 -12.21 -29.12
N LEU B 703 -24.24 -12.19 -27.90
CA LEU B 703 -25.66 -12.08 -27.69
C LEU B 703 -25.97 -10.93 -26.75
N ASP B 704 -27.03 -10.20 -27.05
CA ASP B 704 -27.58 -9.16 -26.17
C ASP B 704 -29.04 -9.48 -25.95
N PRO B 705 -29.38 -10.22 -24.89
CA PRO B 705 -30.77 -10.66 -24.70
C PRO B 705 -31.75 -9.52 -24.46
N PHE B 706 -31.27 -8.34 -24.08
CA PHE B 706 -32.14 -7.23 -23.74
C PHE B 706 -32.56 -6.39 -24.94
N GLN B 707 -32.06 -6.70 -26.14
CA GLN B 707 -32.27 -5.86 -27.31
C GLN B 707 -32.88 -6.66 -28.46
N ILE B 708 -33.94 -7.39 -28.15
CA ILE B 708 -34.64 -8.17 -29.16
C ILE B 708 -35.56 -7.24 -29.96
N HIS B 709 -35.42 -7.27 -31.29
CA HIS B 709 -36.28 -6.48 -32.17
C HIS B 709 -37.11 -7.34 -33.09
N HIS B 710 -36.49 -8.26 -33.83
CA HIS B 710 -37.23 -9.06 -34.79
C HIS B 710 -38.20 -10.01 -34.09
N ALA B 711 -39.38 -10.18 -34.68
CA ALA B 711 -40.39 -11.09 -34.16
C ALA B 711 -40.28 -12.48 -34.79
N ASP B 712 -39.09 -13.07 -34.70
CA ASP B 712 -38.83 -14.37 -35.29
C ASP B 712 -38.12 -15.27 -34.27
N VAL B 713 -38.34 -16.57 -34.40
CA VAL B 713 -37.70 -17.55 -33.53
C VAL B 713 -36.33 -17.88 -34.09
N ASN B 714 -35.30 -17.73 -33.25
CA ASN B 714 -33.93 -17.97 -33.68
C ASN B 714 -33.68 -19.45 -33.92
N GLY B 715 -32.62 -19.73 -34.67
CA GLY B 715 -32.07 -21.05 -34.80
C GLY B 715 -31.07 -21.40 -33.73
N LEU B 716 -31.00 -20.59 -32.67
CA LEU B 716 -30.08 -20.84 -31.58
C LEU B 716 -30.46 -22.11 -30.83
N PRO B 717 -29.50 -22.82 -30.26
CA PRO B 717 -29.81 -23.92 -29.36
C PRO B 717 -30.48 -23.39 -28.09
N PRO B 718 -31.20 -24.24 -27.37
CA PRO B 718 -31.87 -23.78 -26.16
C PRO B 718 -30.85 -23.27 -25.16
N PRO B 719 -31.26 -22.35 -24.27
CA PRO B 719 -30.29 -21.74 -23.36
C PRO B 719 -29.63 -22.72 -22.41
N SER B 720 -30.23 -23.89 -22.18
CA SER B 720 -29.60 -24.93 -21.38
C SER B 720 -28.49 -25.65 -22.11
N ALA B 721 -28.35 -25.43 -23.42
CA ALA B 721 -27.30 -26.03 -24.23
C ALA B 721 -26.45 -24.96 -24.91
N GLN B 722 -26.23 -23.84 -24.22
CA GLN B 722 -25.49 -22.71 -24.79
C GLN B 722 -24.19 -22.51 -24.04
N PHE B 723 -23.48 -23.60 -23.76
CA PHE B 723 -22.17 -23.64 -23.12
C PHE B 723 -21.08 -23.97 -24.12
N PRO B 724 -19.84 -23.50 -23.90
CA PRO B 724 -19.39 -22.66 -22.79
C PRO B 724 -19.80 -21.20 -22.99
N ARG B 725 -19.91 -20.45 -21.90
CA ARG B 725 -20.43 -19.10 -21.94
C ARG B 725 -19.62 -18.21 -21.02
N LYS B 726 -19.67 -16.91 -21.30
CA LYS B 726 -19.07 -15.92 -20.43
C LYS B 726 -19.87 -14.62 -20.54
N THR B 727 -19.99 -13.93 -19.42
CA THR B 727 -20.71 -12.66 -19.36
C THR B 727 -19.69 -11.53 -19.31
N ILE B 728 -19.77 -10.62 -20.29
CA ILE B 728 -18.94 -9.40 -20.27
C ILE B 728 -19.78 -8.35 -19.57
N THR B 729 -19.70 -8.35 -18.24
CA THR B 729 -20.45 -7.37 -17.45
C THR B 729 -19.89 -5.98 -17.64
N SER B 730 -18.58 -5.83 -17.50
CA SER B 730 -17.94 -4.54 -17.68
C SER B 730 -17.85 -4.19 -19.17
N GLY B 731 -17.58 -2.91 -19.44
CA GLY B 731 -17.54 -2.43 -20.80
C GLY B 731 -18.54 -1.32 -21.03
N ILE B 732 -19.15 -0.84 -19.95
CA ILE B 732 -20.12 0.25 -20.04
C ILE B 732 -19.36 1.52 -20.46
N HIS B 733 -19.62 1.98 -21.67
CA HIS B 733 -18.91 3.13 -22.22
C HIS B 733 -19.89 4.24 -22.56
N CYS B 734 -20.83 4.50 -21.65
CA CYS B 734 -21.80 5.58 -21.75
C CYS B 734 -21.63 6.52 -20.56
N ALA B 735 -22.55 7.47 -20.42
CA ALA B 735 -22.49 8.42 -19.33
C ALA B 735 -23.08 7.84 -18.05
N LEU B 736 -22.90 8.57 -16.95
CA LEU B 736 -23.49 8.16 -15.68
C LEU B 736 -25.01 8.15 -15.74
N GLU B 737 -25.59 9.19 -16.33
CA GLU B 737 -27.05 9.29 -16.39
C GLU B 737 -27.63 8.30 -17.40
N ILE B 738 -26.94 8.10 -18.52
CA ILE B 738 -27.35 7.10 -19.48
C ILE B 738 -27.29 5.71 -18.86
N ALA B 739 -26.24 5.44 -18.09
CA ALA B 739 -26.12 4.16 -17.39
C ALA B 739 -27.22 4.01 -16.34
N LYS B 740 -27.58 5.10 -15.66
CA LYS B 740 -28.66 5.03 -14.68
C LYS B 740 -29.99 4.72 -15.34
N VAL B 741 -30.26 5.36 -16.49
CA VAL B 741 -31.47 5.05 -17.25
C VAL B 741 -31.45 3.58 -17.67
N MET B 742 -30.28 3.10 -18.13
CA MET B 742 -30.15 1.69 -18.51
C MET B 742 -30.49 0.78 -17.34
N LYS B 743 -29.91 1.04 -16.17
CA LYS B 743 -30.17 0.21 -14.99
C LYS B 743 -31.64 0.21 -14.60
N GLU B 744 -32.26 1.39 -14.62
CA GLU B 744 -33.68 1.45 -14.27
C GLU B 744 -34.51 0.62 -15.25
N GLU B 745 -34.16 0.68 -16.54
CA GLU B 745 -34.87 -0.14 -17.51
C GLU B 745 -34.61 -1.62 -17.30
N MET B 746 -33.39 -1.99 -16.88
CA MET B 746 -33.12 -3.39 -16.54
C MET B 746 -34.01 -3.87 -15.42
N LYS B 747 -34.13 -3.06 -14.36
CA LYS B 747 -34.97 -3.43 -13.23
C LYS B 747 -36.42 -3.55 -13.65
N ARG B 748 -36.90 -2.61 -14.48
CA ARG B 748 -38.28 -2.70 -14.96
C ARG B 748 -38.50 -3.94 -15.80
N ILE B 749 -37.53 -4.30 -16.66
CA ILE B 749 -37.68 -5.49 -17.49
C ILE B 749 -37.70 -6.75 -16.63
N LYS B 750 -36.79 -6.84 -15.66
CA LYS B 750 -36.73 -8.04 -14.82
C LYS B 750 -37.96 -8.17 -13.93
N GLU B 751 -38.52 -7.04 -13.49
CA GLU B 751 -39.73 -7.11 -12.67
C GLU B 751 -40.90 -7.69 -13.45
N ASN B 752 -41.05 -7.30 -14.72
CA ASN B 752 -42.11 -7.81 -15.60
C ASN B 752 -41.45 -8.38 -16.85
N PRO B 753 -41.05 -9.65 -16.83
CA PRO B 753 -40.35 -10.23 -17.98
C PRO B 753 -41.21 -10.22 -19.23
N PRO B 754 -40.62 -9.99 -20.39
CA PRO B 754 -41.37 -10.04 -21.65
C PRO B 754 -41.45 -11.48 -22.16
N SER B 755 -42.06 -11.62 -23.34
CA SER B 755 -42.26 -12.93 -23.93
C SER B 755 -41.16 -13.31 -24.92
N ASN B 756 -40.61 -12.34 -25.65
CA ASN B 756 -39.58 -12.64 -26.64
C ASN B 756 -38.24 -12.98 -26.02
N MET B 757 -38.07 -12.80 -24.71
CA MET B 757 -36.86 -13.17 -24.01
C MET B 757 -37.19 -14.22 -22.96
N SER B 758 -36.44 -15.32 -22.96
CA SER B 758 -36.72 -16.41 -22.05
C SER B 758 -36.33 -16.02 -20.62
N PRO B 759 -37.09 -16.48 -19.62
CA PRO B 759 -36.74 -16.13 -18.23
C PRO B 759 -35.37 -16.62 -17.81
N ASP B 760 -34.90 -17.75 -18.34
CA ASP B 760 -33.60 -18.27 -17.95
C ASP B 760 -32.48 -17.31 -18.29
N THR B 761 -32.53 -16.72 -19.49
CA THR B 761 -31.48 -15.78 -19.90
C THR B 761 -31.53 -14.50 -19.08
N LEU B 762 -32.70 -14.13 -18.56
CA LEU B 762 -32.80 -12.94 -17.72
C LEU B 762 -32.45 -13.29 -16.28
N ALA B 763 -31.37 -14.05 -16.08
CA ALA B 763 -30.85 -14.34 -14.76
C ALA B 763 -29.34 -14.21 -14.67
N LEU B 764 -28.63 -14.02 -15.78
CA LEU B 764 -27.18 -13.86 -15.79
C LEU B 764 -26.74 -12.43 -15.50
N PHE B 765 -27.68 -11.52 -15.29
CA PHE B 765 -27.39 -10.09 -15.15
C PHE B 765 -27.81 -9.64 -13.76
N SER B 766 -26.89 -9.02 -13.03
CA SER B 766 -27.12 -8.53 -11.69
C SER B 766 -26.87 -7.03 -11.64
N GLU B 767 -27.63 -6.34 -10.78
CA GLU B 767 -27.53 -4.89 -10.68
C GLU B 767 -26.21 -4.45 -10.06
N THR B 768 -25.69 -5.22 -9.09
CA THR B 768 -24.48 -4.80 -8.37
C THR B 768 -23.28 -4.74 -9.30
N ALA B 769 -23.13 -5.74 -10.17
CA ALA B 769 -22.03 -5.72 -11.12
C ALA B 769 -22.14 -4.54 -12.08
N TYR B 770 -23.37 -4.20 -12.48
CA TYR B 770 -23.58 -3.03 -13.30
C TYR B 770 -23.20 -1.76 -12.56
N GLU B 771 -23.52 -1.68 -11.26
CA GLU B 771 -23.10 -0.54 -10.46
C GLU B 771 -21.59 -0.41 -10.46
N GLU B 772 -20.90 -1.52 -10.22
CA GLU B 772 -19.44 -1.48 -10.16
C GLU B 772 -18.84 -1.05 -11.49
N ALA B 773 -19.34 -1.61 -12.59
CA ALA B 773 -18.82 -1.25 -13.91
C ALA B 773 -19.10 0.21 -14.25
N THR B 774 -20.31 0.69 -13.93
CA THR B 774 -20.65 2.08 -14.20
C THR B 774 -19.78 3.02 -13.39
N CYS B 775 -19.57 2.72 -12.11
CA CYS B 775 -18.71 3.57 -11.29
C CYS B 775 -17.25 3.48 -11.72
N ALA B 776 -16.84 2.39 -12.35
CA ALA B 776 -15.45 2.24 -12.75
C ALA B 776 -15.14 2.82 -14.13
N GLN B 777 -16.12 2.91 -15.02
CA GLN B 777 -15.85 3.29 -16.41
C GLN B 777 -16.66 4.46 -16.93
N ALA B 778 -17.84 4.75 -16.39
CA ALA B 778 -18.67 5.78 -16.97
C ALA B 778 -18.22 7.17 -16.52
N LEU B 779 -18.69 8.18 -17.26
CA LEU B 779 -18.32 9.58 -17.08
C LEU B 779 -19.56 10.45 -17.05
N PRO B 780 -19.50 11.62 -16.42
CA PRO B 780 -20.69 12.48 -16.34
C PRO B 780 -21.14 12.95 -17.73
N GLY B 781 -22.45 13.03 -17.90
CA GLY B 781 -23.05 13.45 -19.15
C GLY B 781 -24.36 14.16 -18.91
N VAL B 782 -25.25 14.12 -19.90
CA VAL B 782 -26.54 14.79 -19.84
C VAL B 782 -27.62 13.86 -20.38
N CYS B 783 -28.69 13.70 -19.61
CA CYS B 783 -29.86 12.94 -20.04
C CYS B 783 -31.10 13.69 -19.60
N GLU B 784 -31.88 14.19 -20.57
CA GLU B 784 -33.05 14.99 -20.29
C GLU B 784 -34.26 14.43 -21.02
N THR B 785 -35.38 14.36 -20.31
CA THR B 785 -36.64 13.85 -20.87
C THR B 785 -37.70 14.94 -20.82
N LYS B 786 -38.31 15.22 -21.97
CA LYS B 786 -39.39 16.18 -22.10
C LYS B 786 -40.62 15.48 -22.65
N THR B 787 -41.78 15.82 -22.10
CA THR B 787 -43.02 15.15 -22.44
C THR B 787 -44.11 16.18 -22.72
N ASN B 788 -45.23 15.71 -23.26
CA ASN B 788 -46.41 16.51 -23.55
C ASN B 788 -46.05 17.67 -24.49
N LEU B 789 -45.56 17.31 -25.66
CA LEU B 789 -45.12 18.27 -26.65
C LEU B 789 -45.77 18.00 -28.00
N THR B 790 -45.85 19.04 -28.82
CA THR B 790 -46.29 18.93 -30.20
C THR B 790 -45.08 18.82 -31.13
N THR B 791 -45.36 18.49 -32.39
CA THR B 791 -44.28 18.29 -33.36
C THR B 791 -43.47 19.56 -33.58
N GLU B 792 -44.15 20.71 -33.68
CA GLU B 792 -43.44 21.97 -33.88
C GLU B 792 -42.55 22.30 -32.69
N GLN B 793 -43.05 22.06 -31.47
CA GLN B 793 -42.23 22.29 -30.29
C GLN B 793 -41.00 21.40 -30.27
N ILE B 794 -41.17 20.13 -30.66
CA ILE B 794 -40.05 19.20 -30.71
C ILE B 794 -39.02 19.67 -31.73
N ALA B 795 -39.48 20.11 -32.90
CA ALA B 795 -38.57 20.60 -33.93
C ALA B 795 -37.82 21.84 -33.45
N ASN B 796 -38.52 22.75 -32.77
CA ASN B 796 -37.86 23.93 -32.22
C ASN B 796 -36.82 23.55 -31.17
N TYR B 797 -37.16 22.59 -30.31
CA TYR B 797 -36.22 22.12 -29.30
C TYR B 797 -34.97 21.54 -29.95
N VAL B 798 -35.15 20.71 -30.97
CA VAL B 798 -34.00 20.09 -31.64
C VAL B 798 -33.15 21.15 -32.32
N ALA B 799 -33.78 22.10 -33.02
CA ALA B 799 -33.03 23.13 -33.70
C ALA B 799 -32.25 23.99 -32.72
N ARG B 800 -32.89 24.38 -31.61
CA ARG B 800 -32.21 25.21 -30.61
C ARG B 800 -31.04 24.46 -29.98
N LYS B 801 -31.25 23.19 -29.63
CA LYS B 801 -30.17 22.42 -29.02
C LYS B 801 -29.01 22.23 -29.99
N CYS B 802 -29.30 21.92 -31.26
CA CYS B 802 -28.22 21.76 -32.23
C CYS B 802 -27.47 23.06 -32.45
N HIS B 803 -28.19 24.18 -32.53
CA HIS B 803 -27.53 25.47 -32.71
C HIS B 803 -26.64 25.80 -31.51
N SER B 804 -27.15 25.58 -30.29
CA SER B 804 -26.35 25.86 -29.10
C SER B 804 -25.13 24.97 -29.03
N LEU B 805 -25.27 23.69 -29.37
CA LEU B 805 -24.15 22.76 -29.35
C LEU B 805 -23.10 23.15 -30.39
N PHE B 806 -23.54 23.55 -31.58
CA PHE B 806 -22.60 23.99 -32.61
C PHE B 806 -21.88 25.26 -32.16
N GLN B 807 -22.59 26.15 -31.45
CA GLN B 807 -21.93 27.30 -30.86
C GLN B 807 -20.88 26.87 -29.85
N CYS B 808 -21.18 25.85 -29.04
CA CYS B 808 -20.22 25.34 -28.07
C CYS B 808 -19.02 24.67 -28.73
N GLY B 809 -19.11 24.31 -30.00
CA GLY B 809 -17.99 23.75 -30.71
C GLY B 809 -18.20 22.34 -31.22
N TYR B 810 -19.43 21.84 -31.14
CA TYR B 810 -19.73 20.50 -31.60
C TYR B 810 -19.67 20.43 -33.12
N LEU B 811 -19.93 19.24 -33.65
CA LEU B 811 -19.97 19.02 -35.09
C LEU B 811 -21.19 18.18 -35.42
N PRO B 812 -21.73 18.32 -36.64
CA PRO B 812 -22.94 17.56 -37.00
C PRO B 812 -22.75 16.05 -36.96
N LYS B 813 -21.52 15.56 -37.04
CA LYS B 813 -21.28 14.12 -37.04
C LYS B 813 -21.49 13.47 -35.69
N ASP B 814 -21.72 14.25 -34.63
CA ASP B 814 -21.96 13.71 -33.31
C ASP B 814 -23.44 13.65 -32.94
N ILE B 815 -24.33 14.06 -33.84
CA ILE B 815 -25.74 14.22 -33.53
C ILE B 815 -26.54 13.22 -34.35
N ALA B 816 -27.45 12.51 -33.67
CA ALA B 816 -28.33 11.55 -34.33
C ALA B 816 -29.75 11.74 -33.80
N ILE B 817 -30.68 12.04 -34.70
CA ILE B 817 -32.09 12.16 -34.36
C ILE B 817 -32.78 10.88 -34.80
N LEU B 818 -33.31 10.14 -33.84
CA LEU B 818 -33.88 8.82 -34.10
C LEU B 818 -35.35 8.82 -33.73
N CYS B 819 -36.19 8.40 -34.67
CA CYS B 819 -37.62 8.24 -34.46
C CYS B 819 -37.95 6.76 -34.32
N ARG B 820 -38.79 6.43 -33.36
CA ARG B 820 -39.20 5.05 -33.16
C ARG B 820 -39.85 4.48 -34.42
N ARG B 821 -40.97 5.06 -34.82
CA ARG B 821 -41.70 4.59 -35.99
C ARG B 821 -41.04 5.12 -37.25
N GLY B 822 -40.73 4.20 -38.18
CA GLY B 822 -40.13 4.61 -39.44
C GLY B 822 -41.01 5.51 -40.26
N GLU B 823 -42.33 5.29 -40.21
CA GLU B 823 -43.27 6.13 -40.95
C GLU B 823 -43.23 7.58 -40.48
N ASP B 824 -42.73 7.82 -39.27
CA ASP B 824 -42.58 9.18 -38.76
C ASP B 824 -41.37 9.90 -39.35
N ARG B 825 -40.53 9.20 -40.12
CA ARG B 825 -39.29 9.81 -40.59
C ARG B 825 -39.56 11.02 -41.48
N GLY B 826 -40.22 10.80 -42.62
CA GLY B 826 -40.37 11.86 -43.60
C GLY B 826 -41.01 13.11 -43.03
N ARG B 827 -42.12 12.92 -42.30
CA ARG B 827 -42.75 14.04 -41.62
C ARG B 827 -41.73 14.76 -40.72
N TYR B 828 -41.06 14.00 -39.86
CA TYR B 828 -40.10 14.60 -38.94
C TYR B 828 -38.95 15.25 -39.68
N ARG B 829 -38.75 14.93 -40.95
CA ARG B 829 -37.81 15.69 -41.75
C ARG B 829 -38.33 17.10 -42.00
N LEU B 830 -39.50 17.20 -42.64
CA LEU B 830 -40.00 18.51 -43.04
C LEU B 830 -40.24 19.40 -41.82
N ALA B 831 -40.92 18.85 -40.81
CA ALA B 831 -41.16 19.62 -39.59
C ALA B 831 -39.85 20.10 -38.97
N LEU B 832 -38.78 19.33 -39.11
CA LEU B 832 -37.48 19.80 -38.65
C LEU B 832 -36.95 20.90 -39.54
N LEU B 833 -37.01 20.70 -40.86
CA LEU B 833 -36.32 21.60 -41.78
C LEU B 833 -36.89 23.01 -41.73
N LYS B 834 -38.17 23.15 -41.40
CA LYS B 834 -38.73 24.48 -41.20
C LYS B 834 -38.12 25.13 -39.96
N ALA B 835 -38.12 24.41 -38.83
CA ALA B 835 -37.65 24.99 -37.58
C ALA B 835 -36.17 25.35 -37.67
N MET B 836 -35.38 24.52 -38.35
CA MET B 836 -33.98 24.86 -38.56
C MET B 836 -33.83 26.01 -39.54
N GLU B 837 -34.72 26.12 -40.53
CA GLU B 837 -34.61 27.22 -41.49
C GLU B 837 -35.01 28.55 -40.88
N LEU B 838 -35.68 28.52 -39.72
CA LEU B 838 -35.98 29.77 -39.01
C LEU B 838 -34.71 30.45 -38.52
N ILE B 839 -33.66 29.69 -38.27
CA ILE B 839 -32.42 30.22 -37.74
C ILE B 839 -31.37 30.37 -38.84
N VAL B 848 -28.39 19.50 -44.58
CA VAL B 848 -28.42 18.23 -45.27
C VAL B 848 -28.41 17.08 -44.28
N PHE B 849 -29.39 16.19 -44.38
CA PHE B 849 -29.54 15.05 -43.50
C PHE B 849 -29.01 13.78 -44.18
N SER B 850 -28.82 12.74 -43.37
CA SER B 850 -28.31 11.47 -43.85
C SER B 850 -29.13 10.33 -43.30
N PRO B 851 -29.24 9.22 -44.04
CA PRO B 851 -29.90 8.03 -43.49
C PRO B 851 -29.02 7.32 -42.47
N ALA B 852 -29.50 6.20 -41.93
CA ALA B 852 -28.72 5.46 -40.95
C ALA B 852 -27.39 4.97 -41.53
N THR B 853 -27.35 4.70 -42.83
CA THR B 853 -26.11 4.33 -43.50
C THR B 853 -25.33 5.57 -43.94
N GLY B 854 -25.15 6.49 -43.01
CA GLY B 854 -24.42 7.72 -43.27
C GLY B 854 -23.60 8.15 -42.06
N VAL B 855 -23.34 7.20 -41.15
CA VAL B 855 -22.61 7.52 -39.94
C VAL B 855 -21.20 7.99 -40.26
N TRP B 856 -20.53 7.32 -41.20
CA TRP B 856 -19.18 7.70 -41.58
C TRP B 856 -19.13 9.08 -42.23
N GLY B 857 -20.25 9.56 -42.77
CA GLY B 857 -20.28 10.87 -43.36
C GLY B 857 -20.40 11.97 -42.31
N SER B 858 -20.14 13.20 -42.75
CA SER B 858 -20.22 14.37 -41.87
C SER B 858 -21.58 15.04 -41.98
N HIS B 859 -22.61 14.30 -41.58
CA HIS B 859 -23.98 14.78 -41.67
C HIS B 859 -24.77 14.28 -40.47
N ILE B 860 -25.85 14.99 -40.17
CA ILE B 860 -26.74 14.62 -39.08
C ILE B 860 -27.69 13.54 -39.59
N VAL B 861 -27.66 12.36 -38.96
CA VAL B 861 -28.49 11.26 -39.41
C VAL B 861 -29.87 11.38 -38.80
N LEU B 862 -30.90 11.29 -39.64
CA LEU B 862 -32.29 11.25 -39.21
C LEU B 862 -32.89 9.95 -39.74
N ASP B 863 -32.94 8.94 -38.89
CA ASP B 863 -33.48 7.64 -39.28
C ASP B 863 -34.09 7.00 -38.04
N SER B 864 -34.35 5.71 -38.12
CA SER B 864 -34.98 4.97 -37.03
C SER B 864 -33.95 4.19 -36.24
N ILE B 865 -34.31 3.88 -34.99
CA ILE B 865 -33.45 3.06 -34.15
C ILE B 865 -33.33 1.65 -34.71
N GLN B 866 -34.35 1.19 -35.43
CA GLN B 866 -34.28 -0.14 -36.06
C GLN B 866 -33.15 -0.19 -37.08
N GLN B 867 -33.01 0.87 -37.88
CA GLN B 867 -31.95 0.92 -38.87
C GLN B 867 -30.64 1.48 -38.31
N PHE B 868 -30.66 2.05 -37.11
CA PHE B 868 -29.47 2.52 -36.42
C PHE B 868 -28.99 1.53 -35.35
N SER B 869 -29.60 0.35 -35.28
CA SER B 869 -29.21 -0.62 -34.26
C SER B 869 -27.81 -1.13 -34.52
N GLY B 870 -26.97 -1.10 -33.48
CA GLY B 870 -25.60 -1.53 -33.56
C GLY B 870 -24.59 -0.39 -33.65
N LEU B 871 -25.03 0.81 -33.97
CA LEU B 871 -24.14 1.96 -34.08
C LEU B 871 -24.43 2.96 -32.96
N GLU B 872 -23.51 3.88 -32.76
CA GLU B 872 -23.56 4.82 -31.63
C GLU B 872 -23.20 6.22 -32.08
N ARG B 873 -23.70 7.20 -31.34
CA ARG B 873 -23.37 8.60 -31.54
C ARG B 873 -23.25 9.27 -30.18
N THR B 874 -22.56 10.42 -30.15
CA THR B 874 -22.36 11.13 -28.90
C THR B 874 -23.66 11.75 -28.38
N VAL B 875 -24.40 12.42 -29.26
CA VAL B 875 -25.66 13.08 -28.91
C VAL B 875 -26.79 12.39 -29.66
N VAL B 876 -27.81 11.97 -28.92
CA VAL B 876 -28.97 11.30 -29.49
C VAL B 876 -30.23 12.03 -29.06
N PHE B 877 -31.05 12.43 -30.04
CA PHE B 877 -32.40 12.94 -29.81
C PHE B 877 -33.38 11.82 -30.13
N GLY B 878 -34.00 11.26 -29.10
CA GLY B 878 -34.99 10.22 -29.31
C GLY B 878 -36.40 10.77 -29.35
N LEU B 879 -36.99 10.83 -30.54
CA LEU B 879 -38.35 11.33 -30.72
C LEU B 879 -39.30 10.15 -30.73
N SER B 880 -40.26 10.14 -29.81
CA SER B 880 -41.18 9.04 -29.67
C SER B 880 -42.60 9.54 -29.46
N PRO B 881 -43.60 8.85 -29.99
CA PRO B 881 -44.98 9.18 -29.66
C PRO B 881 -45.29 8.82 -28.21
N GLU B 882 -46.24 9.56 -27.63
CA GLU B 882 -46.63 9.32 -26.25
C GLU B 882 -47.37 7.99 -26.11
N GLU B 888 -44.13 0.75 -21.91
CA GLU B 888 -43.00 1.11 -22.76
C GLU B 888 -41.68 0.61 -22.16
N PHE B 889 -40.93 -0.14 -22.96
CA PHE B 889 -39.66 -0.71 -22.52
C PHE B 889 -38.53 -0.46 -23.51
N HIS B 890 -38.71 0.45 -24.46
CA HIS B 890 -37.79 0.60 -25.57
C HIS B 890 -36.85 1.81 -25.41
N LYS B 891 -36.75 2.36 -24.20
CA LYS B 891 -35.76 3.39 -23.95
C LYS B 891 -34.34 2.84 -23.96
N LEU B 892 -34.19 1.52 -23.79
CA LEU B 892 -32.86 0.92 -23.76
C LEU B 892 -32.14 1.08 -25.10
N CYS B 893 -32.86 0.96 -26.21
CA CYS B 893 -32.23 1.16 -27.51
C CYS B 893 -31.69 2.58 -27.63
N PHE B 894 -32.52 3.57 -27.30
CA PHE B 894 -32.10 4.96 -27.37
C PHE B 894 -30.88 5.21 -26.48
N ALA B 895 -30.89 4.67 -25.26
CA ALA B 895 -29.75 4.84 -24.37
C ALA B 895 -28.51 4.15 -24.92
N SER B 896 -28.69 3.03 -25.63
CA SER B 896 -27.54 2.29 -26.15
C SER B 896 -26.91 2.99 -27.34
N ARG B 897 -27.70 3.67 -28.17
CA ARG B 897 -27.09 4.39 -29.29
C ARG B 897 -26.45 5.70 -28.86
N ALA B 898 -26.54 6.08 -27.60
CA ALA B 898 -26.01 7.35 -27.12
C ALA B 898 -24.78 7.12 -26.25
N ILE B 899 -23.82 8.05 -26.34
CA ILE B 899 -22.61 7.98 -25.54
C ILE B 899 -22.71 8.96 -24.38
N LYS B 900 -22.93 10.24 -24.69
CA LYS B 900 -22.85 11.30 -23.69
C LYS B 900 -24.17 12.04 -23.50
N HIS B 901 -24.82 12.47 -24.58
CA HIS B 901 -26.02 13.30 -24.48
C HIS B 901 -27.23 12.52 -24.97
N LEU B 902 -28.27 12.48 -24.14
CA LEU B 902 -29.53 11.84 -24.50
C LEU B 902 -30.67 12.81 -24.23
N TYR B 903 -31.50 13.05 -25.24
CA TYR B 903 -32.65 13.93 -25.12
C TYR B 903 -33.88 13.18 -25.62
N LEU B 904 -34.71 12.70 -24.71
CA LEU B 904 -35.89 11.92 -25.05
C LEU B 904 -37.10 12.85 -25.08
N LEU B 905 -37.61 13.12 -26.28
CA LEU B 905 -38.75 14.00 -26.47
C LEU B 905 -39.97 13.18 -26.86
N TYR B 906 -41.06 13.35 -26.12
CA TYR B 906 -42.26 12.58 -26.36
C TYR B 906 -43.35 13.43 -27.01
ZN ZN E . 23.32 10.79 -8.45
MG MG F . 22.64 31.31 9.22
MG MG G . 26.63 32.51 8.64
ZN ZN H . -12.81 5.41 24.50
MG MG I . 9.07 16.56 35.61
#